data_7QIV
#
_entry.id   7QIV
#
_cell.length_a   255.310
_cell.length_b   64.880
_cell.length_c   144.720
_cell.angle_alpha   90.000
_cell.angle_beta   90.000
_cell.angle_gamma   90.000
#
_symmetry.space_group_name_H-M   'P 21 21 2'
#
loop_
_entity.id
_entity.type
_entity.pdbx_description
1 polymer 'Complement C3 beta chain'
2 polymer "Complement C3b alpha' chain"
3 polymer 'Nanobody EWE'
4 non-polymer 2-acetamido-2-deoxy-beta-D-glucopyranose
#
loop_
_entity_poly.entity_id
_entity_poly.type
_entity_poly.pdbx_seq_one_letter_code
_entity_poly.pdbx_strand_id
1 'polypeptide(L)'
;SPMYSIITPNILRLESEETMVLEAHDAQGDVPVTVTVHDFPGKKLVLSSEKTVLTPATNHMGNVTFTIPANREFKSEKGR
NKFVTVQATFGTQVVEKVVLVSLQSGYLFIQTDKTIYTPGSTVLYRIFTVNHKLLPVGRTVMVNIENPEGIPVKQDSLSS
QNQLGVLPLSWDIPELVNMGQWKIRAYYENSPQQVFSTEFEVKEYVLPSFEVIVEPTEKFYYIYNEKGLEVTITARFLYG
KKVEGTAFVIFGIQDGEQRISLPESLKRIPIEDGSGEVVLSRKVLLDGVQNPRAEDLVGKSLYVSATVILHSGSDMVQAE
RSGIPIVTSPYQIHFTKTPKYFKPGMPFDLMVFVTNPDGSPAYRVPVAVQGEDTVQSLTQGDGVAKLSINTHPSQKPLSI
TVRTKKQELSEAEQATRTMQALPYSTVGNSNNYLHLSVLRTELRPGETLNVNFLLRMDRAHEAKIRYYTYLIMNKGRLLK
AGRQVREPGQDLVVLPLSITTDFIPSFRLVAYYTLIGASGQREVVADSVWVDVKDSCVGSLVVKSGQSEDRQPVPGQQMT
LKIEGDHGARVVLVAVDKGVFVLNKKNKLTQSKIWDVVEKADIGCTPGSGKDYAGVFSDAGLTFTSSSGQQTAQRAELQC
PQPAA
;
A
2 'polypeptide(L)'
;SNLDEDIIAEENIVSRSEFPESWLWNVEDLKEPPKNGISTKLMNIFLKDSITTWEILAVSMSDKKGICVADPFEVTVMQD
FFIDLRLPYSVVRNEQVEIRAVLYNYRQNQELKVRVELLHNPAFCSLATTKRRHQQTVTIPPKSSLSVPYVIVPLKTGLQ
EVEVKAAVYHHFISDGVRKSLKVVPEGIRMNKTVAVRTLDPERLGREGVQKEDIPPADLSDQVPDTESETRILLQGTPVA
QMTEDAVDAERLKHLIVTPSGCGEENMIGMTPTVIAVHYLDETEQWEKFGLEKRQGALELIKKGYTQQLAFRQPSSAFAA
FVKRAPSTWLTAYVVKVFSLAVNLIAIDSQVLCGAVKWLILEKQKPDGVFQEDAPVIHQEMIGGLRNNNEKDMALTAFVL
ISLQEAKDICEEQVNSLPGSITKAGDFLEANYMNLQRSYTVAIAGYALAQMGRLKGPLLNKFLTTAKDKNRWEDPGKQLY
NVEATSYALLALLQLKDFDFVPPVVRWLNEQRYYGGGYGSTQATFMVFQALAQYQKDAPDHQELNLDVSLQLPSRSSKIT
HRIHWESASLLRSEETKENEGFTVTAEGKGQGTLSVVTMYHAKAKDQLTCNKFDLKVTIKPAPETEKRPQDAKNTMILEI
CTRYRGDQDATMSILDISMMTGFAPDTDDLKQLANGVDRYISKYELDKAFSDRNTLIIYLDKVSHSEDDCLAFKVHQYFN
VELIQPGAVKVYAYYNLEESCTRFYHPEKEDGKLNKLCRDELCRCAEENCFIQKSDDKVTLEERLDKACEPGVDYVYKTR
LVKVQLSNDFDEYIMAIEQTIKSGSDEVQVGQQRTFISPIKCREALKLEEKKHYLMWGLSSDFWGEKPNLSYIIGKDTWV
EHWPEEDECQDEENQKQCQDLGAFTESMVVFGCPN
;
B
3 'polypeptide(L)'
;MEWEQVQLVETGGGLVQAGGSLRLSCAASGSIFSINAMGWFRQAPGKEREFVATINRSGGRTYYADSVKGRFTISRDNGK
NMVYLQMHSLKPEDTAIYYCAAGTGWSPQTDNEYNYWGQGTQVTVSSHHHHHH
;
C
#
loop_
_chem_comp.id
_chem_comp.type
_chem_comp.name
_chem_comp.formula
NAG D-saccharide, beta linking 2-acetamido-2-deoxy-beta-D-glucopyranose 'C8 H15 N O6'
#
# COMPACT_ATOMS: atom_id res chain seq x y z
N SER A 1 34.27 49.38 5.80
CA SER A 1 34.43 48.18 6.61
C SER A 1 33.86 46.97 5.89
N PRO A 2 34.55 45.83 5.96
CA PRO A 2 34.07 44.64 5.27
C PRO A 2 32.93 43.95 6.02
N MET A 3 31.97 43.46 5.26
CA MET A 3 30.86 42.69 5.78
C MET A 3 30.95 41.27 5.25
N TYR A 4 31.00 40.30 6.16
CA TYR A 4 31.05 38.89 5.81
C TYR A 4 29.65 38.29 5.95
N SER A 5 29.16 37.67 4.89
CA SER A 5 27.80 37.14 4.87
C SER A 5 27.82 35.63 4.61
N ILE A 6 26.89 34.92 5.24
CA ILE A 6 26.70 33.49 5.03
C ILE A 6 25.24 33.21 4.67
N ILE A 7 25.03 32.22 3.80
CA ILE A 7 23.69 31.82 3.37
C ILE A 7 23.63 30.29 3.40
N THR A 8 22.67 29.76 4.15
CA THR A 8 22.35 28.34 4.24
C THR A 8 20.86 28.20 3.96
N PRO A 9 20.37 26.99 3.66
CA PRO A 9 18.92 26.78 3.64
C PRO A 9 18.29 26.98 5.01
N ASN A 10 16.98 27.30 4.98
CA ASN A 10 16.20 27.47 6.21
C ASN A 10 16.14 26.19 7.03
N ILE A 11 16.07 25.05 6.35
CA ILE A 11 15.93 23.75 6.99
C ILE A 11 17.05 22.86 6.49
N LEU A 12 17.78 22.25 7.43
CA LEU A 12 18.84 21.31 7.09
C LEU A 12 18.36 19.87 7.26
N ARG A 13 18.93 18.97 6.47
CA ARG A 13 18.48 17.58 6.40
C ARG A 13 19.62 16.65 6.82
N LEU A 14 19.23 15.49 7.35
CA LEU A 14 20.20 14.51 7.82
C LEU A 14 20.68 13.66 6.66
N GLU A 15 22.00 13.39 6.65
CA GLU A 15 22.72 12.61 5.63
C GLU A 15 22.60 13.22 4.23
N SER A 16 22.21 14.48 4.13
CA SER A 16 22.06 15.17 2.85
C SER A 16 23.14 16.24 2.74
N GLU A 17 23.75 16.32 1.57
CA GLU A 17 24.79 17.32 1.33
C GLU A 17 24.13 18.69 1.16
N GLU A 18 24.24 19.53 2.18
CA GLU A 18 23.78 20.90 2.11
C GLU A 18 24.95 21.81 1.73
N THR A 19 24.63 22.93 1.09
CA THR A 19 25.63 23.88 0.63
C THR A 19 25.52 25.17 1.44
N MET A 20 26.66 25.80 1.70
CA MET A 20 26.74 27.06 2.43
C MET A 20 27.69 27.99 1.71
N VAL A 21 27.17 29.09 1.18
CA VAL A 21 27.98 30.00 0.37
C VAL A 21 28.51 31.13 1.25
N LEU A 22 29.81 31.40 1.14
CA LEU A 22 30.51 32.37 1.97
C LEU A 22 30.96 33.55 1.12
N GLU A 23 30.65 34.76 1.57
CA GLU A 23 31.00 35.97 0.85
C GLU A 23 31.73 36.95 1.77
N ALA A 24 32.64 37.71 1.17
CA ALA A 24 33.38 38.77 1.86
C ALA A 24 33.22 40.05 1.04
N HIS A 25 32.21 40.84 1.38
CA HIS A 25 31.94 42.07 0.65
C HIS A 25 32.88 43.18 1.08
N ASP A 26 33.37 43.94 0.10
CA ASP A 26 34.21 45.14 0.28
C ASP A 26 35.48 44.82 1.08
N ALA A 27 36.23 43.83 0.60
CA ALA A 27 37.44 43.38 1.27
C ALA A 27 38.54 43.17 0.25
N GLN A 28 39.77 43.28 0.71
CA GLN A 28 40.95 43.04 -0.11
C GLN A 28 41.82 41.97 0.56
N GLY A 29 42.52 41.20 -0.27
CA GLY A 29 43.35 40.13 0.23
C GLY A 29 42.58 38.85 0.48
N ASP A 30 43.32 37.80 0.84
CA ASP A 30 42.73 36.50 1.10
C ASP A 30 42.01 36.48 2.44
N VAL A 31 40.87 35.78 2.47
CA VAL A 31 40.08 35.63 3.68
C VAL A 31 39.95 34.16 4.03
N PRO A 32 40.65 33.66 5.05
CA PRO A 32 40.49 32.26 5.45
C PRO A 32 39.21 32.06 6.24
N VAL A 33 38.42 31.05 5.85
CA VAL A 33 37.15 30.75 6.49
C VAL A 33 37.19 29.33 7.04
N THR A 34 36.78 29.18 8.30
CA THR A 34 36.63 27.88 8.94
C THR A 34 35.17 27.72 9.34
N VAL A 35 34.48 26.81 8.66
CA VAL A 35 33.05 26.57 8.86
C VAL A 35 32.91 25.38 9.79
N THR A 36 32.21 25.56 10.91
CA THR A 36 31.93 24.47 11.84
C THR A 36 30.43 24.37 12.07
N VAL A 37 29.96 23.13 12.25
CA VAL A 37 28.57 22.85 12.55
C VAL A 37 28.51 22.14 13.89
N HIS A 38 27.89 22.76 14.87
CA HIS A 38 27.73 22.18 16.21
C HIS A 38 26.26 21.87 16.47
N ASP A 39 26.00 21.24 17.60
CA ASP A 39 24.63 20.94 18.02
C ASP A 39 24.00 22.19 18.64
N PHE A 40 22.84 22.01 19.29
CA PHE A 40 22.11 23.06 19.97
C PHE A 40 21.18 22.42 20.98
N PRO A 41 21.03 22.98 22.21
CA PRO A 41 21.59 24.22 22.77
C PRO A 41 23.05 24.15 23.19
N GLY A 42 23.64 22.96 23.17
CA GLY A 42 25.05 22.82 23.48
C GLY A 42 25.92 23.24 22.31
N LYS A 43 27.23 23.14 22.53
CA LYS A 43 28.21 23.33 21.47
C LYS A 43 29.33 22.31 21.57
N LYS A 44 29.10 21.18 22.23
CA LYS A 44 30.16 20.22 22.52
C LYS A 44 30.55 19.42 21.29
N LEU A 45 29.57 18.96 20.52
CA LEU A 45 29.84 18.10 19.37
C LEU A 45 30.20 18.93 18.15
N VAL A 46 31.12 18.41 17.35
CA VAL A 46 31.52 19.01 16.07
C VAL A 46 30.97 18.09 14.98
N LEU A 47 29.87 18.50 14.36
CA LEU A 47 29.22 17.65 13.37
C LEU A 47 29.93 17.70 12.02
N SER A 48 30.45 18.86 11.66
CA SER A 48 31.21 19.02 10.43
C SER A 48 32.19 20.17 10.59
N SER A 49 33.33 20.07 9.90
CA SER A 49 34.33 21.13 9.95
C SER A 49 35.08 21.11 8.63
N GLU A 50 34.77 22.08 7.76
CA GLU A 50 35.48 22.26 6.50
C GLU A 50 36.15 23.63 6.49
N LYS A 51 37.20 23.74 5.69
CA LYS A 51 37.95 24.98 5.55
C LYS A 51 38.02 25.38 4.08
N THR A 52 38.09 26.69 3.85
CA THR A 52 38.24 27.26 2.51
C THR A 52 38.81 28.66 2.66
N VAL A 53 39.22 29.23 1.53
CA VAL A 53 39.76 30.58 1.46
C VAL A 53 39.03 31.34 0.37
N LEU A 54 38.53 32.53 0.70
CA LEU A 54 37.88 33.41 -0.29
C LEU A 54 38.94 34.33 -0.90
N THR A 55 39.44 33.94 -2.08
CA THR A 55 40.46 34.73 -2.76
C THR A 55 39.84 35.91 -3.50
N PRO A 56 40.59 37.01 -3.69
CA PRO A 56 40.06 38.11 -4.51
C PRO A 56 39.97 37.82 -6.00
N ALA A 57 40.54 36.71 -6.47
CA ALA A 57 40.40 36.32 -7.87
C ALA A 57 38.97 35.87 -8.17
N THR A 58 38.33 35.19 -7.22
CA THR A 58 36.93 34.78 -7.34
C THR A 58 35.96 35.82 -6.79
N ASN A 59 36.43 37.06 -6.57
CA ASN A 59 35.67 38.18 -6.00
C ASN A 59 35.08 37.85 -4.63
N HIS A 60 35.82 37.05 -3.86
CA HIS A 60 35.47 36.60 -2.51
C HIS A 60 34.12 35.87 -2.49
N MET A 61 34.03 34.83 -3.32
CA MET A 61 32.79 34.08 -3.51
C MET A 61 33.16 32.59 -3.53
N GLY A 62 32.79 31.87 -2.48
CA GLY A 62 33.07 30.45 -2.40
C GLY A 62 32.02 29.75 -1.58
N ASN A 63 32.03 28.42 -1.64
CA ASN A 63 31.05 27.62 -0.94
C ASN A 63 31.76 26.55 -0.11
N VAL A 64 30.99 25.96 0.81
CA VAL A 64 31.45 24.85 1.64
C VAL A 64 30.29 23.86 1.74
N THR A 65 30.54 22.60 1.37
CA THR A 65 29.54 21.56 1.42
C THR A 65 29.79 20.69 2.65
N PHE A 66 28.78 20.58 3.49
CA PHE A 66 28.83 19.78 4.70
C PHE A 66 27.69 18.75 4.67
N THR A 67 27.70 17.87 5.66
CA THR A 67 26.66 16.85 5.79
C THR A 67 26.43 16.59 7.27
N ILE A 68 25.19 16.82 7.73
CA ILE A 68 24.84 16.56 9.12
C ILE A 68 24.69 15.05 9.31
N PRO A 69 25.49 14.43 10.19
CA PRO A 69 25.37 12.99 10.42
C PRO A 69 24.10 12.66 11.19
N ALA A 70 23.65 11.43 11.03
CA ALA A 70 22.36 10.99 11.56
C ALA A 70 22.55 10.09 12.77
N ASN A 71 23.16 10.69 13.80
CA ASN A 71 23.32 9.99 15.08
C ASN A 71 21.97 9.81 15.78
N ARG A 72 21.04 10.72 15.56
CA ARG A 72 19.71 10.62 16.15
C ARG A 72 18.75 9.86 15.24
N LYS A 78 12.21 13.81 20.28
CA LYS A 78 10.99 13.38 20.95
C LYS A 78 9.76 13.77 20.11
N GLY A 79 9.27 14.99 20.33
CA GLY A 79 8.16 15.51 19.57
C GLY A 79 8.32 16.99 19.28
N ARG A 80 9.52 17.51 19.53
CA ARG A 80 9.83 18.92 19.34
C ARG A 80 10.99 19.07 18.36
N ASN A 81 11.23 20.32 17.96
CA ASN A 81 12.20 20.61 16.92
C ASN A 81 13.63 20.50 17.46
N LYS A 82 14.56 20.21 16.54
CA LYS A 82 15.98 20.17 16.85
C LYS A 82 16.70 21.18 15.97
N PHE A 83 17.78 21.73 16.50
CA PHE A 83 18.51 22.80 15.84
C PHE A 83 20.00 22.50 15.86
N VAL A 84 20.74 23.20 14.99
CA VAL A 84 22.19 23.13 14.96
C VAL A 84 22.73 24.55 14.93
N THR A 85 24.00 24.68 15.34
CA THR A 85 24.70 25.95 15.29
C THR A 85 25.64 25.94 14.09
N VAL A 86 25.29 26.71 13.07
CA VAL A 86 26.14 26.88 11.90
C VAL A 86 27.01 28.11 12.13
N GLN A 87 28.33 27.92 12.06
CA GLN A 87 29.28 28.97 12.46
C GLN A 87 30.44 29.01 11.49
N ALA A 88 30.67 30.17 10.88
CA ALA A 88 31.79 30.39 9.98
C ALA A 88 32.62 31.54 10.50
N THR A 89 33.90 31.29 10.73
CA THR A 89 34.82 32.29 11.30
C THR A 89 35.69 32.84 10.19
N PHE A 90 35.34 34.03 9.70
CA PHE A 90 36.11 34.71 8.66
C PHE A 90 37.28 35.41 9.34
N GLY A 91 38.46 34.80 9.27
CA GLY A 91 39.63 35.33 9.94
C GLY A 91 39.47 35.27 11.45
N THR A 92 39.10 36.41 12.05
CA THR A 92 38.76 36.46 13.46
C THR A 92 37.32 36.84 13.73
N GLN A 93 36.56 37.28 12.72
CA GLN A 93 35.15 37.62 12.90
C GLN A 93 34.29 36.37 12.80
N VAL A 94 33.45 36.16 13.80
CA VAL A 94 32.57 34.99 13.86
C VAL A 94 31.17 35.41 13.44
N VAL A 95 30.61 34.71 12.47
CA VAL A 95 29.24 34.92 11.99
C VAL A 95 28.51 33.60 12.14
N GLU A 96 27.51 33.57 13.03
CA GLU A 96 26.81 32.32 13.34
C GLU A 96 25.30 32.51 13.28
N LYS A 97 24.61 31.40 13.01
CA LYS A 97 23.16 31.38 12.87
C LYS A 97 22.63 30.04 13.34
N VAL A 98 21.58 30.07 14.14
CA VAL A 98 20.89 28.85 14.56
C VAL A 98 19.86 28.48 13.50
N VAL A 99 19.95 27.24 12.99
CA VAL A 99 19.17 26.79 11.83
C VAL A 99 18.33 25.60 12.24
N LEU A 100 17.06 25.62 11.82
CA LEU A 100 16.15 24.50 12.06
C LEU A 100 16.56 23.28 11.22
N VAL A 101 16.38 22.08 11.78
CA VAL A 101 16.76 20.82 11.16
C VAL A 101 15.56 19.91 11.10
N SER A 102 15.28 19.35 9.92
CA SER A 102 14.25 18.32 9.77
C SER A 102 14.88 16.93 9.79
N LEU A 103 14.19 16.00 10.42
CA LEU A 103 14.67 14.62 10.55
C LEU A 103 14.12 13.80 9.36
N GLN A 104 14.67 14.10 8.19
CA GLN A 104 14.36 13.38 6.96
C GLN A 104 15.66 12.95 6.30
N SER A 105 15.76 11.66 5.99
CA SER A 105 16.91 11.13 5.28
C SER A 105 16.71 11.10 3.76
N GLY A 106 15.49 11.25 3.29
CA GLY A 106 15.17 11.18 1.89
C GLY A 106 13.71 10.78 1.70
N TYR A 107 13.45 10.07 0.60
CA TYR A 107 12.11 9.60 0.28
C TYR A 107 12.11 8.09 0.13
N LEU A 108 10.95 7.50 0.36
CA LEU A 108 10.69 6.10 0.06
C LEU A 108 9.41 6.02 -0.75
N PHE A 109 9.45 5.27 -1.84
CA PHE A 109 8.28 5.03 -2.67
C PHE A 109 8.04 3.53 -2.71
N ILE A 110 6.80 3.13 -2.47
CA ILE A 110 6.42 1.73 -2.37
C ILE A 110 5.50 1.42 -3.52
N GLN A 111 5.83 0.36 -4.26
CA GLN A 111 5.02 -0.14 -5.36
C GLN A 111 4.56 -1.54 -5.01
N THR A 112 3.27 -1.80 -5.14
CA THR A 112 2.77 -3.17 -5.08
C THR A 112 2.42 -3.61 -6.48
N ASP A 113 2.50 -4.93 -6.72
CA ASP A 113 2.22 -5.45 -8.06
C ASP A 113 0.75 -5.24 -8.44
N LYS A 114 -0.15 -5.41 -7.47
CA LYS A 114 -1.57 -5.20 -7.70
C LYS A 114 -2.11 -4.22 -6.68
N THR A 115 -3.30 -3.72 -6.97
CA THR A 115 -4.02 -2.84 -6.06
C THR A 115 -4.98 -3.60 -5.16
N ILE A 116 -5.27 -4.86 -5.45
CA ILE A 116 -6.21 -5.65 -4.67
C ILE A 116 -5.73 -7.10 -4.68
N TYR A 117 -6.01 -7.84 -3.61
CA TYR A 117 -5.51 -9.20 -3.42
C TYR A 117 -6.56 -10.06 -2.72
N THR A 118 -6.60 -11.37 -3.09
CA THR A 118 -7.42 -12.32 -2.35
C THR A 118 -6.63 -12.88 -1.17
N PRO A 119 -7.30 -13.41 -0.15
CA PRO A 119 -6.60 -14.23 0.84
C PRO A 119 -6.01 -15.48 0.17
N GLY A 120 -4.77 -15.79 0.52
CA GLY A 120 -4.06 -16.89 -0.07
C GLY A 120 -3.06 -16.47 -1.14
N SER A 121 -3.18 -15.26 -1.66
CA SER A 121 -2.28 -14.76 -2.69
C SER A 121 -1.08 -14.05 -2.08
N THR A 122 -0.12 -13.69 -2.93
CA THR A 122 1.17 -13.14 -2.52
C THR A 122 1.27 -11.68 -2.91
N VAL A 123 1.59 -10.81 -1.95
CA VAL A 123 1.84 -9.41 -2.22
C VAL A 123 3.29 -9.25 -2.63
N LEU A 124 3.53 -9.02 -3.91
CA LEU A 124 4.86 -8.66 -4.41
C LEU A 124 5.00 -7.14 -4.33
N TYR A 125 6.05 -6.68 -3.65
CA TYR A 125 6.18 -5.24 -3.48
C TYR A 125 7.65 -4.84 -3.46
N ARG A 126 7.92 -3.67 -4.04
CA ARG A 126 9.25 -3.11 -4.10
C ARG A 126 9.27 -1.77 -3.37
N ILE A 127 10.43 -1.42 -2.84
CA ILE A 127 10.62 -0.16 -2.12
C ILE A 127 11.83 0.54 -2.71
N PHE A 128 11.64 1.79 -3.14
CA PHE A 128 12.69 2.55 -3.79
C PHE A 128 13.26 3.56 -2.80
N THR A 129 14.57 3.45 -2.54
CA THR A 129 15.24 4.27 -1.54
C THR A 129 16.05 5.36 -2.26
N VAL A 130 15.53 6.58 -2.23
CA VAL A 130 16.20 7.73 -2.83
C VAL A 130 16.37 8.81 -1.77
N ASN A 131 17.25 9.77 -2.06
CA ASN A 131 17.45 10.91 -1.19
C ASN A 131 16.61 12.09 -1.68
N HIS A 132 16.95 13.30 -1.24
CA HIS A 132 16.17 14.48 -1.57
C HIS A 132 16.38 14.96 -3.00
N LYS A 133 17.41 14.46 -3.69
CA LYS A 133 17.63 14.71 -5.11
C LYS A 133 17.07 13.59 -5.99
N LEU A 134 16.27 12.68 -5.40
CA LEU A 134 15.68 11.49 -6.03
C LEU A 134 16.73 10.50 -6.54
N LEU A 135 17.98 10.62 -6.11
CA LEU A 135 19.02 9.70 -6.53
C LEU A 135 19.11 8.52 -5.55
N PRO A 136 19.40 7.31 -6.03
CA PRO A 136 19.38 6.14 -5.16
C PRO A 136 20.50 6.15 -4.14
N VAL A 137 20.20 5.65 -2.95
CA VAL A 137 21.12 5.68 -1.83
C VAL A 137 21.18 4.30 -1.18
N GLY A 138 22.23 4.09 -0.40
CA GLY A 138 22.36 2.88 0.38
C GLY A 138 22.12 3.15 1.85
N ARG A 139 20.90 2.89 2.32
CA ARG A 139 20.51 3.10 3.70
C ARG A 139 19.80 1.86 4.24
N THR A 140 19.67 1.81 5.56
CA THR A 140 18.91 0.76 6.24
C THR A 140 17.45 1.20 6.38
N VAL A 141 16.54 0.37 5.89
CA VAL A 141 15.13 0.70 5.79
C VAL A 141 14.33 -0.32 6.59
N MET A 142 13.44 0.16 7.47
CA MET A 142 12.51 -0.66 8.22
C MET A 142 11.17 -0.69 7.49
N VAL A 143 10.63 -1.90 7.28
CA VAL A 143 9.40 -2.11 6.53
C VAL A 143 8.41 -2.87 7.39
N ASN A 144 7.16 -2.42 7.41
CA ASN A 144 6.09 -3.07 8.14
C ASN A 144 4.90 -3.32 7.21
N ILE A 145 4.21 -4.44 7.43
CA ILE A 145 2.92 -4.73 6.81
C ILE A 145 1.91 -4.90 7.93
N GLU A 146 0.89 -4.03 7.95
CA GLU A 146 -0.09 -4.11 9.03
C GLU A 146 -1.49 -4.32 8.46
N ASN A 147 -2.33 -4.95 9.28
CA ASN A 147 -3.71 -5.31 8.94
C ASN A 147 -4.58 -4.07 9.12
N PRO A 148 -5.89 -4.13 8.80
CA PRO A 148 -6.76 -2.98 9.10
C PRO A 148 -6.86 -2.61 10.57
N GLU A 149 -6.57 -3.54 11.48
CA GLU A 149 -6.54 -3.25 12.91
C GLU A 149 -5.25 -2.57 13.35
N GLY A 150 -4.31 -2.34 12.43
CA GLY A 150 -3.05 -1.69 12.76
C GLY A 150 -1.98 -2.60 13.33
N ILE A 151 -2.24 -3.90 13.43
CA ILE A 151 -1.29 -4.87 13.98
C ILE A 151 -0.30 -5.26 12.90
N PRO A 152 1.00 -4.98 13.07
CA PRO A 152 2.00 -5.37 12.05
C PRO A 152 2.20 -6.88 12.02
N VAL A 153 1.85 -7.49 10.90
CA VAL A 153 1.94 -8.94 10.75
C VAL A 153 3.28 -9.40 10.17
N LYS A 154 4.02 -8.52 9.49
CA LYS A 154 5.36 -8.82 9.02
C LYS A 154 6.23 -7.57 9.15
N GLN A 155 7.44 -7.74 9.68
CA GLN A 155 8.40 -6.66 9.85
C GLN A 155 9.74 -7.08 9.26
N ASP A 156 10.33 -6.21 8.45
CA ASP A 156 11.60 -6.47 7.80
C ASP A 156 12.58 -5.35 8.10
N SER A 157 13.85 -5.61 7.82
CA SER A 157 14.91 -4.62 8.01
C SER A 157 15.99 -4.93 6.98
N LEU A 158 16.01 -4.15 5.90
CA LEU A 158 16.86 -4.43 4.76
C LEU A 158 17.97 -3.40 4.64
N SER A 159 19.00 -3.77 3.90
CA SER A 159 20.09 -2.87 3.54
C SER A 159 20.05 -2.68 2.03
N SER A 160 19.78 -1.46 1.60
CA SER A 160 19.76 -1.13 0.18
C SER A 160 21.12 -0.78 -0.38
N GLN A 161 22.19 -1.05 0.37
CA GLN A 161 23.54 -0.78 -0.11
C GLN A 161 23.89 -1.77 -1.23
N ASN A 162 24.45 -1.24 -2.32
CA ASN A 162 24.76 -1.93 -3.57
C ASN A 162 23.55 -2.62 -4.19
N GLN A 163 22.35 -2.13 -3.91
CA GLN A 163 21.12 -2.66 -4.46
C GLN A 163 20.50 -1.75 -5.51
N LEU A 164 21.20 -0.66 -5.86
CA LEU A 164 20.72 0.39 -6.78
C LEU A 164 19.38 0.97 -6.31
N GLY A 165 19.23 1.10 -4.99
CA GLY A 165 18.05 1.72 -4.40
C GLY A 165 16.74 1.00 -4.64
N VAL A 166 16.78 -0.32 -4.84
CA VAL A 166 15.58 -1.12 -5.09
C VAL A 166 15.59 -2.29 -4.13
N LEU A 167 14.55 -2.39 -3.30
CA LEU A 167 14.41 -3.47 -2.33
C LEU A 167 13.21 -4.33 -2.69
N PRO A 168 13.40 -5.45 -3.39
CA PRO A 168 12.26 -6.32 -3.69
C PRO A 168 11.87 -7.16 -2.49
N LEU A 169 10.56 -7.27 -2.26
CA LEU A 169 10.04 -7.95 -1.09
C LEU A 169 8.77 -8.71 -1.46
N SER A 170 8.35 -9.62 -0.58
CA SER A 170 7.13 -10.38 -0.81
C SER A 170 6.54 -10.82 0.52
N TRP A 171 5.24 -11.11 0.50
CA TRP A 171 4.53 -11.64 1.67
C TRP A 171 3.33 -12.45 1.21
N ASP A 172 3.18 -13.64 1.79
CA ASP A 172 2.04 -14.50 1.51
C ASP A 172 0.89 -14.14 2.45
N ILE A 173 -0.24 -13.74 1.89
CA ILE A 173 -1.43 -13.48 2.72
C ILE A 173 -1.99 -14.81 3.20
N PRO A 174 -2.23 -14.99 4.49
CA PRO A 174 -2.83 -16.24 4.97
C PRO A 174 -4.30 -16.31 4.57
N GLU A 175 -4.82 -17.54 4.62
CA GLU A 175 -6.22 -17.76 4.26
C GLU A 175 -7.16 -17.19 5.30
N LEU A 176 -6.87 -17.41 6.58
CA LEU A 176 -7.62 -16.82 7.68
C LEU A 176 -7.05 -15.43 7.94
N VAL A 177 -7.76 -14.40 7.48
CA VAL A 177 -7.21 -13.05 7.40
C VAL A 177 -8.37 -12.06 7.31
N ASN A 178 -8.10 -10.81 7.69
CA ASN A 178 -9.12 -9.78 7.68
C ASN A 178 -9.19 -9.10 6.31
N MET A 179 -10.41 -8.79 5.89
CA MET A 179 -10.61 -8.00 4.68
C MET A 179 -10.49 -6.52 5.02
N GLY A 180 -10.24 -5.73 4.00
CA GLY A 180 -10.24 -4.29 4.14
C GLY A 180 -8.98 -3.69 3.59
N GLN A 181 -8.64 -2.49 4.08
CA GLN A 181 -7.48 -1.76 3.58
C GLN A 181 -6.28 -2.07 4.45
N TRP A 182 -5.32 -2.79 3.89
CA TRP A 182 -4.04 -3.08 4.51
C TRP A 182 -3.03 -2.02 4.13
N LYS A 183 -2.01 -1.86 4.96
CA LYS A 183 -0.98 -0.84 4.73
C LYS A 183 0.40 -1.48 4.69
N ILE A 184 1.27 -0.89 3.87
CA ILE A 184 2.70 -1.15 3.91
C ILE A 184 3.37 0.14 4.35
N ARG A 185 4.05 0.11 5.49
CA ARG A 185 4.65 1.30 6.07
C ARG A 185 6.16 1.13 6.12
N ALA A 186 6.88 2.16 5.68
CA ALA A 186 8.32 2.10 5.57
C ALA A 186 8.93 3.41 6.03
N TYR A 187 10.09 3.31 6.66
CA TYR A 187 10.82 4.48 7.12
C TYR A 187 12.31 4.15 7.16
N TYR A 188 13.13 5.19 7.09
CA TYR A 188 14.56 5.02 7.26
C TYR A 188 14.88 4.80 8.73
N GLU A 189 15.94 4.02 8.98
CA GLU A 189 16.37 3.76 10.35
C GLU A 189 16.90 5.03 11.01
N ASN A 190 17.62 5.84 10.23
CA ASN A 190 18.22 7.07 10.73
C ASN A 190 17.20 8.18 10.95
N SER A 191 16.10 8.19 10.20
CA SER A 191 15.03 9.15 10.38
C SER A 191 13.71 8.39 10.54
N PRO A 192 13.43 7.89 11.74
CA PRO A 192 12.21 7.10 11.93
C PRO A 192 10.95 7.92 12.11
N GLN A 193 11.04 9.24 12.13
CA GLN A 193 9.87 10.10 12.27
C GLN A 193 9.20 10.42 10.94
N GLN A 194 9.80 10.04 9.82
CA GLN A 194 9.22 10.25 8.49
C GLN A 194 8.85 8.88 7.93
N VAL A 195 7.56 8.58 7.93
CA VAL A 195 7.03 7.27 7.54
C VAL A 195 6.30 7.42 6.21
N PHE A 196 6.57 6.50 5.28
CA PHE A 196 5.94 6.47 3.97
C PHE A 196 5.03 5.25 3.87
N SER A 197 3.84 5.44 3.32
CA SER A 197 2.82 4.40 3.38
C SER A 197 2.11 4.26 2.03
N THR A 198 1.65 3.05 1.76
CA THR A 198 0.75 2.78 0.64
C THR A 198 -0.25 1.71 1.09
N GLU A 199 -1.39 1.68 0.41
CA GLU A 199 -2.47 0.77 0.74
C GLU A 199 -2.68 -0.27 -0.35
N PHE A 200 -3.20 -1.42 0.05
CA PHE A 200 -3.73 -2.41 -0.87
C PHE A 200 -4.95 -3.07 -0.22
N GLU A 201 -5.98 -3.31 -1.03
CA GLU A 201 -7.21 -3.91 -0.52
C GLU A 201 -7.06 -5.43 -0.46
N VAL A 202 -7.60 -6.03 0.58
CA VAL A 202 -7.76 -7.47 0.65
C VAL A 202 -9.27 -7.77 0.59
N LYS A 203 -9.66 -8.58 -0.39
CA LYS A 203 -11.06 -8.82 -0.71
C LYS A 203 -11.17 -10.16 -1.43
N GLU A 204 -12.33 -10.79 -1.32
CA GLU A 204 -12.67 -11.98 -2.08
C GLU A 204 -13.34 -11.55 -3.38
N TYR A 205 -12.74 -11.93 -4.51
CA TYR A 205 -13.24 -11.49 -5.82
C TYR A 205 -12.84 -12.51 -6.87
N VAL A 206 -13.44 -12.35 -8.05
CA VAL A 206 -12.85 -12.85 -9.29
C VAL A 206 -12.71 -11.65 -10.22
N LEU A 207 -11.78 -11.76 -11.16
CA LEU A 207 -11.58 -10.71 -12.14
C LEU A 207 -12.77 -10.63 -13.07
N PRO A 208 -13.28 -9.43 -13.35
CA PRO A 208 -14.37 -9.30 -14.32
C PRO A 208 -13.87 -9.48 -15.74
N SER A 209 -14.82 -9.56 -16.67
CA SER A 209 -14.49 -9.67 -18.08
C SER A 209 -14.59 -8.36 -18.84
N PHE A 210 -15.08 -7.30 -18.20
CA PHE A 210 -15.27 -6.02 -18.86
C PHE A 210 -15.13 -4.89 -17.85
N GLU A 211 -14.98 -3.67 -18.37
CA GLU A 211 -14.86 -2.48 -17.52
C GLU A 211 -16.01 -1.52 -17.83
N VAL A 212 -16.36 -0.71 -16.85
CA VAL A 212 -17.42 0.28 -16.99
C VAL A 212 -16.82 1.66 -16.72
N ILE A 213 -17.06 2.58 -17.65
CA ILE A 213 -16.64 3.96 -17.52
C ILE A 213 -17.89 4.82 -17.35
N VAL A 214 -17.91 5.62 -16.29
CA VAL A 214 -19.02 6.51 -15.99
C VAL A 214 -18.53 7.92 -16.27
N GLU A 215 -18.91 8.47 -17.41
CA GLU A 215 -18.35 9.75 -17.85
C GLU A 215 -19.46 10.76 -18.05
N PRO A 216 -19.50 11.82 -17.24
CA PRO A 216 -20.46 12.90 -17.50
C PRO A 216 -20.02 13.74 -18.68
N THR A 217 -21.00 14.42 -19.29
CA THR A 217 -20.73 15.20 -20.49
C THR A 217 -19.85 16.40 -20.20
N GLU A 218 -19.95 16.96 -19.01
CA GLU A 218 -18.99 17.94 -18.50
C GLU A 218 -18.47 17.45 -17.16
N LYS A 219 -17.27 17.91 -16.78
CA LYS A 219 -16.65 17.43 -15.55
C LYS A 219 -17.07 18.26 -14.34
N PHE A 220 -18.27 18.82 -14.40
CA PHE A 220 -18.89 19.59 -13.33
C PHE A 220 -20.40 19.57 -13.58
N TYR A 221 -21.14 20.24 -12.70
CA TYR A 221 -22.55 20.51 -12.96
C TYR A 221 -22.82 21.99 -12.70
N TYR A 222 -23.26 22.70 -13.73
CA TYR A 222 -23.68 24.08 -13.59
C TYR A 222 -25.06 24.11 -12.93
N ILE A 223 -25.17 24.83 -11.81
CA ILE A 223 -26.37 24.80 -10.97
C ILE A 223 -27.60 25.38 -11.69
N TYR A 224 -27.39 26.21 -12.71
CA TYR A 224 -28.49 26.76 -13.48
C TYR A 224 -28.69 26.06 -14.81
N ASN A 225 -28.08 24.88 -15.00
CA ASN A 225 -28.30 24.08 -16.20
C ASN A 225 -29.62 23.34 -16.02
N GLU A 226 -30.61 23.68 -16.85
CA GLU A 226 -31.91 23.02 -16.80
C GLU A 226 -31.86 21.60 -17.35
N LYS A 227 -30.84 21.28 -18.16
CA LYS A 227 -30.74 19.93 -18.71
C LYS A 227 -30.36 18.89 -17.67
N GLY A 228 -29.88 19.32 -16.49
CA GLY A 228 -29.45 18.40 -15.48
C GLY A 228 -28.10 17.79 -15.80
N LEU A 229 -27.69 16.84 -14.97
CA LEU A 229 -26.40 16.18 -15.13
C LEU A 229 -26.56 15.03 -16.12
N GLU A 230 -25.98 15.19 -17.31
CA GLU A 230 -26.02 14.16 -18.34
C GLU A 230 -24.76 13.30 -18.23
N VAL A 231 -24.96 11.98 -18.19
CA VAL A 231 -23.89 11.01 -17.94
C VAL A 231 -23.97 9.93 -19.01
N THR A 232 -22.83 9.62 -19.63
CA THR A 232 -22.73 8.51 -20.56
C THR A 232 -22.09 7.33 -19.83
N ILE A 233 -22.72 6.17 -19.95
CA ILE A 233 -22.21 4.92 -19.39
C ILE A 233 -21.58 4.13 -20.52
N THR A 234 -20.30 3.78 -20.37
CA THR A 234 -19.56 3.08 -21.40
C THR A 234 -19.03 1.77 -20.82
N ALA A 235 -19.40 0.66 -21.43
CA ALA A 235 -18.94 -0.66 -21.03
C ALA A 235 -18.32 -1.38 -22.21
N ARG A 236 -17.13 -1.92 -22.02
CA ARG A 236 -16.50 -2.70 -23.06
C ARG A 236 -15.59 -3.74 -22.42
N PHE A 237 -15.37 -4.84 -23.14
CA PHE A 237 -14.57 -5.93 -22.63
C PHE A 237 -13.12 -5.51 -22.51
N LEU A 238 -12.37 -6.25 -21.68
CA LEU A 238 -10.99 -5.91 -21.42
C LEU A 238 -10.13 -6.05 -22.67
N TYR A 239 -10.47 -6.97 -23.56
CA TYR A 239 -9.76 -7.15 -24.81
C TYR A 239 -10.22 -6.21 -25.92
N GLY A 240 -11.14 -5.30 -25.61
CA GLY A 240 -11.49 -4.22 -26.51
C GLY A 240 -12.64 -4.54 -27.45
N LYS A 241 -13.76 -4.98 -26.89
CA LYS A 241 -14.97 -5.27 -27.65
C LYS A 241 -16.15 -4.74 -26.88
N LYS A 242 -17.16 -4.25 -27.61
CA LYS A 242 -18.28 -3.58 -26.98
C LYS A 242 -19.20 -4.58 -26.26
N VAL A 243 -19.84 -4.10 -25.20
CA VAL A 243 -20.63 -4.90 -24.28
C VAL A 243 -22.11 -4.63 -24.55
N GLU A 244 -22.91 -5.70 -24.63
CA GLU A 244 -24.37 -5.57 -24.66
C GLU A 244 -24.91 -5.95 -23.28
N GLY A 245 -25.64 -5.04 -22.66
CA GLY A 245 -26.21 -5.35 -21.38
C GLY A 245 -27.22 -4.32 -20.90
N THR A 246 -27.39 -4.29 -19.58
CA THR A 246 -28.32 -3.39 -18.91
C THR A 246 -27.58 -2.70 -17.78
N ALA A 247 -27.82 -1.40 -17.61
CA ALA A 247 -27.13 -0.60 -16.60
C ALA A 247 -28.11 -0.06 -15.57
N PHE A 248 -27.72 -0.14 -14.30
CA PHE A 248 -28.46 0.44 -13.19
C PHE A 248 -27.67 1.64 -12.69
N VAL A 249 -28.18 2.84 -12.95
CA VAL A 249 -27.49 4.08 -12.61
C VAL A 249 -28.27 4.81 -11.52
N ILE A 250 -27.58 5.22 -10.45
CA ILE A 250 -28.17 6.01 -9.39
C ILE A 250 -27.20 7.13 -9.03
N PHE A 251 -27.75 8.31 -8.73
CA PHE A 251 -26.98 9.50 -8.44
C PHE A 251 -27.03 9.81 -6.94
N GLY A 252 -26.23 10.78 -6.54
CA GLY A 252 -26.26 11.24 -5.17
C GLY A 252 -25.43 12.48 -5.01
N ILE A 253 -25.66 13.18 -3.91
CA ILE A 253 -24.97 14.43 -3.60
C ILE A 253 -24.07 14.20 -2.39
N GLN A 254 -22.91 14.85 -2.38
CA GLN A 254 -21.91 14.68 -1.33
C GLN A 254 -21.50 16.06 -0.82
N ASP A 255 -21.81 16.34 0.44
CA ASP A 255 -21.43 17.58 1.11
C ASP A 255 -20.30 17.23 2.09
N GLY A 256 -19.08 17.56 1.71
CA GLY A 256 -17.91 17.19 2.49
C GLY A 256 -17.66 15.70 2.48
N GLU A 257 -18.00 15.03 3.58
CA GLU A 257 -17.85 13.58 3.68
C GLU A 257 -19.16 12.88 4.00
N GLN A 258 -20.29 13.57 3.87
CA GLN A 258 -21.61 12.96 4.03
C GLN A 258 -22.21 12.75 2.64
N ARG A 259 -22.51 11.50 2.31
CA ARG A 259 -23.12 11.16 1.04
C ARG A 259 -24.62 10.95 1.23
N ILE A 260 -25.42 11.61 0.40
CA ILE A 260 -26.87 11.53 0.44
C ILE A 260 -27.33 10.96 -0.90
N SER A 261 -27.76 9.71 -0.90
CA SER A 261 -28.22 9.09 -2.13
C SER A 261 -29.58 9.66 -2.53
N LEU A 262 -29.82 9.72 -3.84
CA LEU A 262 -31.07 10.20 -4.39
C LEU A 262 -31.82 9.01 -4.97
N PRO A 263 -32.77 8.42 -4.25
CA PRO A 263 -33.43 7.20 -4.73
C PRO A 263 -34.39 7.45 -5.88
N GLU A 264 -34.84 8.69 -6.09
CA GLU A 264 -35.65 9.01 -7.26
C GLU A 264 -34.82 9.08 -8.54
N SER A 265 -33.50 9.15 -8.43
CA SER A 265 -32.64 9.24 -9.60
C SER A 265 -32.30 7.88 -10.18
N LEU A 266 -32.80 6.79 -9.60
CA LEU A 266 -32.44 5.45 -10.04
C LEU A 266 -33.08 5.16 -11.38
N LYS A 267 -32.26 4.97 -12.40
CA LYS A 267 -32.71 4.68 -13.75
C LYS A 267 -32.09 3.36 -14.20
N ARG A 268 -32.89 2.55 -14.90
CA ARG A 268 -32.40 1.33 -15.53
C ARG A 268 -32.37 1.58 -17.04
N ILE A 269 -31.16 1.73 -17.58
CA ILE A 269 -31.01 2.02 -19.01
C ILE A 269 -30.43 0.80 -19.72
N PRO A 270 -30.72 0.59 -20.99
CA PRO A 270 -30.01 -0.44 -21.75
C PRO A 270 -28.64 0.03 -22.20
N ILE A 271 -27.73 -0.93 -22.30
CA ILE A 271 -26.39 -0.69 -22.84
C ILE A 271 -26.38 -1.35 -24.22
N GLU A 272 -26.57 -0.54 -25.25
CA GLU A 272 -26.54 -1.00 -26.63
C GLU A 272 -25.28 -0.48 -27.30
N ASP A 273 -24.53 -1.41 -27.93
CA ASP A 273 -23.27 -1.12 -28.63
C ASP A 273 -22.24 -0.51 -27.69
N GLY A 274 -22.22 -1.00 -26.45
CA GLY A 274 -21.25 -0.58 -25.46
C GLY A 274 -21.51 0.76 -24.79
N SER A 275 -22.63 1.41 -25.10
CA SER A 275 -22.90 2.75 -24.60
C SER A 275 -24.33 2.86 -24.11
N GLY A 276 -24.51 3.71 -23.11
CA GLY A 276 -25.84 4.08 -22.65
C GLY A 276 -25.78 5.44 -22.01
N GLU A 277 -26.90 6.17 -22.07
CA GLU A 277 -26.95 7.52 -21.53
C GLU A 277 -28.05 7.63 -20.48
N VAL A 278 -27.83 8.51 -19.51
CA VAL A 278 -28.73 8.65 -18.37
C VAL A 278 -28.56 10.07 -17.83
N VAL A 279 -29.67 10.68 -17.43
CA VAL A 279 -29.70 12.06 -16.96
C VAL A 279 -30.23 12.09 -15.53
N LEU A 280 -29.53 12.78 -14.65
CA LEU A 280 -30.09 13.23 -13.38
C LEU A 280 -30.73 14.59 -13.65
N SER A 281 -32.05 14.67 -13.51
CA SER A 281 -32.72 15.93 -13.80
C SER A 281 -32.54 16.91 -12.64
N ARG A 282 -32.73 18.19 -12.95
CA ARG A 282 -32.54 19.24 -11.95
C ARG A 282 -33.63 19.19 -10.89
N LYS A 283 -34.83 18.75 -11.26
CA LYS A 283 -35.93 18.66 -10.29
C LYS A 283 -35.70 17.52 -9.31
N VAL A 284 -35.22 16.37 -9.80
CA VAL A 284 -34.95 15.22 -8.93
C VAL A 284 -33.82 15.54 -7.95
N LEU A 285 -32.82 16.30 -8.40
CA LEU A 285 -31.75 16.74 -7.51
C LEU A 285 -32.27 17.67 -6.43
N LEU A 286 -33.08 18.66 -6.81
CA LEU A 286 -33.58 19.62 -5.83
C LEU A 286 -34.61 18.98 -4.89
N ASP A 287 -35.46 18.10 -5.40
CA ASP A 287 -36.44 17.42 -4.55
C ASP A 287 -35.76 16.46 -3.57
N GLY A 288 -34.66 15.83 -3.98
CA GLY A 288 -33.97 14.90 -3.12
C GLY A 288 -33.16 15.54 -2.01
N VAL A 289 -32.77 16.80 -2.16
CA VAL A 289 -31.95 17.49 -1.16
C VAL A 289 -32.86 18.48 -0.44
N GLN A 290 -34.15 18.11 -0.38
CA GLN A 290 -35.17 18.70 0.51
C GLN A 290 -35.54 20.13 0.09
N ASN A 291 -35.58 20.36 -1.22
CA ASN A 291 -35.99 21.61 -1.85
C ASN A 291 -35.41 22.91 -1.29
N PRO A 292 -34.09 23.09 -1.29
CA PRO A 292 -33.55 24.34 -0.76
C PRO A 292 -33.46 25.40 -1.85
N ARG A 293 -32.92 26.56 -1.51
CA ARG A 293 -32.51 27.49 -2.55
C ARG A 293 -31.32 26.88 -3.28
N ALA A 294 -31.31 27.02 -4.61
CA ALA A 294 -30.37 26.29 -5.46
C ALA A 294 -28.92 26.74 -5.24
N GLU A 295 -28.70 27.94 -4.71
CA GLU A 295 -27.36 28.43 -4.43
C GLU A 295 -26.72 27.70 -3.26
N ASP A 296 -27.52 27.06 -2.39
CA ASP A 296 -26.99 26.28 -1.28
C ASP A 296 -26.26 25.02 -1.74
N LEU A 297 -26.57 24.51 -2.94
CA LEU A 297 -25.89 23.34 -3.48
C LEU A 297 -24.53 23.68 -4.08
N VAL A 298 -24.22 24.96 -4.26
CA VAL A 298 -22.95 25.37 -4.85
C VAL A 298 -21.83 25.09 -3.84
N GLY A 299 -20.81 24.38 -4.30
CA GLY A 299 -19.73 23.93 -3.45
C GLY A 299 -19.81 22.46 -3.09
N LYS A 300 -21.01 21.88 -3.13
CA LYS A 300 -21.16 20.44 -2.97
C LYS A 300 -20.87 19.73 -4.28
N SER A 301 -20.68 18.43 -4.21
CA SER A 301 -20.34 17.63 -5.37
C SER A 301 -21.41 16.57 -5.62
N LEU A 302 -21.37 15.98 -6.80
CA LEU A 302 -22.28 14.92 -7.19
C LEU A 302 -21.50 13.66 -7.48
N TYR A 303 -22.08 12.50 -7.16
CA TYR A 303 -21.50 11.23 -7.52
C TYR A 303 -22.48 10.42 -8.35
N VAL A 304 -21.94 9.58 -9.23
CA VAL A 304 -22.73 8.70 -10.08
C VAL A 304 -22.27 7.28 -9.85
N SER A 305 -23.22 6.37 -9.65
CA SER A 305 -22.91 4.95 -9.48
C SER A 305 -23.65 4.15 -10.53
N ALA A 306 -22.92 3.34 -11.29
CA ALA A 306 -23.50 2.53 -12.35
C ALA A 306 -23.14 1.07 -12.14
N THR A 307 -24.14 0.21 -12.33
CA THR A 307 -23.99 -1.23 -12.24
C THR A 307 -24.47 -1.82 -13.55
N VAL A 308 -23.54 -2.38 -14.32
CA VAL A 308 -23.83 -2.93 -15.63
C VAL A 308 -23.84 -4.44 -15.52
N ILE A 309 -24.90 -5.07 -16.04
CA ILE A 309 -25.05 -6.52 -16.07
C ILE A 309 -25.17 -6.94 -17.52
N LEU A 310 -24.36 -7.93 -17.92
CA LEU A 310 -24.49 -8.53 -19.25
C LEU A 310 -25.85 -9.19 -19.40
N HIS A 311 -26.32 -9.30 -20.65
CA HIS A 311 -27.62 -9.90 -20.93
C HIS A 311 -27.64 -11.39 -20.60
N SER A 312 -26.49 -12.04 -20.59
CA SER A 312 -26.37 -13.42 -20.14
C SER A 312 -26.39 -13.54 -18.63
N GLY A 313 -26.09 -12.46 -17.91
CA GLY A 313 -26.03 -12.49 -16.46
C GLY A 313 -24.82 -13.16 -15.88
N SER A 314 -23.87 -13.59 -16.73
CA SER A 314 -22.71 -14.33 -16.25
C SER A 314 -21.69 -13.43 -15.57
N ASP A 315 -21.70 -12.14 -15.86
CA ASP A 315 -20.75 -11.23 -15.26
C ASP A 315 -21.39 -9.86 -15.12
N MET A 316 -20.99 -9.14 -14.06
CA MET A 316 -21.46 -7.80 -13.81
C MET A 316 -20.33 -6.99 -13.17
N VAL A 317 -20.43 -5.67 -13.31
CA VAL A 317 -19.39 -4.72 -12.89
C VAL A 317 -20.08 -3.49 -12.31
N GLN A 318 -19.61 -3.03 -11.14
CA GLN A 318 -20.00 -1.74 -10.61
C GLN A 318 -18.89 -0.72 -10.85
N ALA A 319 -19.27 0.51 -11.18
CA ALA A 319 -18.31 1.59 -11.34
C ALA A 319 -18.91 2.86 -10.77
N GLU A 320 -18.05 3.74 -10.27
CA GLU A 320 -18.50 4.99 -9.67
C GLU A 320 -17.64 6.13 -10.16
N ARG A 321 -18.29 7.22 -10.54
CA ARG A 321 -17.65 8.51 -10.79
C ARG A 321 -18.11 9.48 -9.70
N SER A 322 -17.20 9.90 -8.85
CA SER A 322 -17.52 10.85 -7.79
C SER A 322 -16.75 12.15 -7.97
N GLY A 323 -17.10 13.13 -7.14
CA GLY A 323 -16.42 14.41 -7.17
C GLY A 323 -16.77 15.31 -8.33
N ILE A 324 -18.02 15.27 -8.79
CA ILE A 324 -18.51 16.17 -9.83
C ILE A 324 -19.08 17.41 -9.15
N PRO A 325 -18.36 18.52 -9.11
CA PRO A 325 -18.77 19.63 -8.24
C PRO A 325 -19.86 20.49 -8.89
N ILE A 326 -20.63 21.14 -8.02
CA ILE A 326 -21.72 22.00 -8.43
C ILE A 326 -21.22 23.43 -8.37
N VAL A 327 -21.17 24.09 -9.54
CA VAL A 327 -20.51 25.37 -9.68
C VAL A 327 -21.44 26.36 -10.38
N THR A 328 -21.20 27.65 -10.10
CA THR A 328 -21.82 28.74 -10.84
C THR A 328 -20.92 29.25 -11.96
N SER A 329 -19.72 28.69 -12.09
CA SER A 329 -18.76 29.09 -13.11
C SER A 329 -17.86 27.91 -13.42
N PRO A 330 -17.54 27.64 -14.69
CA PRO A 330 -16.69 26.50 -15.02
C PRO A 330 -15.21 26.71 -14.77
N TYR A 331 -14.80 27.79 -14.08
CA TYR A 331 -13.39 28.08 -13.86
C TYR A 331 -13.17 28.57 -12.44
N GLN A 332 -11.95 28.38 -11.95
CA GLN A 332 -11.49 28.90 -10.68
C GLN A 332 -10.18 29.62 -10.90
N ILE A 333 -10.06 30.82 -10.34
CA ILE A 333 -8.83 31.60 -10.47
C ILE A 333 -8.06 31.50 -9.15
N HIS A 334 -6.77 31.16 -9.24
CA HIS A 334 -5.91 31.03 -8.07
C HIS A 334 -4.69 31.92 -8.22
N PHE A 335 -4.35 32.62 -7.15
CA PHE A 335 -3.13 33.42 -7.10
C PHE A 335 -2.02 32.72 -6.33
N THR A 336 -2.05 31.39 -6.26
CA THR A 336 -1.07 30.64 -5.49
C THR A 336 0.30 30.61 -6.14
N LYS A 337 0.43 31.04 -7.39
CA LYS A 337 1.71 31.11 -8.07
C LYS A 337 2.20 32.55 -8.24
N THR A 338 1.44 33.55 -7.76
CA THR A 338 1.76 34.98 -7.84
C THR A 338 2.43 35.45 -6.56
N PRO A 339 3.50 36.23 -6.67
CA PRO A 339 4.09 36.86 -5.48
C PRO A 339 3.09 37.77 -4.77
N LYS A 340 3.18 37.82 -3.44
CA LYS A 340 2.30 38.65 -2.65
C LYS A 340 2.95 39.97 -2.23
N TYR A 341 4.12 40.26 -2.78
CA TYR A 341 4.83 41.51 -2.52
C TYR A 341 5.32 42.10 -3.84
N PHE A 342 5.28 43.42 -3.94
CA PHE A 342 5.71 44.12 -5.14
C PHE A 342 6.72 45.20 -4.79
N LYS A 343 7.39 45.70 -5.82
CA LYS A 343 8.30 46.84 -5.69
C LYS A 343 7.66 48.07 -6.33
N PRO A 344 7.49 49.15 -5.57
CA PRO A 344 6.80 50.34 -6.11
C PRO A 344 7.62 51.04 -7.19
N GLY A 345 6.97 51.31 -8.32
CA GLY A 345 7.61 51.91 -9.47
C GLY A 345 8.11 50.93 -10.50
N MET A 346 8.12 49.64 -10.18
CA MET A 346 8.56 48.58 -11.06
C MET A 346 7.38 47.69 -11.45
N PRO A 347 7.41 47.04 -12.62
CA PRO A 347 6.26 46.23 -13.03
C PRO A 347 6.10 44.97 -12.19
N PHE A 348 4.84 44.59 -11.99
CA PHE A 348 4.46 43.46 -11.15
C PHE A 348 3.86 42.36 -12.02
N ASP A 349 4.48 41.18 -12.00
CA ASP A 349 4.10 40.08 -12.88
C ASP A 349 3.11 39.16 -12.16
N LEU A 350 1.85 39.20 -12.58
CA LEU A 350 0.84 38.30 -12.06
C LEU A 350 0.96 36.93 -12.70
N MET A 351 0.78 35.88 -11.90
CA MET A 351 0.77 34.50 -12.38
C MET A 351 -0.62 33.95 -12.10
N VAL A 352 -1.57 34.29 -12.95
CA VAL A 352 -2.96 33.84 -12.80
C VAL A 352 -3.06 32.38 -13.21
N PHE A 353 -3.42 31.54 -12.25
CA PHE A 353 -3.60 30.10 -12.49
C PHE A 353 -5.09 29.81 -12.56
N VAL A 354 -5.54 29.28 -13.70
CA VAL A 354 -6.96 29.01 -13.95
C VAL A 354 -7.16 27.51 -14.04
N THR A 355 -8.07 26.98 -13.23
CA THR A 355 -8.36 25.56 -13.21
C THR A 355 -9.80 25.30 -13.65
N ASN A 356 -10.02 24.08 -14.14
CA ASN A 356 -11.33 23.51 -14.24
C ASN A 356 -11.83 23.14 -12.84
N PRO A 357 -13.14 22.92 -12.65
CA PRO A 357 -13.62 22.65 -11.27
C PRO A 357 -13.15 21.33 -10.67
N ASP A 358 -12.59 20.41 -11.46
CA ASP A 358 -11.97 19.21 -10.93
C ASP A 358 -10.49 19.43 -10.60
N GLY A 359 -9.98 20.65 -10.71
CA GLY A 359 -8.62 20.97 -10.36
C GLY A 359 -7.61 20.86 -11.50
N SER A 360 -7.99 20.31 -12.64
CA SER A 360 -7.10 20.22 -13.78
C SER A 360 -6.89 21.60 -14.39
N PRO A 361 -5.72 21.87 -14.96
CA PRO A 361 -5.47 23.21 -15.54
C PRO A 361 -6.26 23.42 -16.82
N ALA A 362 -6.78 24.65 -16.96
CA ALA A 362 -7.60 25.00 -18.10
C ALA A 362 -6.77 25.68 -19.18
N TYR A 363 -6.99 25.26 -20.42
CA TYR A 363 -6.22 25.72 -21.57
C TYR A 363 -7.00 26.78 -22.34
N ARG A 364 -6.29 27.86 -22.73
CA ARG A 364 -6.79 28.94 -23.58
C ARG A 364 -8.00 29.65 -22.96
N VAL A 365 -7.84 30.06 -21.71
CA VAL A 365 -8.87 30.80 -21.00
C VAL A 365 -8.38 32.23 -20.85
N PRO A 366 -9.00 33.21 -21.50
CA PRO A 366 -8.53 34.59 -21.38
C PRO A 366 -8.87 35.16 -20.02
N VAL A 367 -7.90 35.86 -19.43
CA VAL A 367 -8.06 36.54 -18.15
C VAL A 367 -7.65 37.99 -18.34
N ALA A 368 -8.15 38.84 -17.45
CA ALA A 368 -7.85 40.26 -17.53
C ALA A 368 -8.01 40.90 -16.16
N VAL A 369 -7.11 41.81 -15.83
CA VAL A 369 -7.22 42.59 -14.61
C VAL A 369 -8.38 43.57 -14.75
N GLN A 370 -9.29 43.53 -13.78
CA GLN A 370 -10.46 44.40 -13.82
C GLN A 370 -10.05 45.84 -13.53
N GLY A 371 -10.58 46.77 -14.31
CA GLY A 371 -10.17 48.15 -14.24
C GLY A 371 -9.03 48.53 -15.15
N GLU A 372 -8.30 47.56 -15.68
CA GLU A 372 -7.23 47.84 -16.64
C GLU A 372 -7.72 47.78 -18.08
N ASP A 373 -8.60 46.81 -18.39
CA ASP A 373 -9.24 46.58 -19.69
C ASP A 373 -8.28 46.26 -20.82
N THR A 374 -7.25 47.10 -21.02
CA THR A 374 -6.29 46.88 -22.09
C THR A 374 -5.45 45.62 -21.85
N VAL A 375 -5.10 45.36 -20.60
CA VAL A 375 -4.28 44.20 -20.27
C VAL A 375 -5.15 42.95 -20.33
N GLN A 376 -4.75 41.98 -21.15
CA GLN A 376 -5.51 40.73 -21.30
C GLN A 376 -4.59 39.67 -21.87
N SER A 377 -4.42 38.57 -21.15
CA SER A 377 -3.58 37.46 -21.59
C SER A 377 -4.39 36.18 -21.64
N LEU A 378 -3.71 35.08 -21.96
CA LEU A 378 -4.34 33.81 -22.24
C LEU A 378 -3.55 32.72 -21.53
N THR A 379 -4.27 31.75 -20.95
CA THR A 379 -3.62 30.69 -20.19
C THR A 379 -2.96 29.68 -21.11
N GLN A 380 -1.74 29.28 -20.75
CA GLN A 380 -1.00 28.28 -21.52
C GLN A 380 -1.45 26.87 -21.15
N GLY A 381 -0.66 25.86 -21.54
CA GLY A 381 -0.98 24.49 -21.24
C GLY A 381 -0.92 24.14 -19.76
N ASP A 382 -0.11 24.86 -18.99
CA ASP A 382 -0.02 24.66 -17.54
C ASP A 382 -1.14 25.36 -16.78
N GLY A 383 -2.06 26.03 -17.48
CA GLY A 383 -3.12 26.77 -16.83
C GLY A 383 -2.73 28.16 -16.35
N VAL A 384 -1.50 28.59 -16.60
CA VAL A 384 -1.00 29.86 -16.06
C VAL A 384 -0.98 30.90 -17.17
N ALA A 385 -1.43 32.12 -16.86
CA ALA A 385 -1.31 33.27 -17.73
C ALA A 385 -0.54 34.37 -16.99
N LYS A 386 0.39 35.00 -17.70
CA LYS A 386 1.18 36.09 -17.13
C LYS A 386 0.54 37.44 -17.42
N LEU A 387 0.48 38.29 -16.40
CA LEU A 387 -0.10 39.63 -16.52
C LEU A 387 0.84 40.63 -15.86
N SER A 388 1.68 41.29 -16.66
CA SER A 388 2.54 42.35 -16.14
C SER A 388 1.75 43.66 -16.09
N ILE A 389 1.67 44.25 -14.91
CA ILE A 389 1.02 45.55 -14.74
C ILE A 389 2.01 46.52 -14.11
N ASN A 390 1.84 47.79 -14.43
CA ASN A 390 2.74 48.83 -13.97
C ASN A 390 2.23 49.42 -12.66
N THR A 391 3.12 49.56 -11.69
CA THR A 391 2.77 49.99 -10.35
C THR A 391 3.33 51.39 -10.09
N HIS A 392 2.57 52.19 -9.35
CA HIS A 392 3.03 53.51 -8.98
C HIS A 392 4.17 53.43 -7.97
N PRO A 393 5.10 54.39 -8.00
CA PRO A 393 6.12 54.44 -6.93
C PRO A 393 5.55 55.00 -5.63
N SER A 394 4.78 54.16 -4.93
CA SER A 394 4.04 54.58 -3.74
C SER A 394 3.93 53.40 -2.79
N GLN A 395 3.77 53.70 -1.50
CA GLN A 395 3.70 52.69 -0.47
C GLN A 395 2.28 52.19 -0.22
N LYS A 396 1.37 52.37 -1.17
CA LYS A 396 0.00 51.90 -1.02
C LYS A 396 -0.07 50.39 -1.28
N PRO A 397 -1.04 49.70 -0.68
CA PRO A 397 -1.28 48.31 -1.07
C PRO A 397 -1.89 48.21 -2.46
N LEU A 398 -1.61 47.09 -3.13
CA LEU A 398 -2.00 46.89 -4.52
C LEU A 398 -3.08 45.81 -4.57
N SER A 399 -4.34 46.24 -4.65
CA SER A 399 -5.47 45.31 -4.74
C SER A 399 -5.74 45.00 -6.20
N ILE A 400 -5.70 43.72 -6.55
CA ILE A 400 -5.82 43.26 -7.93
C ILE A 400 -6.96 42.26 -8.01
N THR A 401 -7.92 42.53 -8.88
CA THR A 401 -9.01 41.59 -9.17
C THR A 401 -8.88 41.13 -10.61
N VAL A 402 -8.79 39.82 -10.81
CA VAL A 402 -8.66 39.21 -12.14
C VAL A 402 -9.92 38.43 -12.44
N ARG A 403 -10.48 38.64 -13.64
CA ARG A 403 -11.66 37.94 -14.10
C ARG A 403 -11.38 37.26 -15.43
N THR A 404 -12.10 36.17 -15.69
CA THR A 404 -12.04 35.53 -17.00
C THR A 404 -12.91 36.29 -18.00
N LYS A 405 -12.54 36.20 -19.28
CA LYS A 405 -13.24 36.88 -20.37
C LYS A 405 -13.56 35.90 -21.49
N LYS A 406 -14.16 34.76 -21.13
CA LYS A 406 -14.51 33.74 -22.10
C LYS A 406 -15.64 34.23 -22.99
N GLN A 407 -15.53 33.96 -24.30
CA GLN A 407 -16.48 34.50 -25.27
C GLN A 407 -17.85 33.82 -25.14
N GLU A 408 -17.85 32.49 -25.03
CA GLU A 408 -19.11 31.75 -24.99
C GLU A 408 -19.83 31.93 -23.67
N LEU A 409 -19.10 32.15 -22.59
CA LEU A 409 -19.71 32.27 -21.28
C LEU A 409 -20.35 33.64 -21.10
N SER A 410 -21.47 33.66 -20.39
CA SER A 410 -22.05 34.92 -19.96
C SER A 410 -21.27 35.44 -18.77
N GLU A 411 -21.50 36.72 -18.43
CA GLU A 411 -20.75 37.39 -17.37
C GLU A 411 -21.07 36.84 -15.98
N ALA A 412 -22.26 36.25 -15.80
CA ALA A 412 -22.56 35.58 -14.56
C ALA A 412 -21.71 34.33 -14.39
N GLU A 413 -21.46 33.60 -15.47
CA GLU A 413 -20.68 32.37 -15.42
C GLU A 413 -19.17 32.61 -15.46
N GLN A 414 -18.70 33.85 -15.37
CA GLN A 414 -17.28 34.07 -15.36
C GLN A 414 -16.72 33.88 -13.96
N ALA A 415 -15.42 33.58 -13.90
CA ALA A 415 -14.71 33.40 -12.65
C ALA A 415 -14.05 34.70 -12.25
N THR A 416 -13.83 34.86 -10.94
CA THR A 416 -13.14 36.04 -10.42
C THR A 416 -12.43 35.66 -9.14
N ARG A 417 -11.42 36.46 -8.79
CA ARG A 417 -10.63 36.30 -7.58
C ARG A 417 -9.84 37.58 -7.38
N THR A 418 -9.67 37.97 -6.13
CA THR A 418 -8.96 39.20 -5.76
C THR A 418 -7.80 38.85 -4.84
N MET A 419 -6.62 39.41 -5.13
CA MET A 419 -5.47 39.34 -4.24
C MET A 419 -4.97 40.74 -3.92
N GLN A 420 -4.17 40.82 -2.86
CA GLN A 420 -3.51 42.07 -2.47
C GLN A 420 -2.01 41.83 -2.39
N ALA A 421 -1.24 42.77 -2.92
CA ALA A 421 0.21 42.75 -2.86
C ALA A 421 0.68 43.93 -2.01
N LEU A 422 1.59 43.66 -1.07
CA LEU A 422 2.12 44.67 -0.16
C LEU A 422 3.45 45.21 -0.67
N PRO A 423 3.75 46.49 -0.43
CA PRO A 423 5.01 47.05 -0.93
C PRO A 423 6.21 46.51 -0.17
N TYR A 424 7.28 46.23 -0.91
CA TYR A 424 8.55 45.82 -0.34
C TYR A 424 9.13 46.95 0.49
N SER A 425 9.33 46.69 1.78
CA SER A 425 9.91 47.67 2.68
C SER A 425 11.42 47.70 2.52
N THR A 426 11.97 48.87 2.26
CA THR A 426 13.41 49.04 2.06
C THR A 426 14.05 49.60 3.31
N VAL A 427 15.37 49.47 3.38
CA VAL A 427 16.14 49.86 4.56
C VAL A 427 16.25 51.38 4.64
N GLY A 428 15.69 51.96 5.70
CA GLY A 428 15.80 53.39 5.93
C GLY A 428 15.01 54.26 5.00
N ASN A 429 14.04 53.68 4.28
CA ASN A 429 13.26 54.33 3.21
C ASN A 429 14.16 54.98 2.17
N SER A 430 15.16 54.23 1.72
CA SER A 430 16.09 54.69 0.71
C SER A 430 15.54 54.56 -0.72
N ASN A 431 14.42 53.85 -0.89
CA ASN A 431 13.81 53.54 -2.18
C ASN A 431 14.79 52.86 -3.13
N ASN A 432 15.58 51.93 -2.59
CA ASN A 432 16.50 51.11 -3.37
C ASN A 432 15.90 49.71 -3.47
N TYR A 433 15.53 49.32 -4.69
CA TYR A 433 14.90 48.04 -4.95
C TYR A 433 15.74 47.23 -5.93
N LEU A 434 15.36 45.96 -6.09
CA LEU A 434 15.93 45.06 -7.09
C LEU A 434 14.78 44.27 -7.70
N HIS A 435 14.70 44.25 -9.03
CA HIS A 435 13.63 43.55 -9.72
C HIS A 435 14.21 42.44 -10.58
N LEU A 436 13.68 41.24 -10.42
CA LEU A 436 13.98 40.11 -11.28
C LEU A 436 12.76 39.85 -12.15
N SER A 437 12.93 39.99 -13.46
CA SER A 437 11.85 39.73 -14.41
C SER A 437 12.29 38.62 -15.36
N VAL A 438 11.31 37.80 -15.76
CA VAL A 438 11.54 36.62 -16.56
C VAL A 438 10.19 36.20 -17.16
N LEU A 439 10.20 35.80 -18.43
CA LEU A 439 8.97 35.42 -19.09
C LEU A 439 8.47 34.08 -18.57
N ARG A 440 7.14 33.98 -18.41
CA ARG A 440 6.47 32.80 -17.87
C ARG A 440 5.79 32.04 -19.01
N THR A 441 6.49 31.03 -19.53
CA THR A 441 5.91 30.02 -20.38
C THR A 441 6.50 28.68 -19.91
N GLU A 442 6.02 27.58 -20.48
CA GLU A 442 6.51 26.27 -20.11
C GLU A 442 7.99 26.11 -20.47
N LEU A 443 8.84 26.14 -19.45
CA LEU A 443 10.28 26.01 -19.63
C LEU A 443 10.65 24.53 -19.62
N ARG A 444 11.54 24.15 -20.53
CA ARG A 444 11.97 22.77 -20.67
C ARG A 444 13.49 22.72 -20.58
N PRO A 445 14.07 21.58 -20.17
CA PRO A 445 15.53 21.48 -20.14
C PRO A 445 16.13 21.59 -21.54
N GLY A 446 17.37 22.08 -21.58
CA GLY A 446 18.01 22.42 -22.83
C GLY A 446 17.80 23.85 -23.26
N GLU A 447 16.81 24.54 -22.70
CA GLU A 447 16.57 25.94 -23.03
C GLU A 447 17.42 26.85 -22.15
N THR A 448 17.63 28.06 -22.65
CA THR A 448 18.29 29.10 -21.89
C THR A 448 17.25 30.09 -21.38
N LEU A 449 17.39 30.50 -20.13
CA LEU A 449 16.48 31.44 -19.50
C LEU A 449 17.21 32.77 -19.32
N ASN A 450 16.68 33.83 -19.92
CA ASN A 450 17.25 35.16 -19.78
C ASN A 450 16.64 35.81 -18.54
N VAL A 451 17.43 35.97 -17.51
CA VAL A 451 16.99 36.57 -16.25
C VAL A 451 17.46 38.02 -16.22
N ASN A 452 16.50 38.94 -16.17
CA ASN A 452 16.80 40.37 -16.20
C ASN A 452 16.95 40.91 -14.78
N PHE A 453 18.06 41.60 -14.53
CA PHE A 453 18.41 42.15 -13.22
C PHE A 453 18.26 43.67 -13.28
N LEU A 454 17.09 44.18 -12.91
CA LEU A 454 16.84 45.60 -12.97
C LEU A 454 17.13 46.26 -11.63
N LEU A 455 17.77 47.42 -11.68
CA LEU A 455 18.17 48.18 -10.49
C LEU A 455 17.46 49.52 -10.50
N ARG A 456 16.53 49.72 -9.56
CA ARG A 456 15.95 51.03 -9.29
C ARG A 456 16.53 51.51 -7.97
N MET A 457 17.34 52.58 -8.03
CA MET A 457 17.98 53.13 -6.84
C MET A 457 18.43 54.55 -7.16
N ASP A 458 18.99 55.21 -6.15
CA ASP A 458 19.54 56.53 -6.32
C ASP A 458 20.83 56.49 -7.13
N ARG A 459 21.02 57.48 -7.99
CA ARG A 459 22.19 57.53 -8.87
C ARG A 459 23.46 57.95 -8.16
N ALA A 460 23.36 58.51 -6.96
CA ALA A 460 24.54 58.90 -6.20
C ALA A 460 25.24 57.72 -5.53
N HIS A 461 24.71 56.51 -5.65
CA HIS A 461 25.33 55.33 -5.05
C HIS A 461 25.35 54.12 -5.97
N GLU A 462 24.87 54.24 -7.22
CA GLU A 462 24.78 53.08 -8.10
C GLU A 462 26.15 52.60 -8.58
N ALA A 463 27.16 53.46 -8.54
CA ALA A 463 28.51 53.06 -8.93
C ALA A 463 29.17 52.14 -7.92
N LYS A 464 28.62 52.06 -6.69
CA LYS A 464 29.13 51.15 -5.69
C LYS A 464 28.69 49.71 -5.90
N ILE A 465 27.61 49.50 -6.65
CA ILE A 465 27.09 48.15 -6.91
C ILE A 465 27.77 47.65 -8.19
N ARG A 466 28.62 46.64 -8.04
CA ARG A 466 29.37 46.10 -9.15
C ARG A 466 29.13 44.61 -9.37
N TYR A 467 28.32 43.97 -8.53
CA TYR A 467 27.95 42.58 -8.73
C TYR A 467 26.64 42.30 -7.99
N TYR A 468 25.86 41.38 -8.55
CA TYR A 468 24.75 40.75 -7.85
C TYR A 468 25.13 39.32 -7.51
N THR A 469 24.59 38.81 -6.40
CA THR A 469 24.85 37.45 -5.96
C THR A 469 23.55 36.67 -6.04
N TYR A 470 23.46 35.75 -7.00
CA TYR A 470 22.24 34.99 -7.23
C TYR A 470 22.38 33.57 -6.68
N LEU A 471 21.27 33.02 -6.23
CA LEU A 471 21.23 31.67 -5.69
C LEU A 471 20.05 30.92 -6.27
N ILE A 472 20.25 29.64 -6.56
CA ILE A 472 19.24 28.82 -7.23
C ILE A 472 18.84 27.70 -6.29
N MET A 473 17.56 27.66 -5.94
CA MET A 473 17.00 26.70 -4.99
C MET A 473 16.17 25.67 -5.76
N ASN A 474 16.59 24.42 -5.73
CA ASN A 474 15.88 23.34 -6.40
C ASN A 474 15.72 22.16 -5.45
N LYS A 475 14.46 21.75 -5.23
CA LYS A 475 14.09 20.63 -4.34
C LYS A 475 14.59 20.84 -2.92
N GLY A 476 14.52 22.08 -2.44
CA GLY A 476 14.92 22.39 -1.07
C GLY A 476 16.41 22.36 -0.80
N ARG A 477 17.24 22.47 -1.84
CA ARG A 477 18.69 22.50 -1.69
C ARG A 477 19.26 23.61 -2.55
N LEU A 478 20.52 23.96 -2.28
CA LEU A 478 21.23 24.94 -3.10
C LEU A 478 21.87 24.23 -4.27
N LEU A 479 21.34 24.46 -5.47
CA LEU A 479 21.84 23.80 -6.68
C LEU A 479 23.02 24.56 -7.30
N LYS A 480 22.86 25.86 -7.52
CA LYS A 480 23.93 26.70 -8.04
C LYS A 480 23.84 28.07 -7.39
N ALA A 481 24.99 28.60 -6.97
CA ALA A 481 25.10 29.95 -6.47
C ALA A 481 26.26 30.63 -7.19
N GLY A 482 26.00 31.79 -7.79
CA GLY A 482 27.03 32.49 -8.55
C GLY A 482 26.99 33.99 -8.42
N ARG A 483 27.69 34.68 -9.33
CA ARG A 483 27.80 36.13 -9.33
C ARG A 483 27.44 36.68 -10.70
N GLN A 484 26.70 37.77 -10.72
CA GLN A 484 26.36 38.49 -11.95
C GLN A 484 27.04 39.84 -11.91
N VAL A 485 28.08 40.01 -12.72
CA VAL A 485 28.88 41.22 -12.68
C VAL A 485 28.12 42.38 -13.30
N ARG A 486 28.14 43.53 -12.63
CA ARG A 486 27.49 44.75 -13.09
C ARG A 486 28.56 45.82 -13.28
N GLU A 487 28.50 46.53 -14.38
CA GLU A 487 29.34 47.69 -14.59
C GLU A 487 28.60 48.95 -14.16
N PRO A 488 29.31 50.00 -13.77
CA PRO A 488 28.64 51.26 -13.37
C PRO A 488 27.88 51.89 -14.52
N GLY A 489 26.58 52.12 -14.30
CA GLY A 489 25.68 52.58 -15.33
C GLY A 489 24.76 51.50 -15.88
N GLN A 490 25.14 50.23 -15.76
CA GLN A 490 24.31 49.12 -16.24
C GLN A 490 23.17 48.92 -15.24
N ASP A 491 22.07 49.62 -15.45
CA ASP A 491 20.88 49.43 -14.63
C ASP A 491 20.22 48.09 -14.90
N LEU A 492 20.44 47.50 -16.07
CA LEU A 492 19.93 46.17 -16.39
C LEU A 492 21.07 45.30 -16.89
N VAL A 493 21.22 44.12 -16.28
CA VAL A 493 22.10 43.09 -16.81
C VAL A 493 21.29 41.82 -16.95
N VAL A 494 21.64 41.01 -17.96
CA VAL A 494 20.93 39.77 -18.27
C VAL A 494 21.83 38.59 -17.93
N LEU A 495 21.31 37.66 -17.14
CA LEU A 495 22.03 36.44 -16.82
C LEU A 495 21.47 35.30 -17.67
N PRO A 496 22.21 34.79 -18.66
CA PRO A 496 21.76 33.60 -19.38
C PRO A 496 21.97 32.36 -18.51
N LEU A 497 20.86 31.74 -18.11
CA LEU A 497 20.87 30.58 -17.23
C LEU A 497 20.59 29.34 -18.07
N SER A 498 21.51 28.37 -18.02
CA SER A 498 21.30 27.10 -18.71
C SER A 498 20.38 26.23 -17.88
N ILE A 499 19.22 25.90 -18.45
CA ILE A 499 18.23 25.06 -17.76
C ILE A 499 18.51 23.60 -18.14
N THR A 500 19.07 22.85 -17.20
CA THR A 500 19.37 21.44 -17.39
C THR A 500 18.26 20.61 -16.74
N THR A 501 18.44 19.28 -16.71
CA THR A 501 17.47 18.40 -16.06
C THR A 501 17.55 18.47 -14.53
N ASP A 502 18.58 19.13 -13.97
CA ASP A 502 18.67 19.31 -12.52
C ASP A 502 17.71 20.37 -12.00
N PHE A 503 17.00 21.09 -12.87
CA PHE A 503 16.05 22.12 -12.50
C PHE A 503 14.62 21.60 -12.42
N ILE A 504 14.40 20.35 -12.80
CA ILE A 504 13.09 19.69 -12.68
C ILE A 504 12.76 19.53 -11.20
N PRO A 505 11.51 19.80 -10.75
CA PRO A 505 10.28 20.24 -11.44
C PRO A 505 10.07 21.76 -11.47
N SER A 506 10.83 22.47 -10.65
CA SER A 506 10.77 23.92 -10.54
C SER A 506 12.01 24.36 -9.79
N PHE A 507 12.24 25.66 -9.78
CA PHE A 507 13.35 26.21 -9.00
C PHE A 507 13.01 27.64 -8.62
N ARG A 508 13.76 28.16 -7.65
CA ARG A 508 13.67 29.56 -7.24
C ARG A 508 15.00 30.23 -7.52
N LEU A 509 14.94 31.48 -7.96
CA LEU A 509 16.14 32.28 -8.20
C LEU A 509 16.05 33.52 -7.31
N VAL A 510 16.86 33.55 -6.27
CA VAL A 510 16.92 34.68 -5.35
C VAL A 510 18.28 35.35 -5.53
N ALA A 511 18.27 36.67 -5.70
CA ALA A 511 19.48 37.44 -5.88
C ALA A 511 19.47 38.63 -4.93
N TYR A 512 20.66 39.17 -4.66
CA TYR A 512 20.77 40.35 -3.82
C TYR A 512 22.03 41.12 -4.16
N TYR A 513 22.00 42.43 -3.86
CA TYR A 513 23.19 43.26 -3.84
C TYR A 513 23.28 43.93 -2.48
N THR A 514 24.47 44.43 -2.17
CA THR A 514 24.70 45.10 -0.90
C THR A 514 25.67 46.26 -1.11
N LEU A 515 25.53 47.28 -0.25
CA LEU A 515 26.33 48.50 -0.35
C LEU A 515 26.25 49.23 0.98
N ILE A 516 27.10 50.24 1.11
CA ILE A 516 27.02 51.22 2.18
C ILE A 516 26.57 52.53 1.54
N GLY A 517 25.36 52.97 1.87
CA GLY A 517 24.73 54.01 1.06
C GLY A 517 24.37 55.31 1.75
N ALA A 518 23.13 55.40 2.24
CA ALA A 518 22.49 56.68 2.49
C ALA A 518 23.12 57.41 3.69
N SER A 519 23.08 56.78 4.87
CA SER A 519 23.63 57.38 6.08
C SER A 519 24.85 56.62 6.57
N GLY A 520 25.62 56.02 5.66
CA GLY A 520 26.67 55.13 6.07
C GLY A 520 26.18 53.80 6.59
N GLN A 521 24.90 53.48 6.39
CA GLN A 521 24.31 52.25 6.90
C GLN A 521 24.50 51.14 5.88
N ARG A 522 24.78 49.95 6.38
CA ARG A 522 24.91 48.78 5.51
C ARG A 522 23.53 48.34 5.05
N GLU A 523 23.29 48.39 3.75
CA GLU A 523 21.99 48.08 3.18
C GLU A 523 22.09 46.85 2.28
N VAL A 524 21.19 45.90 2.50
CA VAL A 524 21.08 44.70 1.68
C VAL A 524 19.71 44.71 1.04
N VAL A 525 19.67 44.58 -0.29
CA VAL A 525 18.43 44.59 -1.07
C VAL A 525 18.35 43.29 -1.86
N ALA A 526 17.23 42.58 -1.74
CA ALA A 526 17.07 41.26 -2.34
C ALA A 526 15.75 41.15 -3.11
N ASP A 527 15.67 40.11 -3.94
CA ASP A 527 14.47 39.76 -4.69
C ASP A 527 14.55 38.28 -5.07
N SER A 528 13.39 37.65 -5.24
CA SER A 528 13.30 36.25 -5.63
C SER A 528 12.13 36.04 -6.57
N VAL A 529 12.23 34.98 -7.37
CA VAL A 529 11.18 34.62 -8.31
C VAL A 529 11.13 33.10 -8.41
N TRP A 530 9.93 32.56 -8.60
CA TRP A 530 9.72 31.11 -8.69
C TRP A 530 9.44 30.73 -10.13
N VAL A 531 10.26 29.87 -10.69
CA VAL A 531 10.20 29.51 -12.10
C VAL A 531 9.83 28.03 -12.19
N ASP A 532 8.75 27.75 -12.92
CA ASP A 532 8.24 26.39 -13.10
C ASP A 532 8.79 25.82 -14.39
N VAL A 533 9.33 24.61 -14.33
CA VAL A 533 9.74 23.92 -15.53
C VAL A 533 8.79 22.75 -15.77
N LYS A 534 8.75 22.28 -17.02
CA LYS A 534 7.82 21.24 -17.44
C LYS A 534 8.19 19.91 -16.79
N ASP A 535 7.23 19.33 -16.08
CA ASP A 535 7.47 18.09 -15.33
C ASP A 535 7.68 16.91 -16.28
N SER A 536 8.71 16.14 -16.01
CA SER A 536 9.01 14.92 -16.73
C SER A 536 9.89 14.06 -15.82
N CYS A 537 10.52 13.04 -16.39
CA CYS A 537 11.62 12.37 -15.71
C CYS A 537 12.91 13.14 -15.96
N VAL A 538 13.85 12.99 -15.03
CA VAL A 538 15.19 13.55 -15.24
C VAL A 538 15.88 12.83 -16.39
N GLY A 539 15.80 11.50 -16.38
CA GLY A 539 16.14 10.72 -17.56
C GLY A 539 14.90 10.46 -18.38
N SER A 540 14.68 9.21 -18.77
CA SER A 540 13.52 8.80 -19.55
C SER A 540 13.36 7.28 -19.45
N LEU A 541 12.13 6.83 -19.64
CA LEU A 541 11.83 5.39 -19.63
C LEU A 541 10.58 5.14 -20.47
N VAL A 542 10.70 4.33 -21.52
CA VAL A 542 9.60 4.01 -22.42
C VAL A 542 9.55 2.50 -22.62
N VAL A 543 8.36 1.92 -22.49
CA VAL A 543 8.11 0.53 -22.83
C VAL A 543 7.16 0.51 -24.03
N LYS A 544 7.55 -0.18 -25.10
CA LYS A 544 6.68 -0.39 -26.25
C LYS A 544 6.94 -1.77 -26.83
N SER A 545 6.25 -2.05 -27.93
CA SER A 545 6.37 -3.34 -28.61
C SER A 545 7.62 -3.37 -29.48
N GLY A 546 8.37 -4.46 -29.39
CA GLY A 546 9.58 -4.67 -30.15
C GLY A 546 9.39 -5.46 -31.42
N GLN A 547 8.15 -5.75 -31.80
CA GLN A 547 7.84 -6.44 -33.04
C GLN A 547 6.94 -5.53 -33.88
N SER A 548 6.61 -6.01 -35.08
CA SER A 548 5.77 -5.23 -36.00
C SER A 548 4.36 -5.08 -35.45
N GLU A 549 3.77 -6.19 -34.99
CA GLU A 549 2.44 -6.24 -34.37
C GLU A 549 1.35 -5.67 -35.27
N ASP A 550 1.40 -6.05 -36.55
CA ASP A 550 0.20 -5.99 -37.37
C ASP A 550 -0.77 -7.09 -36.96
N ARG A 551 -0.26 -8.15 -36.34
CA ARG A 551 -1.05 -9.21 -35.75
C ARG A 551 -1.53 -8.82 -34.36
N GLN A 552 -2.70 -9.33 -33.98
CA GLN A 552 -3.08 -9.26 -32.58
C GLN A 552 -2.59 -10.51 -31.87
N PRO A 553 -1.90 -10.38 -30.74
CA PRO A 553 -1.29 -11.56 -30.11
C PRO A 553 -2.32 -12.48 -29.48
N VAL A 554 -1.89 -13.74 -29.33
CA VAL A 554 -2.74 -14.89 -29.06
C VAL A 554 -2.26 -15.44 -27.72
N PRO A 555 -3.11 -16.09 -26.92
CA PRO A 555 -2.65 -16.62 -25.63
C PRO A 555 -1.51 -17.62 -25.79
N GLY A 556 -0.43 -17.39 -25.06
CA GLY A 556 0.75 -18.23 -25.15
C GLY A 556 1.80 -17.76 -26.14
N GLN A 557 1.53 -16.71 -26.89
CA GLN A 557 2.42 -16.29 -27.97
C GLN A 557 3.64 -15.55 -27.40
N GLN A 558 4.80 -15.85 -27.97
CA GLN A 558 6.00 -15.09 -27.69
C GLN A 558 5.85 -13.67 -28.23
N MET A 559 6.34 -12.70 -27.46
CA MET A 559 6.24 -11.30 -27.80
C MET A 559 7.56 -10.62 -27.46
N THR A 560 8.03 -9.77 -28.37
CA THR A 560 9.24 -8.99 -28.10
C THR A 560 8.86 -7.65 -27.51
N LEU A 561 9.43 -7.34 -26.36
CA LEU A 561 9.17 -6.11 -25.63
C LEU A 561 10.39 -5.21 -25.73
N LYS A 562 10.16 -3.93 -26.03
CA LYS A 562 11.24 -2.97 -26.22
C LYS A 562 11.26 -2.00 -25.04
N ILE A 563 12.42 -1.87 -24.40
CA ILE A 563 12.61 -0.98 -23.26
C ILE A 563 13.71 0.00 -23.61
N GLU A 564 13.38 1.29 -23.60
CA GLU A 564 14.33 2.35 -23.88
C GLU A 564 14.51 3.19 -22.64
N GLY A 565 15.76 3.41 -22.23
CA GLY A 565 16.01 4.20 -21.05
C GLY A 565 17.48 4.57 -20.93
N ASP A 566 17.82 5.06 -19.75
CA ASP A 566 19.17 5.55 -19.47
C ASP A 566 20.16 4.40 -19.36
N HIS A 567 21.41 4.67 -19.74
CA HIS A 567 22.45 3.65 -19.68
C HIS A 567 22.81 3.36 -18.23
N GLY A 568 22.95 2.08 -17.91
CA GLY A 568 23.25 1.66 -16.55
C GLY A 568 22.09 1.74 -15.58
N ALA A 569 20.86 1.95 -16.07
CA ALA A 569 19.70 2.03 -15.21
C ALA A 569 19.09 0.66 -14.98
N ARG A 570 18.64 0.41 -13.76
CA ARG A 570 17.95 -0.83 -13.42
C ARG A 570 16.45 -0.64 -13.60
N VAL A 571 15.86 -1.40 -14.53
CA VAL A 571 14.44 -1.34 -14.81
C VAL A 571 13.75 -2.50 -14.12
N VAL A 572 12.67 -2.22 -13.41
CA VAL A 572 11.87 -3.24 -12.76
C VAL A 572 10.47 -3.22 -13.36
N LEU A 573 9.93 -4.41 -13.63
CA LEU A 573 8.72 -4.54 -14.44
C LEU A 573 7.61 -5.24 -13.65
N VAL A 574 6.40 -5.07 -14.15
CA VAL A 574 5.22 -5.81 -13.69
C VAL A 574 4.19 -5.76 -14.82
N ALA A 575 3.48 -6.87 -15.02
CA ALA A 575 2.39 -6.95 -16.00
C ALA A 575 1.12 -7.36 -15.27
N VAL A 576 0.09 -6.52 -15.33
CA VAL A 576 -1.12 -6.68 -14.54
C VAL A 576 -2.30 -6.84 -15.48
N ASP A 577 -3.17 -7.82 -15.18
CA ASP A 577 -4.48 -7.91 -15.81
C ASP A 577 -5.28 -6.65 -15.50
N LYS A 578 -5.77 -5.99 -16.54
CA LYS A 578 -6.49 -4.73 -16.37
C LYS A 578 -7.86 -4.92 -15.72
N GLY A 579 -8.33 -6.16 -15.56
CA GLY A 579 -9.49 -6.43 -14.75
C GLY A 579 -9.28 -6.21 -13.27
N VAL A 580 -8.03 -6.25 -12.81
CA VAL A 580 -7.69 -5.84 -11.44
C VAL A 580 -8.07 -4.39 -11.21
N PHE A 581 -7.78 -3.52 -12.18
CA PHE A 581 -8.05 -2.10 -12.01
C PHE A 581 -9.54 -1.78 -12.14
N VAL A 582 -10.32 -2.70 -12.69
CA VAL A 582 -11.77 -2.56 -12.68
C VAL A 582 -12.31 -2.66 -11.25
N LEU A 583 -11.64 -3.44 -10.40
CA LEU A 583 -12.01 -3.59 -8.99
C LEU A 583 -11.39 -2.54 -8.09
N ASN A 584 -10.12 -2.19 -8.29
CA ASN A 584 -9.44 -1.20 -7.47
C ASN A 584 -8.31 -0.59 -8.28
N LYS A 585 -8.29 0.74 -8.38
CA LYS A 585 -7.25 1.43 -9.13
C LYS A 585 -6.56 2.50 -8.29
N LYS A 586 -6.60 2.36 -6.97
CA LYS A 586 -5.99 3.32 -6.07
C LYS A 586 -4.57 2.91 -5.71
N ASN A 587 -3.80 3.89 -5.22
CA ASN A 587 -2.44 3.70 -4.69
C ASN A 587 -1.48 3.11 -5.73
N LYS A 588 -1.59 3.58 -6.97
CA LYS A 588 -0.67 3.17 -8.04
C LYS A 588 0.48 4.16 -8.12
N LEU A 589 1.69 3.65 -8.25
CA LEU A 589 2.86 4.50 -8.33
C LEU A 589 2.94 5.15 -9.70
N THR A 590 2.91 6.48 -9.73
CA THR A 590 3.09 7.24 -10.96
C THR A 590 4.18 8.29 -10.75
N GLN A 591 4.69 8.83 -11.85
CA GLN A 591 5.71 9.86 -11.76
C GLN A 591 5.14 11.17 -11.24
N SER A 592 3.86 11.43 -11.52
CA SER A 592 3.23 12.65 -11.03
C SER A 592 3.09 12.64 -9.52
N LYS A 593 2.89 11.47 -8.92
CA LYS A 593 2.83 11.37 -7.46
C LYS A 593 4.19 11.57 -6.83
N ILE A 594 5.27 11.21 -7.54
CA ILE A 594 6.61 11.44 -7.02
C ILE A 594 6.92 12.92 -6.99
N TRP A 595 6.51 13.67 -8.01
CA TRP A 595 6.71 15.11 -7.98
C TRP A 595 5.75 15.83 -7.04
N ASP A 596 4.66 15.19 -6.62
CA ASP A 596 3.85 15.75 -5.55
C ASP A 596 4.59 15.68 -4.21
N VAL A 597 5.32 14.59 -3.98
CA VAL A 597 6.04 14.40 -2.72
C VAL A 597 7.21 15.38 -2.63
N VAL A 598 7.84 15.68 -3.76
CA VAL A 598 8.98 16.59 -3.78
C VAL A 598 8.53 18.02 -3.51
N GLU A 599 7.43 18.45 -4.14
CA GLU A 599 6.98 19.83 -3.97
C GLU A 599 6.33 20.08 -2.62
N LYS A 600 5.75 19.05 -2.00
CA LYS A 600 5.23 19.22 -0.64
C LYS A 600 6.36 19.32 0.37
N ALA A 601 7.51 18.72 0.09
CA ALA A 601 8.67 18.78 0.96
C ALA A 601 9.55 19.99 0.69
N ASP A 602 9.08 20.93 -0.12
CA ASP A 602 9.89 22.09 -0.46
C ASP A 602 9.91 23.06 0.71
N ILE A 603 11.11 23.52 1.08
CA ILE A 603 11.28 24.41 2.22
C ILE A 603 11.04 25.87 1.85
N GLY A 604 10.71 26.15 0.59
CA GLY A 604 10.25 27.47 0.19
C GLY A 604 8.74 27.51 0.22
N CYS A 605 8.21 28.68 0.57
CA CYS A 605 6.79 28.81 0.89
C CYS A 605 6.06 29.83 0.05
N THR A 606 6.76 30.70 -0.66
CA THR A 606 6.16 31.83 -1.35
C THR A 606 6.77 31.92 -2.74
N PRO A 607 5.97 32.21 -3.76
CA PRO A 607 6.48 32.24 -5.13
C PRO A 607 7.22 33.51 -5.53
N GLY A 608 7.49 34.44 -4.63
CA GLY A 608 8.15 35.68 -4.97
C GLY A 608 8.93 36.25 -3.81
N SER A 609 8.94 37.59 -3.73
CA SER A 609 9.77 38.28 -2.73
C SER A 609 9.12 38.27 -1.35
N GLY A 610 9.63 39.14 -0.48
CA GLY A 610 9.14 39.23 0.89
C GLY A 610 8.78 40.64 1.27
N LYS A 611 8.50 40.88 2.55
CA LYS A 611 8.21 42.24 2.99
C LYS A 611 9.47 43.10 3.03
N ASP A 612 10.62 42.49 3.29
CA ASP A 612 11.90 43.18 3.25
C ASP A 612 12.93 42.20 2.68
N TYR A 613 14.21 42.54 2.80
CA TYR A 613 15.27 41.67 2.29
C TYR A 613 15.34 40.37 3.08
N ALA A 614 15.05 40.41 4.38
CA ALA A 614 15.05 39.19 5.18
C ALA A 614 13.90 38.28 4.80
N GLY A 615 12.75 38.87 4.43
CA GLY A 615 11.63 38.07 3.98
C GLY A 615 11.87 37.38 2.65
N VAL A 616 12.73 37.96 1.81
CA VAL A 616 13.03 37.37 0.50
C VAL A 616 13.78 36.05 0.68
N PHE A 617 14.81 36.06 1.54
CA PHE A 617 15.60 34.85 1.76
C PHE A 617 14.79 33.76 2.45
N SER A 618 14.00 34.13 3.46
CA SER A 618 13.28 33.13 4.26
C SER A 618 12.14 32.49 3.47
N ASP A 619 11.42 33.28 2.67
CA ASP A 619 10.33 32.75 1.85
C ASP A 619 10.84 31.81 0.78
N ALA A 620 12.07 32.04 0.29
CA ALA A 620 12.71 31.13 -0.65
C ALA A 620 13.37 29.96 0.04
N GLY A 621 13.35 29.91 1.37
CA GLY A 621 13.95 28.81 2.09
C GLY A 621 15.44 28.99 2.34
N LEU A 622 15.87 30.20 2.66
CA LEU A 622 17.28 30.49 2.90
C LEU A 622 17.43 31.34 4.14
N THR A 623 18.60 31.22 4.77
CA THR A 623 19.00 32.09 5.85
C THR A 623 20.03 33.09 5.34
N PHE A 624 20.13 34.22 6.03
CA PHE A 624 21.16 35.21 5.78
C PHE A 624 21.66 35.68 7.13
N THR A 625 22.98 35.81 7.25
CA THR A 625 23.56 36.33 8.49
C THR A 625 24.83 37.06 8.13
N SER A 626 25.01 38.26 8.69
CA SER A 626 26.18 39.07 8.38
C SER A 626 26.82 39.60 9.65
N SER A 627 28.08 40.04 9.51
CA SER A 627 28.80 40.64 10.62
C SER A 627 28.36 42.06 10.90
N SER A 628 27.64 42.69 9.99
CA SER A 628 27.10 44.03 10.17
C SER A 628 25.72 44.03 10.80
N GLY A 629 25.25 42.88 11.30
CA GLY A 629 23.96 42.77 11.94
C GLY A 629 22.81 42.43 11.02
N GLN A 630 23.01 42.47 9.70
CA GLN A 630 21.94 42.16 8.77
C GLN A 630 21.69 40.66 8.74
N GLN A 631 20.50 40.24 9.15
CA GLN A 631 20.19 38.81 9.19
C GLN A 631 18.69 38.58 9.00
N THR A 632 18.35 37.34 8.69
CA THR A 632 16.96 36.93 8.54
C THR A 632 16.37 36.51 9.88
N ALA A 633 15.05 36.55 9.95
CA ALA A 633 14.34 36.14 11.15
C ALA A 633 14.47 34.63 11.34
N GLN A 634 14.35 34.22 12.59
CA GLN A 634 14.52 32.80 12.92
C GLN A 634 13.29 32.01 12.50
N ARG A 635 13.53 30.86 11.87
CA ARG A 635 12.48 29.94 11.46
C ARG A 635 12.51 28.71 12.36
N ALA A 636 11.40 28.45 13.05
CA ALA A 636 11.32 27.34 13.99
C ALA A 636 10.22 26.33 13.67
N GLU A 637 9.45 26.54 12.60
CA GLU A 637 8.39 25.62 12.21
C GLU A 637 8.81 24.88 10.96
N LEU A 638 8.58 23.57 10.94
CA LEU A 638 8.99 22.73 9.81
C LEU A 638 8.11 22.99 8.58
N GLN A 639 6.83 23.24 8.80
CA GLN A 639 5.91 23.47 7.69
C GLN A 639 5.85 24.95 7.33
N CYS A 640 5.22 25.23 6.19
CA CYS A 640 5.03 26.58 5.74
C CYS A 640 3.86 27.23 6.48
N PRO A 641 3.81 28.57 6.53
CA PRO A 641 2.63 29.24 7.09
C PRO A 641 1.38 28.95 6.30
N GLN A 642 0.25 28.87 7.02
CA GLN A 642 -0.99 28.41 6.42
C GLN A 642 -1.92 29.58 6.12
N PRO A 643 -2.27 29.82 4.85
CA PRO A 643 -3.24 30.86 4.45
C PRO A 643 -4.68 30.33 4.32
N GLU B 5 -19.90 -42.23 -34.54
CA GLU B 5 -20.04 -40.78 -34.52
C GLU B 5 -18.69 -40.12 -34.24
N ASP B 6 -18.58 -38.83 -34.57
CA ASP B 6 -17.32 -38.10 -34.43
C ASP B 6 -17.38 -37.21 -33.19
N ILE B 7 -16.48 -37.44 -32.24
CA ILE B 7 -16.30 -36.55 -31.11
C ILE B 7 -15.33 -35.47 -31.58
N ILE B 8 -15.82 -34.22 -31.66
CA ILE B 8 -15.01 -33.15 -32.23
C ILE B 8 -13.88 -32.77 -31.27
N ALA B 9 -14.08 -32.99 -29.96
CA ALA B 9 -13.06 -32.72 -28.96
C ALA B 9 -11.84 -33.71 -29.01
N GLU B 10 -11.70 -34.59 -30.04
CA GLU B 10 -10.53 -35.35 -30.49
C GLU B 10 -9.37 -34.45 -31.04
N GLU B 11 -9.54 -33.12 -31.05
CA GLU B 11 -8.51 -32.12 -31.39
C GLU B 11 -7.28 -32.15 -30.48
N ASN B 12 -7.24 -32.98 -29.41
CA ASN B 12 -6.17 -33.01 -28.40
C ASN B 12 -5.97 -31.62 -27.80
N ILE B 13 -7.05 -31.11 -27.24
CA ILE B 13 -7.10 -29.80 -26.61
C ILE B 13 -6.30 -29.84 -25.32
N VAL B 14 -5.26 -29.03 -25.24
CA VAL B 14 -4.56 -28.76 -24.00
C VAL B 14 -5.13 -27.44 -23.50
N SER B 15 -5.95 -27.52 -22.47
CA SER B 15 -6.75 -26.39 -22.01
C SER B 15 -5.87 -25.29 -21.44
N ARG B 16 -6.35 -24.05 -21.55
CA ARG B 16 -5.63 -22.91 -21.01
C ARG B 16 -5.74 -22.90 -19.49
N SER B 17 -4.61 -22.72 -18.82
CA SER B 17 -4.57 -22.79 -17.36
C SER B 17 -3.82 -21.65 -16.68
N GLU B 18 -2.92 -20.96 -17.36
CA GLU B 18 -2.15 -19.87 -16.75
C GLU B 18 -2.95 -18.59 -16.86
N PHE B 19 -3.70 -18.25 -15.81
CA PHE B 19 -4.42 -16.97 -15.73
C PHE B 19 -3.99 -16.18 -14.49
N PRO B 20 -2.75 -15.69 -14.44
CA PRO B 20 -2.37 -14.89 -13.29
C PRO B 20 -2.97 -13.50 -13.37
N GLU B 21 -3.21 -12.91 -12.20
CA GLU B 21 -3.67 -11.54 -12.18
C GLU B 21 -2.51 -10.59 -12.40
N SER B 22 -1.30 -10.98 -11.99
CA SER B 22 -0.11 -10.21 -12.25
C SER B 22 1.06 -11.16 -12.51
N TRP B 23 1.95 -10.74 -13.39
CA TRP B 23 3.15 -11.48 -13.72
C TRP B 23 4.22 -10.49 -14.18
N LEU B 24 5.27 -11.03 -14.80
CA LEU B 24 6.43 -10.26 -15.29
C LEU B 24 7.07 -9.43 -14.18
N TRP B 25 7.24 -10.03 -13.01
CA TRP B 25 7.89 -9.37 -11.88
C TRP B 25 9.40 -9.53 -12.02
N ASN B 26 9.94 -8.83 -13.01
CA ASN B 26 11.31 -9.02 -13.47
C ASN B 26 12.15 -7.77 -13.23
N VAL B 27 13.47 -7.97 -13.26
CA VAL B 27 14.46 -6.91 -13.08
C VAL B 27 15.43 -6.98 -14.24
N GLU B 28 15.47 -5.92 -15.05
CA GLU B 28 16.35 -5.86 -16.21
C GLU B 28 17.29 -4.66 -16.09
N ASP B 29 18.52 -4.84 -16.55
CA ASP B 29 19.55 -3.82 -16.51
C ASP B 29 19.90 -3.41 -17.93
N LEU B 30 19.87 -2.10 -18.19
CA LEU B 30 20.11 -1.57 -19.53
C LEU B 30 21.62 -1.42 -19.74
N LYS B 31 22.25 -2.54 -20.08
CA LYS B 31 23.70 -2.59 -20.27
C LYS B 31 24.10 -2.33 -21.71
N GLU B 32 23.15 -2.27 -22.64
CA GLU B 32 23.45 -2.10 -24.05
C GLU B 32 24.04 -0.71 -24.30
N PRO B 33 24.93 -0.57 -25.29
CA PRO B 33 25.58 0.73 -25.53
C PRO B 33 24.59 1.77 -26.00
N PRO B 34 24.61 2.96 -25.40
CA PRO B 34 23.57 3.96 -25.70
C PRO B 34 23.74 4.61 -27.05
N LYS B 35 22.60 4.94 -27.64
CA LYS B 35 22.53 5.72 -28.88
C LYS B 35 21.81 7.02 -28.55
N ASN B 36 22.57 8.12 -28.55
CA ASN B 36 22.14 9.45 -28.07
C ASN B 36 21.64 9.39 -26.62
N GLY B 37 22.37 8.66 -25.78
CA GLY B 37 22.05 8.57 -24.37
C GLY B 37 20.89 7.66 -24.02
N ILE B 38 20.37 6.87 -24.97
CA ILE B 38 19.24 5.99 -24.74
C ILE B 38 19.66 4.57 -25.09
N SER B 39 19.64 3.69 -24.08
CA SER B 39 19.91 2.28 -24.27
C SER B 39 18.60 1.55 -24.55
N THR B 40 18.60 0.68 -25.56
CA THR B 40 17.42 -0.07 -25.96
C THR B 40 17.67 -1.54 -25.71
N LYS B 41 16.84 -2.16 -24.86
CA LYS B 41 16.94 -3.57 -24.55
C LYS B 41 15.72 -4.30 -25.10
N LEU B 42 15.95 -5.31 -25.93
CA LEU B 42 14.89 -6.13 -26.45
C LEU B 42 14.70 -7.34 -25.54
N MET B 43 13.45 -7.65 -25.21
CA MET B 43 13.13 -8.64 -24.20
C MET B 43 12.03 -9.55 -24.71
N ASN B 44 12.32 -10.85 -24.76
CA ASN B 44 11.34 -11.83 -25.23
C ASN B 44 10.55 -12.35 -24.04
N ILE B 45 9.24 -12.13 -24.06
CA ILE B 45 8.33 -12.59 -23.03
C ILE B 45 7.35 -13.57 -23.65
N PHE B 46 6.83 -14.47 -22.81
CA PHE B 46 5.80 -15.41 -23.23
C PHE B 46 4.49 -15.01 -22.55
N LEU B 47 3.52 -14.60 -23.35
CA LEU B 47 2.24 -14.14 -22.83
C LEU B 47 1.47 -15.28 -22.17
N LYS B 48 0.69 -14.92 -21.15
CA LYS B 48 -0.07 -15.92 -20.43
C LYS B 48 -1.34 -16.26 -21.19
N ASP B 49 -2.09 -17.23 -20.67
CA ASP B 49 -3.25 -17.77 -21.37
C ASP B 49 -4.47 -16.86 -21.31
N SER B 50 -4.44 -15.78 -20.55
CA SER B 50 -5.63 -14.95 -20.35
C SER B 50 -5.98 -14.17 -21.62
N ILE B 51 -7.27 -13.99 -21.83
CA ILE B 51 -7.81 -13.20 -22.94
C ILE B 51 -8.32 -11.88 -22.38
N THR B 52 -7.42 -10.89 -22.30
CA THR B 52 -7.67 -9.67 -21.57
C THR B 52 -6.73 -8.60 -22.14
N THR B 53 -6.56 -7.49 -21.43
CA THR B 53 -5.50 -6.54 -21.72
C THR B 53 -4.56 -6.50 -20.54
N TRP B 54 -3.27 -6.70 -20.80
CA TRP B 54 -2.26 -6.55 -19.77
C TRP B 54 -1.77 -5.12 -19.74
N GLU B 55 -1.61 -4.57 -18.53
CA GLU B 55 -0.96 -3.27 -18.36
C GLU B 55 0.44 -3.52 -17.82
N ILE B 56 1.45 -3.13 -18.59
CA ILE B 56 2.84 -3.35 -18.18
C ILE B 56 3.41 -2.03 -17.68
N LEU B 57 3.92 -2.04 -16.45
CA LEU B 57 4.47 -0.86 -15.81
C LEU B 57 5.94 -1.09 -15.52
N ALA B 58 6.78 -0.16 -15.99
CA ALA B 58 8.21 -0.18 -15.71
C ALA B 58 8.59 1.02 -14.85
N VAL B 59 9.50 0.77 -13.90
CA VAL B 59 10.12 1.81 -13.09
C VAL B 59 11.63 1.63 -13.21
N SER B 60 12.33 2.71 -13.53
CA SER B 60 13.78 2.65 -13.63
C SER B 60 14.42 3.41 -12.48
N MET B 61 15.62 2.98 -12.12
CA MET B 61 16.43 3.67 -11.14
C MET B 61 17.85 3.78 -11.69
N SER B 62 18.39 5.00 -11.69
CA SER B 62 19.68 5.30 -12.31
C SER B 62 20.56 6.07 -11.34
N ASP B 63 21.85 5.75 -11.33
CA ASP B 63 22.80 6.40 -10.42
C ASP B 63 22.92 7.90 -10.69
N LYS B 64 22.81 8.30 -11.95
CA LYS B 64 22.95 9.70 -12.32
C LYS B 64 21.63 10.37 -12.67
N LYS B 65 20.56 9.61 -12.91
CA LYS B 65 19.29 10.20 -13.31
C LYS B 65 18.16 10.01 -12.30
N GLY B 66 18.27 9.07 -11.37
CA GLY B 66 17.23 8.90 -10.37
C GLY B 66 16.12 7.95 -10.73
N ILE B 67 14.93 8.19 -10.20
CA ILE B 67 13.78 7.30 -10.37
C ILE B 67 12.89 7.85 -11.47
N CYS B 68 12.41 6.95 -12.35
CA CYS B 68 11.51 7.34 -13.42
C CYS B 68 10.47 6.26 -13.60
N VAL B 69 9.19 6.66 -13.53
CA VAL B 69 8.07 5.76 -13.70
C VAL B 69 7.55 5.94 -15.12
N ALA B 70 7.68 4.89 -15.93
CA ALA B 70 7.23 4.94 -17.32
C ALA B 70 5.71 5.00 -17.39
N ASP B 71 5.22 5.53 -18.52
CA ASP B 71 3.81 5.43 -18.82
C ASP B 71 3.44 3.97 -19.07
N PRO B 72 2.23 3.57 -18.69
CA PRO B 72 1.84 2.16 -18.84
C PRO B 72 1.69 1.77 -20.30
N PHE B 73 2.13 0.55 -20.61
CA PHE B 73 2.08 -0.02 -21.95
C PHE B 73 1.09 -1.18 -21.94
N GLU B 74 0.10 -1.13 -22.82
CA GLU B 74 -0.95 -2.13 -22.84
C GLU B 74 -0.75 -3.12 -23.97
N VAL B 75 -1.12 -4.39 -23.70
CA VAL B 75 -1.08 -5.50 -24.66
C VAL B 75 -2.42 -6.23 -24.56
N THR B 76 -3.20 -6.21 -25.64
CA THR B 76 -4.48 -6.93 -25.69
C THR B 76 -4.28 -8.29 -26.35
N VAL B 77 -4.81 -9.33 -25.70
CA VAL B 77 -4.68 -10.71 -26.15
C VAL B 77 -6.07 -11.25 -26.43
N MET B 78 -6.30 -11.72 -27.66
CA MET B 78 -7.64 -12.14 -28.05
C MET B 78 -7.59 -13.27 -29.07
N GLN B 79 -8.73 -13.95 -29.21
CA GLN B 79 -8.99 -14.95 -30.24
C GLN B 79 -10.40 -14.73 -30.78
N ASP B 80 -10.67 -15.31 -31.94
CA ASP B 80 -12.00 -15.17 -32.52
C ASP B 80 -13.01 -16.08 -31.84
N PHE B 81 -12.55 -17.20 -31.29
CA PHE B 81 -13.38 -18.13 -30.56
C PHE B 81 -12.66 -18.52 -29.27
N PHE B 82 -13.35 -18.40 -28.14
CA PHE B 82 -12.78 -18.78 -26.86
C PHE B 82 -13.88 -18.96 -25.83
N ILE B 83 -13.55 -19.74 -24.81
CA ILE B 83 -14.38 -19.95 -23.63
C ILE B 83 -13.97 -18.94 -22.57
N ASP B 84 -14.96 -18.38 -21.87
CA ASP B 84 -14.72 -17.64 -20.64
C ASP B 84 -15.44 -18.38 -19.53
N LEU B 85 -14.68 -19.04 -18.66
CA LEU B 85 -15.25 -19.82 -17.57
C LEU B 85 -15.49 -18.89 -16.38
N ARG B 86 -16.72 -18.40 -16.25
CA ARG B 86 -17.08 -17.48 -15.17
C ARG B 86 -17.30 -18.29 -13.90
N LEU B 87 -16.22 -18.52 -13.18
CA LEU B 87 -16.16 -19.22 -11.91
C LEU B 87 -16.26 -18.23 -10.76
N PRO B 88 -17.00 -18.56 -9.70
CA PRO B 88 -16.97 -17.72 -8.50
C PRO B 88 -15.65 -17.88 -7.75
N TYR B 89 -15.46 -17.01 -6.75
CA TYR B 89 -14.26 -17.09 -5.93
C TYR B 89 -14.26 -18.35 -5.08
N SER B 90 -15.35 -18.59 -4.36
CA SER B 90 -15.46 -19.75 -3.49
C SER B 90 -16.82 -20.39 -3.69
N VAL B 91 -16.89 -21.68 -3.36
CA VAL B 91 -18.14 -22.42 -3.29
C VAL B 91 -18.14 -23.20 -1.98
N VAL B 92 -19.28 -23.20 -1.28
CA VAL B 92 -19.43 -23.98 -0.06
C VAL B 92 -19.48 -25.46 -0.41
N ARG B 93 -18.80 -26.29 0.39
CA ARG B 93 -18.79 -27.73 0.20
C ARG B 93 -20.20 -28.31 0.30
N ASN B 94 -20.52 -29.20 -0.65
CA ASN B 94 -21.78 -29.94 -0.83
C ASN B 94 -22.96 -29.05 -1.22
N GLU B 95 -22.73 -27.78 -1.53
CA GLU B 95 -23.79 -26.89 -1.97
C GLU B 95 -23.82 -26.87 -3.51
N GLN B 96 -25.00 -27.03 -4.07
CA GLN B 96 -25.16 -27.08 -5.51
C GLN B 96 -25.19 -25.68 -6.09
N VAL B 97 -24.33 -25.43 -7.09
CA VAL B 97 -24.21 -24.13 -7.75
C VAL B 97 -24.28 -24.34 -9.26
N GLU B 98 -24.49 -23.23 -9.96
CA GLU B 98 -24.48 -23.21 -11.43
C GLU B 98 -23.39 -22.26 -11.89
N ILE B 99 -22.35 -22.81 -12.52
CA ILE B 99 -21.32 -22.01 -13.12
C ILE B 99 -21.70 -21.75 -14.57
N ARG B 100 -21.04 -20.77 -15.18
CA ARG B 100 -21.31 -20.37 -16.55
C ARG B 100 -20.01 -20.42 -17.34
N ALA B 101 -19.97 -21.24 -18.37
CA ALA B 101 -18.94 -21.17 -19.40
C ALA B 101 -19.51 -20.35 -20.54
N VAL B 102 -18.97 -19.15 -20.75
CA VAL B 102 -19.42 -18.29 -21.83
C VAL B 102 -18.52 -18.50 -23.03
N LEU B 103 -19.13 -18.78 -24.18
CA LEU B 103 -18.41 -19.08 -25.40
C LEU B 103 -18.61 -17.91 -26.36
N TYR B 104 -17.50 -17.30 -26.79
CA TYR B 104 -17.53 -16.10 -27.60
C TYR B 104 -17.20 -16.41 -29.05
N ASN B 105 -17.97 -15.82 -29.96
CA ASN B 105 -17.76 -15.97 -31.40
C ASN B 105 -17.65 -14.57 -31.99
N TYR B 106 -16.42 -14.15 -32.28
CA TYR B 106 -16.16 -12.84 -32.87
C TYR B 106 -15.88 -12.92 -34.37
N ARG B 107 -16.30 -13.99 -35.03
CA ARG B 107 -16.31 -14.03 -36.48
C ARG B 107 -17.31 -13.00 -37.01
N GLN B 108 -17.07 -12.51 -38.22
CA GLN B 108 -17.86 -11.39 -38.71
C GLN B 108 -19.24 -11.85 -39.20
N ASN B 109 -19.28 -12.87 -40.06
CA ASN B 109 -20.56 -13.33 -40.61
C ASN B 109 -20.59 -14.85 -40.71
N GLN B 110 -20.02 -15.54 -39.72
CA GLN B 110 -20.00 -17.00 -39.69
C GLN B 110 -20.67 -17.48 -38.41
N GLU B 111 -21.69 -18.32 -38.55
CA GLU B 111 -22.41 -18.88 -37.41
C GLU B 111 -21.78 -20.23 -37.04
N LEU B 112 -21.30 -20.33 -35.80
CA LEU B 112 -20.53 -21.49 -35.38
C LEU B 112 -21.41 -22.56 -34.77
N LYS B 113 -21.06 -23.82 -35.03
CA LYS B 113 -21.67 -24.99 -34.41
C LYS B 113 -20.58 -25.66 -33.58
N VAL B 114 -20.70 -25.58 -32.25
CA VAL B 114 -19.65 -25.99 -31.33
C VAL B 114 -20.12 -27.17 -30.50
N ARG B 115 -19.23 -28.13 -30.29
CA ARG B 115 -19.43 -29.23 -29.34
C ARG B 115 -18.65 -28.88 -28.08
N VAL B 116 -19.36 -28.67 -26.97
CA VAL B 116 -18.74 -28.24 -25.72
C VAL B 116 -18.99 -29.31 -24.65
N GLU B 117 -17.95 -29.61 -23.88
CA GLU B 117 -17.97 -30.71 -22.92
C GLU B 117 -17.46 -30.21 -21.57
N LEU B 118 -18.19 -30.54 -20.51
CA LEU B 118 -17.70 -30.37 -19.14
C LEU B 118 -17.01 -31.67 -18.72
N LEU B 119 -15.73 -31.56 -18.39
CA LEU B 119 -14.94 -32.74 -18.05
C LEU B 119 -15.27 -33.22 -16.64
N HIS B 120 -15.15 -34.54 -16.45
CA HIS B 120 -15.48 -35.13 -15.16
C HIS B 120 -14.37 -34.88 -14.15
N ASN B 121 -14.76 -34.54 -12.92
CA ASN B 121 -13.86 -34.43 -11.80
C ASN B 121 -14.46 -35.22 -10.65
N PRO B 122 -13.71 -36.15 -10.04
CA PRO B 122 -14.23 -36.86 -8.87
C PRO B 122 -14.49 -35.97 -7.66
N ALA B 123 -13.87 -34.78 -7.61
CA ALA B 123 -14.12 -33.80 -6.57
C ALA B 123 -15.45 -33.06 -6.74
N PHE B 124 -16.15 -33.28 -7.85
CA PHE B 124 -17.42 -32.64 -8.12
C PHE B 124 -18.47 -33.70 -8.44
N CYS B 125 -19.73 -33.33 -8.27
CA CYS B 125 -20.86 -34.16 -8.64
C CYS B 125 -21.60 -33.44 -9.75
N SER B 126 -21.56 -34.00 -10.95
CA SER B 126 -22.20 -33.40 -12.11
C SER B 126 -22.82 -34.53 -12.93
N LEU B 127 -23.32 -34.18 -14.10
CA LEU B 127 -23.77 -35.19 -15.06
C LEU B 127 -22.60 -35.92 -15.72
N ALA B 128 -21.38 -35.42 -15.58
CA ALA B 128 -20.20 -36.08 -16.11
C ALA B 128 -19.68 -37.07 -15.08
N THR B 129 -19.75 -38.36 -15.41
CA THR B 129 -19.23 -39.42 -14.56
C THR B 129 -18.01 -40.05 -15.22
N THR B 130 -17.51 -41.12 -14.62
CA THR B 130 -16.33 -41.81 -15.14
C THR B 130 -16.63 -42.58 -16.42
N LYS B 131 -17.90 -42.90 -16.69
CA LYS B 131 -18.29 -43.66 -17.87
C LYS B 131 -19.26 -42.90 -18.76
N ARG B 132 -19.55 -41.63 -18.46
CA ARG B 132 -20.47 -40.83 -19.25
C ARG B 132 -19.95 -39.41 -19.36
N ARG B 133 -19.97 -38.87 -20.58
CA ARG B 133 -19.49 -37.52 -20.84
C ARG B 133 -20.67 -36.55 -20.90
N HIS B 134 -20.40 -35.31 -20.49
CA HIS B 134 -21.41 -34.26 -20.56
C HIS B 134 -21.11 -33.35 -21.76
N GLN B 135 -21.41 -33.90 -22.94
CA GLN B 135 -21.22 -33.20 -24.20
C GLN B 135 -22.56 -32.69 -24.73
N GLN B 136 -22.50 -31.53 -25.39
CA GLN B 136 -23.66 -30.95 -26.04
C GLN B 136 -23.21 -30.08 -27.20
N THR B 137 -24.13 -29.85 -28.14
CA THR B 137 -23.86 -29.08 -29.34
C THR B 137 -24.69 -27.80 -29.29
N VAL B 138 -24.02 -26.66 -29.39
CA VAL B 138 -24.67 -25.35 -29.32
C VAL B 138 -24.36 -24.56 -30.59
N THR B 139 -25.19 -23.56 -30.85
CA THR B 139 -25.08 -22.70 -32.01
C THR B 139 -24.83 -21.27 -31.56
N ILE B 140 -23.77 -20.65 -32.06
CA ILE B 140 -23.43 -19.28 -31.70
C ILE B 140 -23.51 -18.41 -32.94
N PRO B 141 -24.42 -17.43 -32.98
CA PRO B 141 -24.48 -16.48 -34.11
C PRO B 141 -23.25 -15.60 -34.16
N PRO B 142 -22.94 -15.00 -35.31
CA PRO B 142 -21.72 -14.17 -35.41
C PRO B 142 -21.83 -12.90 -34.59
N LYS B 143 -20.67 -12.50 -34.04
CA LYS B 143 -20.51 -11.33 -33.16
C LYS B 143 -21.41 -11.41 -31.94
N SER B 144 -21.64 -12.62 -31.44
CA SER B 144 -22.49 -12.89 -30.29
C SER B 144 -21.79 -13.88 -29.37
N SER B 145 -22.40 -14.11 -28.20
CA SER B 145 -21.93 -15.12 -27.27
C SER B 145 -23.10 -15.96 -26.80
N LEU B 146 -22.76 -17.09 -26.18
CA LEU B 146 -23.77 -17.99 -25.63
C LEU B 146 -23.25 -18.54 -24.32
N SER B 147 -24.07 -18.46 -23.27
CA SER B 147 -23.72 -18.96 -21.96
C SER B 147 -24.18 -20.40 -21.81
N VAL B 148 -23.25 -21.28 -21.47
CA VAL B 148 -23.53 -22.70 -21.29
C VAL B 148 -23.57 -22.97 -19.78
N PRO B 149 -24.74 -23.18 -19.18
CA PRO B 149 -24.79 -23.44 -17.74
C PRO B 149 -24.37 -24.86 -17.42
N TYR B 150 -23.63 -25.00 -16.32
CA TYR B 150 -23.23 -26.30 -15.80
C TYR B 150 -23.58 -26.36 -14.31
N VAL B 151 -24.23 -27.44 -13.91
CA VAL B 151 -24.66 -27.65 -12.54
C VAL B 151 -23.69 -28.64 -11.90
N ILE B 152 -23.03 -28.21 -10.82
CA ILE B 152 -22.03 -29.03 -10.13
C ILE B 152 -22.26 -28.92 -8.62
N VAL B 153 -21.76 -29.93 -7.91
CA VAL B 153 -21.74 -29.96 -6.45
C VAL B 153 -20.32 -30.32 -6.00
N PRO B 154 -19.57 -29.41 -5.38
CA PRO B 154 -18.25 -29.77 -4.88
C PRO B 154 -18.33 -30.71 -3.68
N LEU B 155 -17.46 -31.71 -3.66
CA LEU B 155 -17.53 -32.78 -2.69
C LEU B 155 -16.38 -32.80 -1.69
N LYS B 156 -15.28 -32.11 -1.99
CA LYS B 156 -14.15 -32.05 -1.07
C LYS B 156 -13.59 -30.63 -1.02
N THR B 157 -13.13 -30.24 0.16
CA THR B 157 -12.64 -28.89 0.37
C THR B 157 -11.26 -28.70 -0.26
N GLY B 158 -10.86 -27.45 -0.37
CA GLY B 158 -9.56 -27.09 -0.90
C GLY B 158 -9.69 -26.49 -2.29
N LEU B 159 -8.55 -26.35 -2.94
CA LEU B 159 -8.49 -25.81 -4.30
C LEU B 159 -8.87 -26.92 -5.26
N GLN B 160 -10.08 -26.83 -5.82
CA GLN B 160 -10.55 -27.79 -6.80
C GLN B 160 -10.73 -27.14 -8.16
N GLU B 161 -10.71 -27.97 -9.19
CA GLU B 161 -10.43 -27.54 -10.55
C GLU B 161 -11.60 -27.89 -11.48
N VAL B 162 -11.94 -26.95 -12.36
CA VAL B 162 -13.03 -27.12 -13.32
C VAL B 162 -12.47 -26.88 -14.72
N GLU B 163 -12.66 -27.86 -15.61
CA GLU B 163 -12.13 -27.79 -16.98
C GLU B 163 -13.27 -27.98 -17.98
N VAL B 164 -13.34 -27.07 -18.97
CA VAL B 164 -14.36 -27.10 -20.01
C VAL B 164 -13.65 -27.02 -21.36
N LYS B 165 -13.91 -27.99 -22.22
CA LYS B 165 -13.33 -28.02 -23.56
C LYS B 165 -14.41 -27.77 -24.61
N ALA B 166 -14.00 -27.24 -25.75
CA ALA B 166 -14.91 -26.95 -26.84
C ALA B 166 -14.15 -27.02 -28.16
N ALA B 167 -14.83 -27.47 -29.21
CA ALA B 167 -14.24 -27.55 -30.54
C ALA B 167 -15.34 -27.35 -31.57
N VAL B 168 -15.07 -26.55 -32.60
CA VAL B 168 -16.12 -26.14 -33.52
C VAL B 168 -16.25 -27.13 -34.67
N TYR B 169 -17.48 -27.35 -35.12
CA TYR B 169 -17.71 -28.19 -36.28
C TYR B 169 -17.28 -27.45 -37.54
N HIS B 170 -16.65 -28.20 -38.45
CA HIS B 170 -16.27 -27.79 -39.80
C HIS B 170 -15.22 -26.68 -39.85
N HIS B 171 -14.58 -26.38 -38.72
CA HIS B 171 -13.38 -25.54 -38.70
C HIS B 171 -12.42 -26.15 -37.70
N PHE B 172 -11.13 -26.00 -37.96
CA PHE B 172 -10.12 -26.60 -37.08
C PHE B 172 -9.74 -25.67 -35.93
N ILE B 173 -10.75 -25.22 -35.18
CA ILE B 173 -10.59 -24.28 -34.08
C ILE B 173 -11.08 -24.94 -32.80
N SER B 174 -10.23 -24.92 -31.77
CA SER B 174 -10.57 -25.52 -30.49
C SER B 174 -10.10 -24.62 -29.36
N ASP B 175 -10.64 -24.86 -28.17
CA ASP B 175 -10.29 -24.08 -26.99
C ASP B 175 -10.68 -24.87 -25.74
N GLY B 176 -9.91 -24.65 -24.67
CA GLY B 176 -10.24 -25.21 -23.36
C GLY B 176 -9.79 -24.30 -22.24
N VAL B 177 -10.58 -24.21 -21.16
CA VAL B 177 -10.27 -23.38 -20.01
C VAL B 177 -10.28 -24.26 -18.77
N ARG B 178 -9.20 -24.19 -17.98
CA ARG B 178 -9.04 -24.98 -16.77
C ARG B 178 -8.72 -24.02 -15.62
N LYS B 179 -9.74 -23.48 -14.98
CA LYS B 179 -9.57 -22.63 -13.81
C LYS B 179 -9.88 -23.41 -12.53
N SER B 180 -9.70 -22.74 -11.40
CA SER B 180 -9.89 -23.37 -10.11
C SER B 180 -10.62 -22.43 -9.17
N LEU B 181 -11.43 -23.01 -8.29
CA LEU B 181 -12.09 -22.29 -7.22
C LEU B 181 -11.71 -22.88 -5.87
N LYS B 182 -11.97 -22.13 -4.81
CA LYS B 182 -11.77 -22.60 -3.45
C LYS B 182 -13.05 -23.25 -2.95
N VAL B 183 -12.92 -24.42 -2.31
CA VAL B 183 -14.06 -25.07 -1.68
C VAL B 183 -13.91 -24.90 -0.18
N VAL B 184 -14.81 -24.10 0.40
CA VAL B 184 -14.77 -23.73 1.81
C VAL B 184 -15.83 -24.56 2.53
N PRO B 185 -15.57 -25.05 3.75
CA PRO B 185 -16.59 -25.81 4.48
C PRO B 185 -17.78 -24.95 4.89
N GLU B 186 -18.82 -25.64 5.36
CA GLU B 186 -20.15 -25.06 5.54
C GLU B 186 -20.23 -24.09 6.72
N GLY B 187 -19.21 -24.03 7.56
CA GLY B 187 -19.25 -23.17 8.72
C GLY B 187 -18.99 -21.71 8.39
N ILE B 188 -18.84 -20.94 9.47
CA ILE B 188 -18.58 -19.51 9.41
C ILE B 188 -17.28 -19.25 10.17
N ARG B 189 -16.47 -18.32 9.64
CA ARG B 189 -15.24 -17.91 10.32
C ARG B 189 -15.55 -17.29 11.67
N MET B 190 -14.75 -17.66 12.67
CA MET B 190 -14.95 -17.22 14.05
C MET B 190 -13.59 -17.19 14.73
N ASN B 191 -13.41 -16.23 15.63
CA ASN B 191 -12.18 -16.14 16.40
C ASN B 191 -12.47 -16.29 17.88
N LYS B 192 -11.54 -16.95 18.58
CA LYS B 192 -11.61 -17.16 20.02
C LYS B 192 -10.28 -16.79 20.66
N THR B 193 -10.33 -16.31 21.89
CA THR B 193 -9.13 -15.91 22.63
C THR B 193 -8.58 -17.12 23.38
N VAL B 194 -7.33 -17.48 23.10
CA VAL B 194 -6.73 -18.66 23.72
C VAL B 194 -6.19 -18.31 25.10
N ALA B 195 -5.42 -17.23 25.20
CA ALA B 195 -4.78 -16.85 26.46
C ALA B 195 -4.46 -15.37 26.46
N VAL B 196 -4.58 -14.74 27.63
CA VAL B 196 -4.09 -13.38 27.89
C VAL B 196 -3.28 -13.46 29.17
N ARG B 197 -1.94 -13.50 29.03
CA ARG B 197 -1.04 -13.62 30.16
C ARG B 197 -0.14 -12.39 30.22
N THR B 198 -0.10 -11.73 31.37
CA THR B 198 0.70 -10.52 31.56
C THR B 198 2.12 -10.89 31.96
N LEU B 199 3.09 -10.35 31.21
CA LEU B 199 4.50 -10.65 31.43
C LEU B 199 5.11 -9.65 32.41
N ASP B 200 5.71 -10.15 33.48
CA ASP B 200 6.41 -9.33 34.47
C ASP B 200 7.45 -10.20 35.13
N PRO B 201 8.68 -10.24 34.58
CA PRO B 201 9.68 -11.19 35.08
C PRO B 201 10.25 -10.87 36.45
N GLU B 202 10.15 -9.62 36.92
CA GLU B 202 10.65 -9.25 38.24
C GLU B 202 9.56 -9.31 39.30
N ARG B 203 8.40 -9.85 38.97
CA ARG B 203 7.27 -10.08 39.87
C ARG B 203 6.74 -11.51 39.79
N LEU B 204 6.74 -12.12 38.60
CA LEU B 204 6.36 -13.51 38.40
C LEU B 204 7.58 -14.32 38.00
N GLY B 205 7.45 -15.64 38.06
CA GLY B 205 8.58 -16.47 37.75
C GLY B 205 9.61 -16.49 38.87
N ARG B 206 10.76 -17.08 38.56
CA ARG B 206 11.88 -17.20 39.49
C ARG B 206 13.17 -16.87 38.76
N GLU B 207 14.22 -16.60 39.55
CA GLU B 207 15.60 -16.26 39.18
C GLU B 207 15.75 -15.23 38.05
N GLY B 208 14.76 -14.35 37.86
CA GLY B 208 14.81 -13.35 36.82
C GLY B 208 14.11 -13.73 35.53
N VAL B 209 13.68 -14.97 35.38
CA VAL B 209 13.02 -15.41 34.15
C VAL B 209 11.59 -15.80 34.45
N GLN B 210 10.76 -15.78 33.41
CA GLN B 210 9.35 -16.13 33.51
C GLN B 210 8.99 -17.02 32.32
N LYS B 211 8.68 -18.28 32.60
CA LYS B 211 8.26 -19.24 31.59
C LYS B 211 6.74 -19.38 31.63
N GLU B 212 6.11 -19.21 30.48
CA GLU B 212 4.66 -19.31 30.36
C GLU B 212 4.33 -20.32 29.26
N ASP B 213 3.88 -21.50 29.66
CA ASP B 213 3.46 -22.52 28.70
C ASP B 213 2.06 -22.19 28.20
N ILE B 214 1.91 -22.10 26.89
CA ILE B 214 0.63 -21.75 26.28
C ILE B 214 -0.07 -23.05 25.88
N PRO B 215 -1.33 -23.26 26.26
CA PRO B 215 -2.05 -24.43 25.76
C PRO B 215 -2.38 -24.26 24.30
N PRO B 216 -2.57 -25.36 23.56
CA PRO B 216 -3.03 -25.23 22.17
C PRO B 216 -4.49 -24.78 22.08
N ALA B 217 -4.97 -24.59 20.85
CA ALA B 217 -6.28 -23.99 20.64
C ALA B 217 -7.39 -24.91 21.12
N ASP B 218 -8.15 -24.45 22.12
CA ASP B 218 -9.18 -25.23 22.80
C ASP B 218 -10.51 -25.22 22.07
N LEU B 219 -10.50 -25.29 20.74
CA LEU B 219 -11.74 -25.24 19.98
C LEU B 219 -12.52 -26.54 20.13
N SER B 220 -13.84 -26.42 20.22
CA SER B 220 -14.73 -27.57 20.24
C SER B 220 -15.87 -27.41 19.25
N ASP B 221 -15.92 -26.30 18.53
CA ASP B 221 -16.93 -26.02 17.52
C ASP B 221 -16.35 -26.14 16.10
N GLN B 222 -15.12 -26.61 15.98
CA GLN B 222 -14.43 -26.60 14.70
C GLN B 222 -15.02 -27.63 13.74
N VAL B 223 -15.19 -27.21 12.49
CA VAL B 223 -15.49 -28.15 11.40
C VAL B 223 -14.33 -29.13 11.28
N PRO B 224 -14.60 -30.45 11.19
CA PRO B 224 -13.49 -31.41 11.11
C PRO B 224 -12.70 -31.29 9.83
N ASP B 225 -11.37 -31.45 9.98
CA ASP B 225 -10.37 -31.34 8.91
C ASP B 225 -10.40 -29.96 8.25
N THR B 226 -10.20 -28.93 9.08
CA THR B 226 -10.09 -27.56 8.60
C THR B 226 -8.86 -26.88 9.22
N GLU B 227 -8.35 -25.88 8.52
CA GLU B 227 -7.16 -25.16 8.94
C GLU B 227 -7.50 -24.13 10.02
N SER B 228 -6.61 -24.01 11.01
CA SER B 228 -6.67 -22.95 12.00
C SER B 228 -5.33 -22.23 12.06
N GLU B 229 -5.36 -20.91 12.22
CA GLU B 229 -4.16 -20.10 12.34
C GLU B 229 -4.13 -19.45 13.71
N THR B 230 -3.03 -19.67 14.45
CA THR B 230 -2.84 -19.11 15.77
C THR B 230 -1.90 -17.90 15.68
N ARG B 231 -2.37 -16.75 16.17
CA ARG B 231 -1.62 -15.50 16.09
C ARG B 231 -1.10 -15.12 17.47
N ILE B 232 0.22 -15.06 17.61
CA ILE B 232 0.88 -14.71 18.86
C ILE B 232 1.23 -13.23 18.81
N LEU B 233 0.74 -12.47 19.78
CA LEU B 233 0.93 -11.02 19.81
C LEU B 233 1.74 -10.64 21.05
N LEU B 234 3.05 -10.51 20.89
CA LEU B 234 3.90 -9.94 21.93
C LEU B 234 3.85 -8.42 21.83
N GLN B 235 3.39 -7.77 22.90
CA GLN B 235 3.29 -6.32 22.91
C GLN B 235 3.77 -5.78 24.24
N GLY B 236 4.70 -4.83 24.20
CA GLY B 236 5.18 -4.21 25.42
C GLY B 236 4.19 -3.17 25.93
N THR B 237 3.99 -3.16 27.25
CA THR B 237 3.12 -2.17 27.88
C THR B 237 3.98 -1.05 28.42
N PRO B 238 3.97 0.14 27.83
CA PRO B 238 4.78 1.23 28.38
C PRO B 238 4.16 1.81 29.64
N VAL B 239 5.01 2.15 30.59
CA VAL B 239 4.58 2.78 31.84
C VAL B 239 5.30 4.11 31.97
N ALA B 240 4.66 5.06 32.64
CA ALA B 240 5.19 6.39 32.81
C ALA B 240 5.11 6.82 34.26
N GLN B 241 6.04 7.69 34.66
CA GLN B 241 6.02 8.28 35.99
C GLN B 241 5.80 9.78 35.88
N MET B 242 5.17 10.34 36.91
CA MET B 242 4.90 11.77 36.94
C MET B 242 6.17 12.54 37.25
N THR B 243 6.43 13.59 36.48
CA THR B 243 7.54 14.50 36.75
C THR B 243 7.00 15.92 36.86
N GLU B 244 7.62 16.71 37.73
CA GLU B 244 7.21 18.09 37.91
C GLU B 244 7.70 18.94 36.75
N ASP B 245 6.86 19.89 36.34
CA ASP B 245 7.16 20.73 35.19
C ASP B 245 8.30 21.70 35.50
N ALA B 246 9.04 22.07 34.47
CA ALA B 246 10.09 23.06 34.59
C ALA B 246 9.49 24.45 34.75
N VAL B 247 10.30 25.37 35.27
CA VAL B 247 9.87 26.76 35.43
C VAL B 247 9.77 27.41 34.06
N ASP B 248 8.68 28.14 33.84
CA ASP B 248 8.45 28.83 32.57
C ASP B 248 9.52 29.89 32.35
N ALA B 249 10.12 29.88 31.16
CA ALA B 249 11.23 30.76 30.84
C ALA B 249 10.82 32.22 30.70
N GLU B 250 9.51 32.51 30.58
CA GLU B 250 9.05 33.88 30.57
C GLU B 250 9.25 34.55 31.93
N ARG B 251 9.24 33.78 33.01
CA ARG B 251 9.53 34.30 34.33
C ARG B 251 11.02 34.48 34.59
N LEU B 252 11.88 34.02 33.69
CA LEU B 252 13.32 34.06 33.88
C LEU B 252 14.02 35.02 32.93
N LYS B 253 13.28 35.91 32.27
CA LYS B 253 13.88 36.81 31.29
C LYS B 253 14.75 37.89 31.93
N HIS B 254 14.57 38.15 33.22
CA HIS B 254 15.31 39.18 33.93
C HIS B 254 16.66 38.71 34.43
N LEU B 255 17.06 37.48 34.16
CA LEU B 255 18.33 36.96 34.64
C LEU B 255 19.48 37.21 33.67
N ILE B 256 19.22 37.80 32.52
CA ILE B 256 20.27 38.13 31.55
C ILE B 256 20.82 39.48 31.94
N VAL B 257 21.99 39.47 32.59
CA VAL B 257 22.57 40.64 33.22
C VAL B 257 23.95 40.87 32.64
N THR B 258 24.25 42.12 32.27
CA THR B 258 25.58 42.52 31.86
C THR B 258 26.47 42.68 33.09
N PRO B 259 27.48 41.83 33.27
CA PRO B 259 28.31 41.90 34.49
C PRO B 259 29.29 43.06 34.47
N SER B 260 29.37 43.75 35.61
CA SER B 260 30.25 44.92 35.75
C SER B 260 30.67 45.05 37.20
N GLY B 261 31.58 45.98 37.45
CA GLY B 261 32.05 46.26 38.79
C GLY B 261 33.40 45.62 39.09
N CYS B 262 33.70 45.55 40.39
CA CYS B 262 34.97 45.02 40.85
C CYS B 262 34.87 43.51 41.05
N GLY B 263 35.80 42.93 41.82
CA GLY B 263 35.95 41.48 41.89
C GLY B 263 34.79 40.75 42.55
N GLU B 264 34.02 41.44 43.38
CA GLU B 264 32.79 40.89 43.93
C GLU B 264 31.55 41.30 43.15
N GLU B 265 31.51 42.53 42.62
CA GLU B 265 30.34 42.99 41.87
C GLU B 265 30.24 42.31 40.51
N ASN B 266 31.37 41.90 39.94
CA ASN B 266 31.35 41.22 38.64
C ASN B 266 30.71 39.84 38.76
N MET B 267 30.98 39.13 39.85
CA MET B 267 30.36 37.82 40.09
C MET B 267 28.88 37.95 40.42
N ILE B 268 28.44 39.11 40.90
CA ILE B 268 27.02 39.31 41.16
C ILE B 268 26.25 39.39 39.84
N GLY B 269 26.81 40.06 38.84
CA GLY B 269 26.17 40.11 37.54
C GLY B 269 26.40 38.88 36.69
N MET B 270 27.51 38.18 36.94
CA MET B 270 27.82 36.97 36.17
C MET B 270 26.97 35.79 36.60
N THR B 271 26.54 35.76 37.87
CA THR B 271 25.78 34.64 38.40
C THR B 271 24.44 34.38 37.71
N PRO B 272 23.50 35.34 37.55
CA PRO B 272 22.22 34.96 36.96
C PRO B 272 22.26 34.70 35.47
N THR B 273 23.35 35.08 34.78
CA THR B 273 23.45 34.81 33.36
C THR B 273 24.04 33.43 33.09
N VAL B 274 25.02 33.00 33.89
CA VAL B 274 25.55 31.65 33.75
C VAL B 274 24.52 30.60 34.15
N ILE B 275 23.79 30.85 35.24
CA ILE B 275 22.80 29.89 35.71
C ILE B 275 21.53 29.88 34.85
N ALA B 276 21.22 30.97 34.13
CA ALA B 276 20.05 30.92 33.26
C ALA B 276 20.34 30.14 31.99
N VAL B 277 21.52 30.34 31.40
CA VAL B 277 21.92 29.59 30.21
C VAL B 277 22.04 28.11 30.54
N HIS B 278 22.58 27.79 31.72
CA HIS B 278 22.73 26.40 32.14
C HIS B 278 21.38 25.73 32.36
N TYR B 279 20.41 26.45 32.94
CA TYR B 279 19.08 25.89 33.14
C TYR B 279 18.30 25.82 31.84
N LEU B 280 18.43 26.82 30.97
CA LEU B 280 17.67 26.79 29.72
C LEU B 280 18.28 25.83 28.70
N ASP B 281 19.57 25.53 28.80
CA ASP B 281 20.15 24.51 27.93
C ASP B 281 19.69 23.11 28.33
N GLU B 282 19.52 22.87 29.64
CA GLU B 282 19.10 21.56 30.10
C GLU B 282 17.61 21.32 29.83
N THR B 283 16.78 22.35 30.04
CA THR B 283 15.34 22.19 29.82
C THR B 283 14.95 22.38 28.37
N GLU B 284 15.85 22.93 27.55
CA GLU B 284 15.66 23.20 26.12
C GLU B 284 14.42 24.06 25.86
N GLN B 285 14.32 25.15 26.63
CA GLN B 285 13.23 26.11 26.50
C GLN B 285 13.59 27.30 25.62
N TRP B 286 14.68 27.21 24.85
CA TRP B 286 15.11 28.32 24.00
C TRP B 286 14.16 28.57 22.84
N GLU B 287 13.38 27.55 22.43
CA GLU B 287 12.42 27.74 21.36
C GLU B 287 11.26 28.63 21.80
N LYS B 288 10.79 28.46 23.03
CA LYS B 288 9.71 29.26 23.59
C LYS B 288 10.22 30.54 24.25
N PHE B 289 11.54 30.77 24.27
CA PHE B 289 12.14 31.95 24.85
C PHE B 289 12.76 32.88 23.83
N GLY B 290 13.26 32.35 22.72
CA GLY B 290 13.96 33.15 21.74
C GLY B 290 15.33 32.57 21.48
N LEU B 291 15.49 31.89 20.33
CA LEU B 291 16.75 31.26 20.00
C LEU B 291 17.85 32.26 19.72
N GLU B 292 17.48 33.45 19.25
CA GLU B 292 18.46 34.50 18.95
C GLU B 292 19.10 35.05 20.22
N LYS B 293 18.40 34.97 21.36
CA LYS B 293 18.91 35.53 22.61
C LYS B 293 19.99 34.67 23.26
N ARG B 294 20.21 33.44 22.76
CA ARG B 294 21.19 32.55 23.39
C ARG B 294 22.61 33.04 23.17
N GLN B 295 22.91 33.56 21.98
CA GLN B 295 24.27 33.97 21.69
C GLN B 295 24.63 35.28 22.39
N GLY B 296 23.65 36.14 22.65
CA GLY B 296 23.95 37.40 23.33
C GLY B 296 24.26 37.22 24.79
N ALA B 297 23.56 36.31 25.47
CA ALA B 297 23.86 35.98 26.85
C ALA B 297 25.17 35.20 26.96
N LEU B 298 25.52 34.44 25.92
CA LEU B 298 26.79 33.72 25.88
C LEU B 298 27.97 34.68 25.83
N GLU B 299 27.81 35.84 25.18
CA GLU B 299 28.88 36.84 25.18
C GLU B 299 28.97 37.58 26.50
N LEU B 300 27.85 37.67 27.23
CA LEU B 300 27.88 38.24 28.57
C LEU B 300 28.57 37.32 29.56
N ILE B 301 28.48 36.00 29.34
CA ILE B 301 29.22 35.05 30.17
C ILE B 301 30.72 35.16 29.89
N LYS B 302 31.09 35.32 28.61
CA LYS B 302 32.48 35.57 28.26
C LYS B 302 32.96 36.92 28.80
N LYS B 303 32.07 37.90 28.84
CA LYS B 303 32.40 39.20 29.44
C LYS B 303 32.58 39.09 30.94
N GLY B 304 31.86 38.17 31.58
CA GLY B 304 32.04 37.96 33.01
C GLY B 304 33.35 37.29 33.34
N TYR B 305 33.72 36.26 32.57
CA TYR B 305 34.99 35.57 32.79
C TYR B 305 36.18 36.44 32.43
N THR B 306 36.02 37.34 31.46
CA THR B 306 37.12 38.21 31.05
C THR B 306 37.45 39.24 32.14
N GLN B 307 36.42 39.86 32.71
CA GLN B 307 36.62 40.90 33.70
C GLN B 307 36.89 40.35 35.09
N GLN B 308 36.66 39.05 35.33
CA GLN B 308 36.97 38.44 36.62
C GLN B 308 38.45 38.11 36.74
N LEU B 309 39.13 37.86 35.62
CA LEU B 309 40.57 37.60 35.65
C LEU B 309 41.38 38.86 35.97
N ALA B 310 40.79 40.05 35.80
CA ALA B 310 41.44 41.29 36.21
C ALA B 310 41.55 41.41 37.73
N PHE B 311 40.72 40.68 38.48
CA PHE B 311 40.78 40.68 39.92
C PHE B 311 41.26 39.35 40.48
N ARG B 312 41.71 38.44 39.62
CA ARG B 312 42.43 37.25 40.08
C ARG B 312 43.82 37.66 40.54
N GLN B 313 44.10 37.45 41.81
CA GLN B 313 45.40 37.78 42.37
C GLN B 313 46.46 36.82 41.81
N PRO B 314 47.74 37.26 41.76
CA PRO B 314 48.79 36.38 41.23
C PRO B 314 49.07 35.14 42.07
N SER B 315 48.57 35.06 43.30
CA SER B 315 48.62 33.86 44.13
C SER B 315 47.48 32.87 43.83
N SER B 316 46.85 33.01 42.66
CA SER B 316 45.73 32.17 42.19
C SER B 316 44.57 32.18 43.16
N ALA B 317 44.30 33.35 43.74
CA ALA B 317 43.20 33.54 44.66
C ALA B 317 42.35 34.70 44.20
N PHE B 318 41.22 34.92 44.87
CA PHE B 318 40.26 35.92 44.44
C PHE B 318 39.91 36.86 45.59
N ALA B 319 39.96 38.16 45.31
CA ALA B 319 39.59 39.19 46.25
C ALA B 319 38.80 40.26 45.51
N ALA B 320 38.22 41.19 46.27
CA ALA B 320 37.42 42.23 45.65
C ALA B 320 38.27 43.25 44.91
N PHE B 321 39.48 43.52 45.39
CA PHE B 321 40.42 44.39 44.71
C PHE B 321 41.75 43.64 44.55
N VAL B 322 42.65 44.24 43.76
CA VAL B 322 43.98 43.65 43.61
C VAL B 322 44.82 43.86 44.87
N LYS B 323 44.44 44.82 45.72
CA LYS B 323 45.11 45.08 46.98
C LYS B 323 44.34 44.54 48.17
N ARG B 324 43.26 43.81 47.95
CA ARG B 324 42.45 43.23 49.01
C ARG B 324 42.95 41.83 49.36
N ALA B 325 42.82 41.48 50.65
CA ALA B 325 43.15 40.14 51.12
C ALA B 325 42.25 39.10 50.48
N PRO B 326 42.78 37.90 50.20
CA PRO B 326 41.95 36.87 49.55
C PRO B 326 40.97 36.22 50.51
N SER B 327 39.88 35.71 49.93
CA SER B 327 38.80 35.11 50.69
C SER B 327 38.78 33.60 50.49
N THR B 328 38.33 32.90 51.53
CA THR B 328 38.06 31.47 51.39
C THR B 328 36.72 31.23 50.72
N TRP B 329 35.73 32.09 51.01
CA TRP B 329 34.41 31.93 50.41
C TRP B 329 34.41 32.35 48.94
N LEU B 330 34.98 33.53 48.64
CA LEU B 330 34.89 34.07 47.29
C LEU B 330 35.72 33.27 46.31
N THR B 331 36.87 32.76 46.74
CA THR B 331 37.65 31.85 45.91
C THR B 331 36.90 30.56 45.66
N ALA B 332 36.24 30.02 46.70
CA ALA B 332 35.42 28.82 46.52
C ALA B 332 34.19 29.09 45.66
N TYR B 333 33.67 30.32 45.69
CA TYR B 333 32.50 30.61 44.86
C TYR B 333 32.87 30.84 43.40
N VAL B 334 34.07 31.36 43.12
CA VAL B 334 34.52 31.45 41.74
C VAL B 334 34.76 30.05 41.18
N VAL B 335 35.26 29.14 42.01
CA VAL B 335 35.38 27.74 41.63
C VAL B 335 34.01 27.12 41.36
N LYS B 336 33.01 27.52 42.15
CA LYS B 336 31.66 26.99 41.96
C LYS B 336 30.99 27.50 40.68
N VAL B 337 31.27 28.74 40.28
CA VAL B 337 30.66 29.29 39.07
C VAL B 337 31.44 28.88 37.83
N PHE B 338 32.78 28.90 37.90
CA PHE B 338 33.58 28.60 36.72
C PHE B 338 33.48 27.12 36.33
N SER B 339 33.28 26.24 37.30
CA SER B 339 33.14 24.80 37.00
C SER B 339 31.85 24.51 36.26
N LEU B 340 30.75 25.14 36.68
CA LEU B 340 29.49 25.01 35.97
C LEU B 340 29.52 25.76 34.63
N ALA B 341 30.45 26.69 34.46
CA ALA B 341 30.55 27.43 33.21
C ALA B 341 31.34 26.70 32.14
N VAL B 342 32.14 25.69 32.53
CA VAL B 342 33.00 24.96 31.58
C VAL B 342 32.16 24.22 30.52
N ASN B 343 30.98 23.73 30.93
CA ASN B 343 30.09 23.00 30.04
C ASN B 343 29.55 23.84 28.88
N LEU B 344 29.55 25.17 29.01
CA LEU B 344 29.14 26.05 27.92
C LEU B 344 30.28 26.82 27.28
N ILE B 345 31.19 27.40 28.05
CA ILE B 345 32.33 28.17 27.53
C ILE B 345 33.56 27.83 28.36
N ALA B 346 34.68 27.54 27.68
CA ALA B 346 35.95 27.32 28.36
C ALA B 346 37.03 28.20 27.74
N ILE B 347 37.97 28.65 28.57
CA ILE B 347 39.16 29.36 28.08
C ILE B 347 40.40 28.76 28.74
N ASP B 348 40.46 28.83 30.07
CA ASP B 348 41.64 28.40 30.81
C ASP B 348 41.22 27.53 31.98
N SER B 349 41.86 26.37 32.12
CA SER B 349 41.59 25.44 33.21
C SER B 349 42.53 25.60 34.38
N GLN B 350 43.72 26.17 34.18
CA GLN B 350 44.65 26.39 35.29
C GLN B 350 44.21 27.51 36.22
N VAL B 351 43.26 28.35 35.79
CA VAL B 351 42.68 29.32 36.69
C VAL B 351 41.76 28.62 37.69
N LEU B 352 40.98 27.65 37.21
CA LEU B 352 40.08 26.90 38.09
C LEU B 352 40.87 26.00 39.05
N CYS B 353 41.86 25.28 38.53
CA CYS B 353 42.66 24.39 39.37
C CYS B 353 43.66 25.15 40.22
N GLY B 354 44.06 26.35 39.79
CA GLY B 354 44.93 27.16 40.62
C GLY B 354 44.24 27.71 41.84
N ALA B 355 42.93 27.97 41.73
CA ALA B 355 42.17 28.40 42.89
C ALA B 355 41.89 27.25 43.84
N VAL B 356 41.75 26.02 43.32
CA VAL B 356 41.62 24.84 44.16
C VAL B 356 42.96 24.50 44.82
N LYS B 357 44.08 24.76 44.13
CA LYS B 357 45.40 24.53 44.69
C LYS B 357 45.71 25.49 45.83
N TRP B 358 45.23 26.73 45.75
CA TRP B 358 45.35 27.66 46.86
C TRP B 358 44.38 27.35 48.00
N LEU B 359 43.21 26.76 47.68
CA LEU B 359 42.16 26.53 48.66
C LEU B 359 42.52 25.45 49.68
N ILE B 360 43.54 24.65 49.39
CA ILE B 360 43.98 23.58 50.28
C ILE B 360 45.29 23.91 50.98
N LEU B 361 46.19 24.63 50.32
CA LEU B 361 47.47 24.95 50.92
C LEU B 361 47.32 25.97 52.05
N GLU B 362 46.41 26.94 51.90
CA GLU B 362 46.32 28.05 52.84
C GLU B 362 45.11 27.99 53.76
N LYS B 363 44.00 27.40 53.33
CA LYS B 363 42.75 27.44 54.08
C LYS B 363 42.24 26.05 54.46
N GLN B 364 43.15 25.08 54.59
CA GLN B 364 42.78 23.74 55.05
C GLN B 364 43.62 23.38 56.27
N LYS B 365 43.01 23.50 57.45
CA LYS B 365 43.57 22.88 58.63
C LYS B 365 43.46 21.36 58.49
N PRO B 366 44.35 20.60 59.15
CA PRO B 366 44.23 19.13 59.12
C PRO B 366 42.99 18.59 59.84
N ASP B 367 42.28 19.42 60.62
CA ASP B 367 40.96 19.09 61.13
C ASP B 367 39.92 18.91 60.02
N GLY B 368 40.17 19.49 58.84
CA GLY B 368 39.21 19.49 57.76
C GLY B 368 38.32 20.71 57.72
N VAL B 369 38.61 21.72 58.53
CA VAL B 369 37.76 22.89 58.69
C VAL B 369 38.21 23.97 57.70
N PHE B 370 37.26 24.52 56.97
CA PHE B 370 37.47 25.73 56.20
C PHE B 370 37.04 26.92 57.06
N GLN B 371 37.98 27.83 57.33
CA GLN B 371 37.71 29.02 58.11
C GLN B 371 37.83 30.26 57.23
N GLU B 372 36.93 31.22 57.45
CA GLU B 372 36.83 32.44 56.65
C GLU B 372 37.54 33.57 57.37
N ASP B 373 38.50 34.20 56.68
CA ASP B 373 39.12 35.43 57.17
C ASP B 373 38.24 36.65 56.95
N ALA B 374 37.12 36.48 56.25
CA ALA B 374 36.07 37.44 55.87
C ALA B 374 36.57 38.72 55.20
N PRO B 375 37.14 38.68 53.97
CA PRO B 375 37.24 39.93 53.22
C PRO B 375 36.18 40.05 52.16
N VAL B 376 35.08 39.32 52.34
CA VAL B 376 33.95 39.43 51.44
C VAL B 376 33.23 40.74 51.76
N ILE B 377 33.39 41.72 50.88
CA ILE B 377 32.84 43.05 51.11
C ILE B 377 31.32 43.04 50.94
N HIS B 378 30.82 42.29 49.97
CA HIS B 378 29.38 42.10 49.80
C HIS B 378 28.94 40.92 50.66
N GLN B 379 28.18 41.20 51.72
CA GLN B 379 27.52 40.15 52.49
C GLN B 379 26.25 39.63 51.81
N GLU B 380 25.89 40.21 50.67
CA GLU B 380 24.72 39.79 49.91
C GLU B 380 24.94 38.43 49.28
N MET B 381 26.12 38.22 48.69
CA MET B 381 26.39 37.01 47.94
C MET B 381 26.54 35.79 48.85
N ILE B 382 26.79 36.00 50.14
CA ILE B 382 27.11 34.92 51.07
C ILE B 382 25.91 33.99 51.24
N GLY B 383 24.72 34.55 51.33
CA GLY B 383 23.52 33.72 51.40
C GLY B 383 23.32 33.22 52.81
N GLY B 384 22.98 31.93 52.94
CA GLY B 384 22.67 31.35 54.23
C GLY B 384 23.86 31.20 55.16
N LEU B 385 25.09 31.29 54.64
CA LEU B 385 26.27 31.23 55.48
C LEU B 385 26.41 32.47 56.36
N ARG B 386 25.84 33.59 55.92
CA ARG B 386 25.73 34.78 56.75
C ARG B 386 24.58 34.59 57.73
N ASN B 387 24.80 35.03 58.98
CA ASN B 387 23.85 34.92 60.10
C ASN B 387 23.49 33.46 60.35
N ASN B 388 24.52 32.64 60.53
CA ASN B 388 24.38 31.22 60.82
C ASN B 388 24.99 30.95 62.18
N ASN B 389 24.27 30.20 63.02
CA ASN B 389 24.76 29.84 64.34
C ASN B 389 25.98 28.92 64.24
N GLU B 390 25.86 27.85 63.46
CA GLU B 390 26.99 26.97 63.17
C GLU B 390 27.64 27.38 61.84
N LYS B 391 28.21 28.59 61.87
CA LYS B 391 28.89 29.15 60.71
C LYS B 391 30.20 28.42 60.39
N ASP B 392 30.74 27.68 61.36
CA ASP B 392 31.93 26.88 61.14
C ASP B 392 31.62 25.65 60.29
N MET B 393 30.54 24.93 60.62
CA MET B 393 30.22 23.70 59.90
C MET B 393 29.61 23.98 58.53
N ALA B 394 28.82 25.06 58.41
CA ALA B 394 28.16 25.37 57.15
C ALA B 394 29.15 25.84 56.09
N LEU B 395 30.29 26.40 56.49
CA LEU B 395 31.29 26.85 55.53
C LEU B 395 32.17 25.70 55.06
N THR B 396 32.47 24.76 55.96
CA THR B 396 33.18 23.54 55.59
C THR B 396 32.40 22.75 54.54
N ALA B 397 31.06 22.76 54.67
CA ALA B 397 30.21 22.14 53.66
C ALA B 397 30.19 22.93 52.36
N PHE B 398 30.29 24.26 52.42
CA PHE B 398 30.20 25.08 51.21
C PHE B 398 31.44 24.92 50.33
N VAL B 399 32.62 24.97 50.94
CA VAL B 399 33.85 24.88 50.16
C VAL B 399 34.06 23.46 49.65
N LEU B 400 33.57 22.45 50.39
CA LEU B 400 33.68 21.07 49.96
C LEU B 400 32.87 20.81 48.69
N ILE B 401 31.70 21.43 48.56
CA ILE B 401 30.89 21.31 47.36
C ILE B 401 31.58 21.99 46.17
N SER B 402 32.31 23.08 46.44
CA SER B 402 33.06 23.76 45.39
C SER B 402 34.20 22.91 44.87
N LEU B 403 34.80 22.09 45.74
CA LEU B 403 35.90 21.23 45.32
C LEU B 403 35.43 20.09 44.43
N GLN B 404 34.16 19.69 44.55
CA GLN B 404 33.66 18.55 43.77
C GLN B 404 33.17 18.92 42.39
N GLU B 405 32.70 20.16 42.21
CA GLU B 405 32.37 20.63 40.87
C GLU B 405 33.61 20.81 40.02
N ALA B 406 34.77 21.01 40.64
CA ALA B 406 36.05 21.07 39.95
C ALA B 406 36.92 19.84 40.20
N LYS B 407 36.37 18.77 40.78
CA LYS B 407 37.18 17.58 41.01
C LYS B 407 37.39 16.78 39.73
N ASP B 408 36.35 16.66 38.91
CA ASP B 408 36.46 15.93 37.64
C ASP B 408 37.29 16.68 36.60
N ILE B 409 37.64 17.94 36.84
CA ILE B 409 38.39 18.74 35.88
C ILE B 409 39.82 18.90 36.37
N CYS B 410 39.98 18.93 37.69
CA CYS B 410 41.28 19.16 38.31
C CYS B 410 41.76 17.92 39.08
N GLU B 411 41.59 16.73 38.51
CA GLU B 411 42.04 15.52 39.20
C GLU B 411 43.54 15.30 39.03
N GLU B 412 44.08 15.56 37.84
CA GLU B 412 45.51 15.45 37.57
C GLU B 412 46.29 16.69 38.02
N GLN B 413 45.67 17.87 37.96
CA GLN B 413 46.38 19.10 38.32
C GLN B 413 46.61 19.19 39.82
N VAL B 414 45.57 18.97 40.62
CA VAL B 414 45.66 19.00 42.08
C VAL B 414 45.56 17.57 42.56
N ASN B 415 46.71 16.96 42.85
CA ASN B 415 46.73 15.59 43.33
C ASN B 415 46.44 15.49 44.82
N SER B 416 46.48 16.61 45.55
CA SER B 416 46.19 16.64 46.97
C SER B 416 44.72 16.97 47.26
N LEU B 417 43.88 17.00 46.24
CA LEU B 417 42.45 17.28 46.39
C LEU B 417 41.66 16.14 47.08
N PRO B 418 41.87 14.84 46.79
CA PRO B 418 41.13 13.82 47.57
C PRO B 418 41.56 13.70 49.02
N GLY B 419 42.70 14.26 49.41
CA GLY B 419 43.10 14.28 50.79
C GLY B 419 42.31 15.28 51.60
N SER B 420 42.13 16.49 51.06
CA SER B 420 41.36 17.51 51.75
C SER B 420 39.86 17.21 51.74
N ILE B 421 39.40 16.48 50.73
CA ILE B 421 38.00 16.09 50.65
C ILE B 421 37.66 15.09 51.74
N THR B 422 38.53 14.09 51.95
CA THR B 422 38.34 13.11 53.01
C THR B 422 38.46 13.76 54.39
N LYS B 423 39.37 14.74 54.54
CA LYS B 423 39.50 15.45 55.80
C LYS B 423 38.29 16.34 56.08
N ALA B 424 37.74 16.97 55.04
CA ALA B 424 36.53 17.77 55.22
C ALA B 424 35.32 16.90 55.49
N GLY B 425 35.27 15.71 54.89
CA GLY B 425 34.19 14.78 55.18
C GLY B 425 34.27 14.17 56.56
N ASP B 426 35.48 14.07 57.12
CA ASP B 426 35.64 13.53 58.47
C ASP B 426 35.14 14.51 59.52
N PHE B 427 35.32 15.81 59.26
CA PHE B 427 34.84 16.81 60.20
C PHE B 427 33.32 16.93 60.19
N LEU B 428 32.70 16.66 59.04
CA LEU B 428 31.26 16.84 58.94
C LEU B 428 30.50 15.75 59.68
N GLU B 429 30.98 14.50 59.62
CA GLU B 429 30.25 13.38 60.21
C GLU B 429 30.25 13.42 61.73
N ALA B 430 31.28 14.02 62.34
CA ALA B 430 31.37 14.04 63.79
C ALA B 430 30.35 14.99 64.41
N ASN B 431 30.19 16.18 63.83
CA ASN B 431 29.28 17.18 64.36
C ASN B 431 28.02 17.32 63.51
N TYR B 432 27.65 16.27 62.76
CA TYR B 432 26.41 16.30 61.99
C TYR B 432 25.21 16.08 62.89
N MET B 433 25.33 15.17 63.87
CA MET B 433 24.25 14.82 64.77
C MET B 433 24.07 15.82 65.92
N ASN B 434 24.85 16.92 65.91
CA ASN B 434 24.75 17.95 66.93
C ASN B 434 24.25 19.29 66.37
N LEU B 435 23.95 19.35 65.08
CA LEU B 435 23.45 20.59 64.49
C LEU B 435 21.98 20.79 64.82
N GLN B 436 21.59 22.06 64.94
CA GLN B 436 20.21 22.43 65.23
C GLN B 436 19.62 23.40 64.22
N ARG B 437 20.36 23.76 63.17
CA ARG B 437 19.88 24.66 62.13
C ARG B 437 19.56 23.85 60.88
N SER B 438 18.39 24.11 60.28
CA SER B 438 17.98 23.40 59.08
C SER B 438 18.84 23.74 57.87
N TYR B 439 19.46 24.92 57.85
CA TYR B 439 20.35 25.26 56.73
C TYR B 439 21.63 24.45 56.79
N THR B 440 22.18 24.23 57.99
CA THR B 440 23.46 23.54 58.11
C THR B 440 23.31 22.06 57.79
N VAL B 441 22.19 21.45 58.19
CA VAL B 441 21.92 20.06 57.86
C VAL B 441 21.60 19.91 56.37
N ALA B 442 21.10 20.97 55.72
CA ALA B 442 20.81 20.88 54.30
C ALA B 442 22.07 20.99 53.45
N ILE B 443 22.94 21.96 53.74
CA ILE B 443 24.12 22.14 52.90
C ILE B 443 25.18 21.07 53.19
N ALA B 444 25.27 20.59 54.43
CA ALA B 444 26.11 19.44 54.75
C ALA B 444 25.38 18.13 54.58
N GLY B 445 24.14 18.15 54.11
CA GLY B 445 23.45 16.96 53.67
C GLY B 445 23.72 16.70 52.21
N TYR B 446 23.94 17.76 51.44
CA TYR B 446 24.44 17.61 50.09
C TYR B 446 25.95 17.42 50.06
N ALA B 447 26.68 18.03 51.01
CA ALA B 447 28.14 17.89 51.06
C ALA B 447 28.59 16.51 51.48
N LEU B 448 27.72 15.72 52.11
CA LEU B 448 28.04 14.34 52.48
C LEU B 448 27.37 13.32 51.57
N ALA B 449 26.39 13.74 50.78
CA ALA B 449 25.81 12.86 49.77
C ALA B 449 26.57 12.91 48.46
N GLN B 450 27.27 14.01 48.17
CA GLN B 450 28.16 14.06 47.02
C GLN B 450 29.34 13.10 47.25
N MET B 451 29.52 12.17 46.32
CA MET B 451 30.48 11.05 46.25
C MET B 451 31.00 10.49 47.58
N GLY B 452 30.17 10.50 48.62
CA GLY B 452 30.62 10.21 49.96
C GLY B 452 29.54 9.51 50.77
N ARG B 453 29.74 9.42 52.07
CA ARG B 453 28.86 8.61 52.90
C ARG B 453 28.17 9.48 53.94
N LEU B 454 26.86 9.33 54.03
CA LEU B 454 26.11 9.74 55.20
C LEU B 454 25.60 8.48 55.85
N LYS B 455 25.77 8.37 57.17
CA LYS B 455 25.37 7.14 57.85
C LYS B 455 23.85 7.08 57.95
N GLY B 456 23.37 5.89 58.34
CA GLY B 456 21.97 5.64 58.61
C GLY B 456 21.27 6.62 59.53
N PRO B 457 21.87 6.92 60.69
CA PRO B 457 21.36 8.04 61.49
C PRO B 457 21.54 9.41 60.83
N LEU B 458 22.59 9.60 60.02
CA LEU B 458 22.80 10.90 59.40
C LEU B 458 21.79 11.14 58.26
N LEU B 459 21.47 10.08 57.51
CA LEU B 459 20.40 10.17 56.52
C LEU B 459 19.04 10.34 57.18
N ASN B 460 18.84 9.72 58.36
CA ASN B 460 17.58 9.88 59.08
C ASN B 460 17.43 11.29 59.62
N LYS B 461 18.53 11.89 60.11
CA LYS B 461 18.46 13.27 60.58
C LYS B 461 18.28 14.24 59.41
N PHE B 462 18.80 13.89 58.23
CA PHE B 462 18.62 14.72 57.05
C PHE B 462 17.17 14.71 56.56
N LEU B 463 16.49 13.57 56.68
CA LEU B 463 15.10 13.46 56.23
C LEU B 463 14.10 13.93 57.29
N THR B 464 14.41 13.78 58.58
CA THR B 464 13.48 14.20 59.63
C THR B 464 13.56 15.68 59.95
N THR B 465 14.60 16.39 59.50
CA THR B 465 14.65 17.84 59.67
C THR B 465 13.88 18.57 58.58
N ALA B 466 13.33 17.85 57.61
CA ALA B 466 12.43 18.42 56.62
C ALA B 466 11.06 18.57 57.27
N LYS B 467 10.71 19.80 57.65
CA LYS B 467 9.39 20.07 58.22
C LYS B 467 8.32 19.95 57.14
N ASP B 468 7.24 19.22 57.47
CA ASP B 468 6.17 18.77 56.58
C ASP B 468 6.67 17.85 55.44
N LYS B 469 7.88 17.27 55.63
CA LYS B 469 8.50 16.29 54.72
C LYS B 469 8.62 16.80 53.29
N ASN B 470 8.94 18.09 53.14
CA ASN B 470 8.97 18.71 51.82
C ASN B 470 9.90 19.91 51.75
N ARG B 471 10.19 20.55 52.88
CA ARG B 471 10.95 21.79 52.86
C ARG B 471 11.90 21.84 54.05
N TRP B 472 12.96 22.63 53.88
CA TRP B 472 13.97 22.86 54.92
C TRP B 472 13.86 24.32 55.33
N GLU B 473 13.44 24.57 56.56
CA GLU B 473 13.10 25.92 56.98
C GLU B 473 13.67 26.20 58.37
N ASP B 474 14.14 27.42 58.56
CA ASP B 474 14.73 27.90 59.80
C ASP B 474 14.34 29.35 59.98
N PRO B 475 14.31 29.86 61.21
CA PRO B 475 14.13 31.32 61.41
C PRO B 475 15.24 32.12 60.75
N GLY B 476 14.83 33.10 59.95
CA GLY B 476 15.75 33.87 59.14
C GLY B 476 15.06 34.29 57.86
N LYS B 477 15.84 34.95 57.02
CA LYS B 477 15.34 35.38 55.70
C LYS B 477 15.06 34.17 54.83
N GLN B 478 14.01 34.28 54.01
CA GLN B 478 13.51 33.12 53.26
C GLN B 478 14.45 32.70 52.13
N LEU B 479 15.34 33.59 51.68
CA LEU B 479 16.36 33.22 50.69
C LEU B 479 17.39 32.26 51.27
N TYR B 480 17.48 32.15 52.59
CA TYR B 480 18.33 31.14 53.19
C TYR B 480 17.65 29.77 53.15
N ASN B 481 16.32 29.74 53.28
CA ASN B 481 15.56 28.50 53.27
C ASN B 481 15.36 27.98 51.85
N VAL B 482 15.20 28.89 50.87
CA VAL B 482 15.10 28.49 49.48
C VAL B 482 16.43 27.92 48.99
N GLU B 483 17.54 28.52 49.44
CA GLU B 483 18.87 27.98 49.15
C GLU B 483 19.08 26.63 49.84
N ALA B 484 18.56 26.47 51.05
CA ALA B 484 18.75 25.22 51.79
C ALA B 484 17.99 24.07 51.16
N THR B 485 16.74 24.30 50.75
CA THR B 485 15.97 23.25 50.07
C THR B 485 16.56 22.91 48.71
N SER B 486 17.20 23.89 48.05
CA SER B 486 17.91 23.62 46.80
C SER B 486 19.14 22.75 47.04
N TYR B 487 19.78 22.90 48.20
CA TYR B 487 20.86 21.96 48.54
C TYR B 487 20.30 20.59 48.87
N ALA B 488 19.13 20.54 49.52
CA ALA B 488 18.53 19.26 49.88
C ALA B 488 17.93 18.55 48.68
N LEU B 489 17.61 19.27 47.61
CA LEU B 489 17.17 18.59 46.39
C LEU B 489 18.35 17.97 45.66
N LEU B 490 19.49 18.66 45.62
CA LEU B 490 20.68 18.10 44.99
C LEU B 490 21.23 16.92 45.77
N ALA B 491 20.94 16.86 47.08
CA ALA B 491 21.32 15.69 47.88
C ALA B 491 20.46 14.49 47.53
N LEU B 492 19.15 14.69 47.43
CA LEU B 492 18.23 13.61 47.12
C LEU B 492 18.35 13.14 45.68
N LEU B 493 18.88 13.97 44.78
CA LEU B 493 19.20 13.55 43.42
C LEU B 493 20.60 12.97 43.29
N GLN B 494 21.47 13.21 44.28
CA GLN B 494 22.77 12.55 44.30
C GLN B 494 22.68 11.14 44.88
N LEU B 495 21.79 10.93 45.86
CA LEU B 495 21.54 9.63 46.45
C LEU B 495 20.63 8.76 45.60
N LYS B 496 20.13 9.29 44.49
CA LYS B 496 19.19 8.62 43.56
C LYS B 496 17.90 8.18 44.27
N ASP B 497 17.53 8.87 45.34
CA ASP B 497 16.24 8.66 45.98
C ASP B 497 15.19 9.49 45.26
N PHE B 498 14.01 8.91 45.06
CA PHE B 498 12.95 9.61 44.35
C PHE B 498 11.60 9.48 45.02
N ASP B 499 11.55 9.00 46.26
CA ASP B 499 10.31 8.96 47.03
C ASP B 499 10.11 10.21 47.87
N PHE B 500 11.20 10.88 48.24
CA PHE B 500 11.14 12.16 48.94
C PHE B 500 11.24 13.35 48.01
N VAL B 501 11.70 13.12 46.76
CA VAL B 501 11.86 14.24 45.82
C VAL B 501 10.57 14.96 45.43
N PRO B 502 9.46 14.28 45.04
CA PRO B 502 8.27 15.04 44.52
C PRO B 502 7.62 16.03 45.48
N PRO B 503 7.53 15.79 46.81
CA PRO B 503 7.07 16.91 47.66
C PRO B 503 8.11 18.03 47.80
N VAL B 504 9.39 17.76 47.56
CA VAL B 504 10.41 18.79 47.69
C VAL B 504 10.37 19.75 46.50
N VAL B 505 10.27 19.21 45.28
CA VAL B 505 10.23 20.03 44.08
C VAL B 505 8.92 20.81 44.01
N ARG B 506 7.81 20.19 44.47
CA ARG B 506 6.51 20.86 44.46
C ARG B 506 6.50 22.09 45.35
N TRP B 507 7.22 22.04 46.47
CA TRP B 507 7.32 23.21 47.33
C TRP B 507 8.19 24.28 46.69
N LEU B 508 9.24 23.88 45.97
CA LEU B 508 10.12 24.85 45.31
C LEU B 508 9.40 25.56 44.18
N ASN B 509 8.52 24.85 43.47
CA ASN B 509 7.74 25.49 42.41
C ASN B 509 6.63 26.37 42.99
N GLU B 510 6.06 25.98 44.13
CA GLU B 510 5.03 26.80 44.76
C GLU B 510 5.61 28.01 45.49
N GLN B 511 6.93 28.06 45.71
CA GLN B 511 7.55 29.27 46.23
C GLN B 511 7.52 30.40 45.22
N ARG B 512 7.47 30.05 43.92
CA ARG B 512 7.45 31.00 42.80
C ARG B 512 8.65 31.93 42.82
N TYR B 513 9.81 31.39 43.18
CA TYR B 513 11.06 32.15 43.22
C TYR B 513 11.75 32.03 41.88
N TYR B 514 11.85 33.15 41.16
CA TYR B 514 12.42 33.17 39.82
C TYR B 514 13.81 33.80 39.79
N GLY B 515 14.45 33.91 40.95
CA GLY B 515 15.80 34.43 41.02
C GLY B 515 15.86 35.93 40.85
N GLY B 516 17.09 36.44 40.86
CA GLY B 516 17.33 37.85 40.63
C GLY B 516 17.03 38.71 41.84
N GLY B 517 17.64 39.89 41.84
CA GLY B 517 17.39 40.88 42.87
C GLY B 517 18.58 41.03 43.80
N TYR B 518 18.34 41.80 44.86
CA TYR B 518 19.35 42.08 45.87
C TYR B 518 19.58 40.86 46.76
N GLY B 519 20.84 40.52 46.99
CA GLY B 519 21.17 39.41 47.87
C GLY B 519 20.79 38.05 47.36
N SER B 520 20.60 37.92 46.05
CA SER B 520 20.02 36.74 45.45
C SER B 520 21.06 35.85 44.78
N THR B 521 22.34 36.02 45.12
CA THR B 521 23.42 35.33 44.40
C THR B 521 23.38 33.83 44.67
N GLN B 522 23.31 33.43 45.94
CA GLN B 522 23.19 32.01 46.27
C GLN B 522 21.83 31.47 45.87
N ALA B 523 20.77 32.26 46.06
CA ALA B 523 19.43 31.75 45.84
C ALA B 523 19.11 31.57 44.36
N THR B 524 19.65 32.43 43.49
CA THR B 524 19.44 32.24 42.07
C THR B 524 20.33 31.11 41.53
N PHE B 525 21.56 31.00 42.03
CA PHE B 525 22.48 30.00 41.50
C PHE B 525 22.06 28.59 41.91
N MET B 526 21.58 28.41 43.14
CA MET B 526 21.30 27.05 43.60
C MET B 526 19.93 26.56 43.16
N VAL B 527 18.93 27.44 43.06
CA VAL B 527 17.59 26.99 42.73
C VAL B 527 17.47 26.61 41.25
N PHE B 528 18.41 27.03 40.40
CA PHE B 528 18.40 26.62 39.01
C PHE B 528 19.53 25.67 38.67
N GLN B 529 20.46 25.42 39.59
CA GLN B 529 21.36 24.27 39.43
C GLN B 529 20.67 23.00 39.89
N ALA B 530 19.87 23.09 40.95
CA ALA B 530 19.16 21.92 41.46
C ALA B 530 18.01 21.52 40.53
N LEU B 531 17.26 22.50 40.03
CA LEU B 531 16.15 22.18 39.13
C LEU B 531 16.63 21.79 37.75
N ALA B 532 17.89 22.09 37.39
CA ALA B 532 18.46 21.57 36.16
C ALA B 532 18.89 20.12 36.31
N GLN B 533 19.42 19.76 37.48
CA GLN B 533 19.80 18.37 37.72
C GLN B 533 18.56 17.47 37.86
N TYR B 534 17.44 18.04 38.32
CA TYR B 534 16.19 17.28 38.34
C TYR B 534 15.67 17.01 36.92
N GLN B 535 15.89 17.94 36.00
CA GLN B 535 15.52 17.69 34.61
C GLN B 535 16.58 16.88 33.87
N LYS B 536 17.82 16.85 34.37
CA LYS B 536 18.84 16.03 33.73
C LYS B 536 18.63 14.55 34.04
N ASP B 537 18.41 14.23 35.31
CA ASP B 537 18.17 12.86 35.77
C ASP B 537 16.76 12.80 36.36
N ALA B 538 15.84 12.17 35.64
CA ALA B 538 14.46 12.09 36.06
C ALA B 538 13.84 10.78 35.59
N PRO B 539 13.08 10.11 36.44
CA PRO B 539 12.35 8.92 35.98
C PRO B 539 11.10 9.28 35.20
N ASP B 540 11.21 9.31 33.87
CA ASP B 540 10.02 9.50 33.05
C ASP B 540 9.26 8.19 32.87
N HIS B 541 9.98 7.10 32.69
CA HIS B 541 9.45 5.75 32.54
C HIS B 541 10.09 4.85 33.60
N GLN B 542 9.75 3.55 33.56
CA GLN B 542 10.31 2.59 34.52
C GLN B 542 11.30 1.64 33.86
N GLU B 543 11.93 2.08 32.76
CA GLU B 543 12.96 1.36 32.00
C GLU B 543 12.46 0.00 31.51
N LEU B 544 11.83 0.00 30.34
CA LEU B 544 11.29 -1.21 29.75
C LEU B 544 12.38 -1.89 28.91
N ASN B 545 12.75 -3.11 29.29
CA ASN B 545 13.77 -3.88 28.55
C ASN B 545 13.48 -5.36 28.79
N LEU B 546 12.63 -5.93 27.94
CA LEU B 546 12.23 -7.32 28.03
C LEU B 546 12.87 -8.10 26.89
N ASP B 547 13.53 -9.20 27.23
CA ASP B 547 14.10 -10.13 26.25
C ASP B 547 13.22 -11.38 26.24
N VAL B 548 12.23 -11.39 25.35
CA VAL B 548 11.23 -12.45 25.29
C VAL B 548 11.51 -13.31 24.07
N SER B 549 11.90 -14.55 24.31
CA SER B 549 12.13 -15.54 23.26
C SER B 549 11.09 -16.65 23.37
N LEU B 550 10.58 -17.08 22.22
CA LEU B 550 9.53 -18.09 22.17
C LEU B 550 10.09 -19.36 21.53
N GLN B 551 10.09 -20.45 22.29
CA GLN B 551 10.48 -21.76 21.77
C GLN B 551 9.23 -22.48 21.32
N LEU B 552 9.12 -22.71 20.02
CA LEU B 552 8.00 -23.42 19.43
C LEU B 552 8.45 -24.79 18.95
N PRO B 553 7.79 -25.87 19.36
CA PRO B 553 8.06 -27.18 18.74
C PRO B 553 7.52 -27.31 17.32
N SER B 554 6.78 -26.32 16.81
CA SER B 554 6.35 -26.30 15.43
C SER B 554 7.50 -26.02 14.46
N ARG B 555 8.61 -25.47 14.93
CA ARG B 555 9.76 -25.17 14.09
C ARG B 555 11.03 -25.54 14.85
N SER B 556 12.18 -25.34 14.19
CA SER B 556 13.47 -25.70 14.74
C SER B 556 14.28 -24.50 15.20
N SER B 557 13.61 -23.38 15.48
CA SER B 557 14.30 -22.15 15.89
C SER B 557 13.47 -21.44 16.95
N LYS B 558 14.15 -20.59 17.71
CA LYS B 558 13.53 -19.78 18.75
C LYS B 558 13.58 -18.32 18.32
N ILE B 559 12.41 -17.70 18.21
CA ILE B 559 12.30 -16.31 17.78
C ILE B 559 12.29 -15.43 19.02
N THR B 560 13.22 -14.48 19.10
CA THR B 560 13.30 -13.56 20.22
C THR B 560 13.00 -12.15 19.75
N HIS B 561 12.63 -11.31 20.72
CA HIS B 561 12.38 -9.87 20.49
C HIS B 561 12.84 -9.11 21.72
N ARG B 562 13.76 -8.17 21.52
CA ARG B 562 14.19 -7.27 22.58
C ARG B 562 13.24 -6.08 22.60
N ILE B 563 12.30 -6.08 23.55
CA ILE B 563 11.30 -5.03 23.67
C ILE B 563 11.91 -3.93 24.54
N HIS B 564 12.65 -3.04 23.90
CA HIS B 564 13.24 -1.90 24.61
C HIS B 564 12.17 -0.83 24.88
N TRP B 565 12.62 0.28 25.45
CA TRP B 565 11.82 1.51 25.45
C TRP B 565 11.78 2.13 24.06
N GLU B 566 12.69 1.73 23.17
CA GLU B 566 12.66 2.10 21.76
C GLU B 566 11.35 1.68 21.10
N SER B 567 10.78 2.59 20.30
CA SER B 567 9.46 2.43 19.71
C SER B 567 9.50 1.71 18.36
N ALA B 568 10.60 1.03 18.04
CA ALA B 568 10.70 0.35 16.74
C ALA B 568 9.85 -0.91 16.70
N SER B 569 9.88 -1.71 17.76
CA SER B 569 9.09 -2.94 17.85
C SER B 569 8.40 -2.96 19.22
N LEU B 570 7.43 -2.07 19.40
CA LEU B 570 6.59 -2.10 20.60
C LEU B 570 5.72 -3.35 20.61
N LEU B 571 5.21 -3.73 19.44
CA LEU B 571 4.46 -4.97 19.29
C LEU B 571 4.98 -5.70 18.06
N ARG B 572 4.96 -7.03 18.14
CA ARG B 572 5.42 -7.87 17.03
C ARG B 572 4.60 -9.15 17.01
N SER B 573 3.90 -9.38 15.90
CA SER B 573 3.03 -10.52 15.74
C SER B 573 3.80 -11.69 15.13
N GLU B 574 3.53 -12.90 15.62
CA GLU B 574 4.15 -14.12 15.12
C GLU B 574 3.05 -15.12 14.78
N GLU B 575 2.79 -15.30 13.49
CA GLU B 575 1.77 -16.23 13.04
C GLU B 575 2.35 -17.64 12.94
N THR B 576 1.56 -18.63 13.35
CA THR B 576 1.96 -20.03 13.31
C THR B 576 0.74 -20.85 12.92
N LYS B 577 0.76 -21.41 11.70
CA LYS B 577 -0.36 -22.21 11.22
C LYS B 577 -0.48 -23.53 11.98
N GLU B 578 0.64 -24.03 12.50
CA GLU B 578 0.59 -25.23 13.33
C GLU B 578 -0.04 -24.92 14.67
N ASN B 579 -1.00 -25.74 15.07
CA ASN B 579 -1.69 -25.59 16.35
C ASN B 579 -1.03 -26.55 17.34
N GLU B 580 -0.02 -26.05 18.06
CA GLU B 580 0.72 -26.84 19.03
C GLU B 580 1.03 -25.97 20.25
N GLY B 581 1.09 -26.63 21.42
CA GLY B 581 1.43 -25.91 22.64
C GLY B 581 2.89 -25.52 22.66
N PHE B 582 3.15 -24.23 22.87
CA PHE B 582 4.50 -23.66 22.80
C PHE B 582 4.84 -22.97 24.11
N THR B 583 6.11 -22.57 24.23
CA THR B 583 6.66 -22.01 25.44
C THR B 583 7.07 -20.57 25.21
N VAL B 584 6.70 -19.69 26.14
CA VAL B 584 7.06 -18.27 26.10
C VAL B 584 7.99 -18.00 27.28
N THR B 585 9.26 -17.74 26.99
CA THR B 585 10.22 -17.35 28.00
C THR B 585 10.43 -15.84 27.93
N ALA B 586 10.24 -15.16 29.05
CA ALA B 586 10.32 -13.71 29.12
C ALA B 586 11.15 -13.30 30.33
N GLU B 587 12.23 -12.57 30.09
CA GLU B 587 13.07 -12.06 31.16
C GLU B 587 13.43 -10.61 30.88
N GLY B 588 13.77 -9.90 31.94
CA GLY B 588 14.14 -8.49 31.85
C GLY B 588 13.28 -7.65 32.77
N LYS B 589 13.34 -6.34 32.56
CA LYS B 589 12.64 -5.38 33.38
C LYS B 589 11.51 -4.73 32.60
N GLY B 590 10.44 -4.39 33.31
CA GLY B 590 9.26 -3.79 32.72
C GLY B 590 8.11 -4.78 32.67
N GLN B 591 7.00 -4.31 32.09
CA GLN B 591 5.79 -5.11 31.95
C GLN B 591 5.43 -5.25 30.48
N GLY B 592 4.70 -6.31 30.17
CA GLY B 592 4.26 -6.57 28.82
C GLY B 592 3.01 -7.42 28.81
N THR B 593 2.29 -7.37 27.68
CA THR B 593 1.09 -8.17 27.48
C THR B 593 1.30 -9.16 26.35
N LEU B 594 0.73 -10.36 26.52
CA LEU B 594 0.76 -11.42 25.52
C LEU B 594 -0.66 -11.80 25.15
N SER B 595 -0.96 -11.75 23.86
CA SER B 595 -2.28 -12.08 23.34
C SER B 595 -2.14 -13.18 22.31
N VAL B 596 -2.89 -14.26 22.50
CA VAL B 596 -2.87 -15.42 21.60
C VAL B 596 -4.30 -15.67 21.15
N VAL B 597 -4.57 -15.43 19.87
CA VAL B 597 -5.89 -15.60 19.28
C VAL B 597 -5.76 -16.57 18.11
N THR B 598 -6.70 -17.51 18.01
CA THR B 598 -6.71 -18.50 16.94
C THR B 598 -7.98 -18.34 16.11
N MET B 599 -7.82 -18.08 14.82
CA MET B 599 -8.93 -18.10 13.89
C MET B 599 -9.17 -19.53 13.41
N TYR B 600 -10.45 -19.84 13.16
CA TYR B 600 -10.84 -21.20 12.77
C TYR B 600 -12.20 -21.16 12.09
N HIS B 601 -12.58 -22.30 11.53
CA HIS B 601 -13.89 -22.48 10.93
C HIS B 601 -14.82 -23.12 11.95
N ALA B 602 -15.76 -22.35 12.47
CA ALA B 602 -16.72 -22.85 13.44
C ALA B 602 -17.93 -23.41 12.71
N LYS B 603 -18.30 -24.65 13.03
CA LYS B 603 -19.50 -25.24 12.48
C LYS B 603 -20.72 -24.63 13.15
N ALA B 604 -21.43 -23.79 12.42
CA ALA B 604 -22.68 -23.23 12.91
C ALA B 604 -23.82 -23.70 12.02
N LYS B 605 -24.93 -22.99 12.03
CA LYS B 605 -25.93 -23.18 10.99
C LYS B 605 -25.36 -22.74 9.65
N ASP B 606 -25.63 -23.52 8.61
CA ASP B 606 -25.20 -23.21 7.24
C ASP B 606 -26.14 -22.22 6.54
N GLN B 607 -26.96 -21.50 7.31
CA GLN B 607 -27.95 -20.55 6.79
C GLN B 607 -27.26 -19.23 6.50
N LEU B 608 -26.58 -19.21 5.36
CA LEU B 608 -26.18 -17.97 4.70
C LEU B 608 -26.85 -17.82 3.36
N THR B 609 -27.43 -18.90 2.83
CA THR B 609 -28.11 -18.88 1.54
C THR B 609 -29.53 -18.36 1.69
N CYS B 610 -29.92 -17.49 0.75
CA CYS B 610 -31.26 -16.90 0.65
C CYS B 610 -31.62 -16.13 1.93
N ASN B 611 -30.76 -15.20 2.32
CA ASN B 611 -30.99 -14.41 3.51
C ASN B 611 -31.81 -13.15 3.24
N LYS B 612 -32.11 -12.86 1.97
CA LYS B 612 -32.82 -11.63 1.61
C LYS B 612 -34.07 -11.86 0.77
N PHE B 613 -34.26 -13.06 0.21
CA PHE B 613 -35.42 -13.33 -0.61
C PHE B 613 -35.93 -14.74 -0.32
N ASP B 614 -37.25 -14.90 -0.39
CA ASP B 614 -37.84 -16.21 -0.55
C ASP B 614 -37.99 -16.48 -2.03
N LEU B 615 -37.69 -17.70 -2.45
CA LEU B 615 -37.78 -18.05 -3.87
C LEU B 615 -38.35 -19.45 -4.00
N LYS B 616 -39.47 -19.58 -4.70
CA LYS B 616 -40.12 -20.85 -4.96
C LYS B 616 -40.20 -21.07 -6.46
N VAL B 617 -39.59 -22.14 -6.93
CA VAL B 617 -39.54 -22.45 -8.36
C VAL B 617 -40.17 -23.83 -8.56
N THR B 618 -41.28 -23.86 -9.32
CA THR B 618 -41.97 -25.11 -9.63
C THR B 618 -41.98 -25.30 -11.15
N ILE B 619 -41.74 -26.52 -11.60
CA ILE B 619 -41.87 -26.87 -13.01
C ILE B 619 -42.95 -27.95 -13.12
N LYS B 620 -44.01 -27.64 -13.88
CA LYS B 620 -45.16 -28.52 -13.97
C LYS B 620 -45.41 -28.89 -15.42
N PRO B 621 -45.77 -30.16 -15.71
CA PRO B 621 -46.01 -30.57 -17.10
C PRO B 621 -47.41 -30.23 -17.59
N ALA B 622 -47.87 -29.02 -17.34
CA ALA B 622 -49.24 -28.65 -17.66
C ALA B 622 -49.38 -28.42 -19.16
N PRO B 623 -50.38 -29.04 -19.82
CA PRO B 623 -50.63 -28.87 -21.25
C PRO B 623 -51.59 -27.72 -21.57
N ALA B 632 -42.14 -28.63 -29.33
CA ALA B 632 -43.54 -29.04 -29.32
C ALA B 632 -43.70 -30.44 -28.74
N LYS B 633 -42.57 -31.14 -28.57
CA LYS B 633 -42.60 -32.50 -28.04
C LYS B 633 -43.01 -32.51 -26.58
N ASN B 634 -42.30 -31.77 -25.74
CA ASN B 634 -42.69 -31.55 -24.36
C ASN B 634 -42.90 -30.06 -24.13
N THR B 635 -43.87 -29.74 -23.27
CA THR B 635 -44.18 -28.37 -22.93
C THR B 635 -44.56 -28.30 -21.46
N MET B 636 -43.75 -27.59 -20.68
CA MET B 636 -43.96 -27.45 -19.24
C MET B 636 -44.11 -25.98 -18.88
N ILE B 637 -44.67 -25.72 -17.71
CA ILE B 637 -44.89 -24.37 -17.21
C ILE B 637 -43.89 -24.10 -16.09
N LEU B 638 -43.01 -23.13 -16.30
CA LEU B 638 -42.05 -22.72 -15.28
C LEU B 638 -42.64 -21.54 -14.50
N GLU B 639 -42.82 -21.74 -13.20
CA GLU B 639 -43.43 -20.73 -12.32
C GLU B 639 -42.40 -20.28 -11.30
N ILE B 640 -42.26 -18.96 -11.15
CA ILE B 640 -41.29 -18.36 -10.23
C ILE B 640 -42.02 -17.38 -9.33
N CYS B 641 -41.99 -17.64 -8.02
CA CYS B 641 -42.58 -16.76 -7.02
C CYS B 641 -41.50 -16.27 -6.09
N THR B 642 -41.42 -14.95 -5.88
CA THR B 642 -40.36 -14.39 -5.06
C THR B 642 -40.91 -13.29 -4.16
N ARG B 643 -40.25 -13.08 -3.02
CA ARG B 643 -40.70 -12.14 -2.01
C ARG B 643 -39.52 -11.67 -1.18
N TYR B 644 -39.38 -10.35 -1.06
CA TYR B 644 -38.28 -9.73 -0.33
C TYR B 644 -38.53 -9.81 1.18
N ARG B 645 -37.44 -9.98 1.93
CA ARG B 645 -37.53 -10.24 3.37
C ARG B 645 -37.33 -8.99 4.21
N GLY B 646 -37.65 -7.82 3.68
CA GLY B 646 -37.44 -6.57 4.39
C GLY B 646 -38.72 -5.97 4.93
N ASP B 647 -38.54 -4.82 5.60
CA ASP B 647 -39.67 -4.07 6.12
C ASP B 647 -40.44 -3.36 5.01
N GLN B 648 -39.75 -2.96 3.94
CA GLN B 648 -40.36 -2.30 2.79
C GLN B 648 -40.14 -3.15 1.55
N ASP B 649 -40.80 -2.75 0.46
CA ASP B 649 -40.57 -3.37 -0.84
C ASP B 649 -39.14 -3.15 -1.30
N ALA B 650 -38.55 -4.18 -1.91
CA ALA B 650 -37.23 -4.01 -2.49
C ALA B 650 -37.30 -3.16 -3.76
N THR B 651 -36.15 -2.65 -4.16
CA THR B 651 -36.04 -1.83 -5.34
C THR B 651 -35.91 -2.70 -6.60
N MET B 652 -35.17 -2.22 -7.60
CA MET B 652 -35.02 -2.96 -8.84
C MET B 652 -34.21 -4.24 -8.62
N SER B 653 -34.74 -5.36 -9.09
CA SER B 653 -34.18 -6.68 -8.85
C SER B 653 -34.10 -7.46 -10.15
N ILE B 654 -33.36 -8.56 -10.11
CA ILE B 654 -32.95 -9.31 -11.27
C ILE B 654 -33.34 -10.78 -11.08
N LEU B 655 -34.00 -11.35 -12.08
CA LEU B 655 -34.29 -12.79 -12.13
C LEU B 655 -33.39 -13.40 -13.20
N ASP B 656 -32.31 -14.06 -12.78
CA ASP B 656 -31.38 -14.72 -13.69
C ASP B 656 -31.87 -16.15 -13.91
N ILE B 657 -32.65 -16.35 -14.96
CA ILE B 657 -33.29 -17.63 -15.25
C ILE B 657 -32.39 -18.43 -16.18
N SER B 658 -32.18 -19.70 -15.85
CA SER B 658 -31.41 -20.64 -16.65
C SER B 658 -32.31 -21.78 -17.08
N MET B 659 -32.22 -22.16 -18.36
CA MET B 659 -33.06 -23.21 -18.92
C MET B 659 -32.44 -24.58 -18.66
N MET B 660 -33.31 -25.56 -18.42
CA MET B 660 -32.88 -26.95 -18.39
C MET B 660 -32.59 -27.41 -19.82
N THR B 661 -31.59 -28.30 -19.93
CA THR B 661 -30.93 -28.56 -21.22
C THR B 661 -31.87 -29.21 -22.22
N GLY B 662 -32.05 -28.53 -23.36
CA GLY B 662 -33.03 -28.91 -24.35
C GLY B 662 -34.29 -28.08 -24.36
N PHE B 663 -34.41 -27.09 -23.47
CA PHE B 663 -35.62 -26.29 -23.34
C PHE B 663 -35.35 -24.83 -23.63
N ALA B 664 -36.40 -24.13 -24.06
CA ALA B 664 -36.36 -22.73 -24.43
C ALA B 664 -37.71 -22.13 -24.08
N PRO B 665 -37.75 -20.89 -23.61
CA PRO B 665 -39.04 -20.31 -23.22
C PRO B 665 -39.90 -19.92 -24.41
N ASP B 666 -41.20 -19.87 -24.17
CA ASP B 666 -42.16 -19.46 -25.18
C ASP B 666 -42.03 -17.97 -25.44
N THR B 667 -41.83 -17.61 -26.72
CA THR B 667 -41.54 -16.23 -27.08
C THR B 667 -42.75 -15.33 -26.86
N ASP B 668 -43.95 -15.83 -27.15
CA ASP B 668 -45.17 -15.06 -26.93
C ASP B 668 -45.47 -14.86 -25.45
N ASP B 669 -44.98 -15.74 -24.58
CA ASP B 669 -45.14 -15.53 -23.14
C ASP B 669 -44.21 -14.44 -22.62
N LEU B 670 -43.00 -14.35 -23.18
CA LEU B 670 -42.05 -13.35 -22.70
C LEU B 670 -42.45 -11.95 -23.14
N LYS B 671 -43.04 -11.83 -24.34
CA LYS B 671 -43.52 -10.53 -24.82
C LYS B 671 -44.68 -10.01 -23.99
N GLN B 672 -45.53 -10.92 -23.48
CA GLN B 672 -46.59 -10.51 -22.57
C GLN B 672 -46.02 -10.13 -21.20
N LEU B 673 -44.92 -10.78 -20.79
CA LEU B 673 -44.32 -10.45 -19.50
C LEU B 673 -43.60 -9.11 -19.56
N ALA B 674 -42.97 -8.81 -20.69
CA ALA B 674 -42.26 -7.54 -20.86
C ALA B 674 -43.22 -6.36 -20.90
N ASN B 675 -44.46 -6.59 -21.35
CA ASN B 675 -45.51 -5.58 -21.35
C ASN B 675 -46.03 -5.27 -19.95
N GLY B 676 -45.58 -5.97 -18.91
CA GLY B 676 -46.04 -5.71 -17.57
C GLY B 676 -45.60 -4.35 -17.05
N VAL B 677 -46.27 -3.91 -15.98
CA VAL B 677 -46.03 -2.58 -15.45
C VAL B 677 -44.71 -2.55 -14.69
N ASP B 678 -44.46 -3.55 -13.85
CA ASP B 678 -43.29 -3.61 -13.00
C ASP B 678 -42.24 -4.58 -13.52
N ARG B 679 -42.33 -4.97 -14.78
CA ARG B 679 -41.40 -5.94 -15.36
C ARG B 679 -40.77 -5.38 -16.63
N TYR B 680 -39.57 -5.86 -16.91
CA TYR B 680 -38.83 -5.44 -18.10
C TYR B 680 -38.02 -6.61 -18.60
N ILE B 681 -38.33 -7.09 -19.80
CA ILE B 681 -37.48 -7.98 -20.55
C ILE B 681 -36.92 -7.19 -21.73
N SER B 682 -35.60 -7.19 -21.87
CA SER B 682 -34.95 -6.32 -22.84
C SER B 682 -35.25 -6.76 -24.27
N LYS B 683 -35.17 -5.79 -25.19
CA LYS B 683 -35.44 -6.05 -26.60
C LYS B 683 -34.43 -7.01 -27.20
N TYR B 684 -33.21 -7.03 -26.65
CA TYR B 684 -32.18 -7.98 -27.06
C TYR B 684 -32.64 -9.42 -26.86
N GLU B 685 -33.26 -9.71 -25.71
CA GLU B 685 -33.66 -11.09 -25.42
C GLU B 685 -34.93 -11.48 -26.18
N LEU B 686 -35.81 -10.54 -26.48
CA LEU B 686 -37.02 -10.86 -27.21
C LEU B 686 -36.74 -11.13 -28.69
N ASP B 687 -35.72 -10.48 -29.25
CA ASP B 687 -35.33 -10.66 -30.65
C ASP B 687 -34.42 -11.87 -30.86
N LYS B 688 -34.05 -12.57 -29.80
CA LYS B 688 -33.24 -13.77 -29.94
C LYS B 688 -34.05 -14.88 -30.63
N ALA B 689 -33.32 -15.80 -31.26
CA ALA B 689 -33.93 -16.96 -31.88
C ALA B 689 -34.50 -17.89 -30.81
N PHE B 690 -35.39 -18.80 -31.24
CA PHE B 690 -36.02 -19.73 -30.30
C PHE B 690 -35.01 -20.72 -29.76
N SER B 691 -34.21 -21.33 -30.63
CA SER B 691 -33.06 -22.11 -30.18
C SER B 691 -31.94 -21.15 -29.73
N ASP B 692 -30.83 -21.75 -29.28
CA ASP B 692 -29.69 -21.15 -28.58
C ASP B 692 -30.04 -20.01 -27.62
N ARG B 693 -31.08 -20.22 -26.80
CA ARG B 693 -31.55 -19.27 -25.80
C ARG B 693 -31.78 -20.07 -24.52
N ASN B 694 -30.71 -20.31 -23.77
CA ASN B 694 -30.78 -21.09 -22.54
C ASN B 694 -30.65 -20.24 -21.30
N THR B 695 -30.41 -18.94 -21.44
CA THR B 695 -30.43 -18.00 -20.33
C THR B 695 -31.37 -16.85 -20.66
N LEU B 696 -31.86 -16.20 -19.61
CA LEU B 696 -32.85 -15.14 -19.73
C LEU B 696 -32.83 -14.34 -18.43
N ILE B 697 -32.97 -13.03 -18.55
CA ILE B 697 -33.06 -12.15 -17.39
C ILE B 697 -34.37 -11.37 -17.48
N ILE B 698 -35.23 -11.54 -16.48
CA ILE B 698 -36.40 -10.70 -16.32
C ILE B 698 -36.10 -9.68 -15.24
N TYR B 699 -36.15 -8.40 -15.60
CA TYR B 699 -35.91 -7.32 -14.64
C TYR B 699 -37.21 -6.92 -13.97
N LEU B 700 -37.13 -6.68 -12.66
CA LEU B 700 -38.29 -6.35 -11.84
C LEU B 700 -38.13 -4.96 -11.27
N ASP B 701 -39.11 -4.09 -11.52
CA ASP B 701 -39.06 -2.73 -10.97
C ASP B 701 -39.18 -2.74 -9.45
N LYS B 702 -39.93 -3.69 -8.90
CA LYS B 702 -40.01 -3.91 -7.47
C LYS B 702 -40.37 -5.37 -7.24
N VAL B 703 -40.06 -5.86 -6.05
CA VAL B 703 -40.61 -7.13 -5.57
C VAL B 703 -41.17 -6.89 -4.18
N SER B 704 -42.41 -7.33 -3.95
CA SER B 704 -43.12 -7.03 -2.71
C SER B 704 -42.47 -7.74 -1.53
N HIS B 705 -42.60 -7.13 -0.36
CA HIS B 705 -42.22 -7.79 0.88
C HIS B 705 -43.42 -8.42 1.57
N SER B 706 -44.63 -8.07 1.15
CA SER B 706 -45.87 -8.49 1.79
C SER B 706 -46.41 -9.78 1.20
N GLU B 707 -46.42 -9.88 -0.12
CA GLU B 707 -46.93 -11.04 -0.84
C GLU B 707 -45.86 -11.57 -1.76
N ASP B 708 -46.03 -12.82 -2.19
CA ASP B 708 -45.19 -13.38 -3.24
C ASP B 708 -45.62 -12.81 -4.58
N ASP B 709 -44.70 -12.17 -5.29
CA ASP B 709 -44.94 -11.82 -6.68
C ASP B 709 -44.60 -13.01 -7.54
N CYS B 710 -45.55 -13.45 -8.37
CA CYS B 710 -45.40 -14.65 -9.18
C CYS B 710 -45.52 -14.33 -10.66
N LEU B 711 -44.61 -14.87 -11.46
CA LEU B 711 -44.73 -14.91 -12.90
C LEU B 711 -44.62 -16.36 -13.37
N ALA B 712 -45.14 -16.61 -14.57
CA ALA B 712 -45.06 -17.95 -15.13
C ALA B 712 -45.03 -17.85 -16.65
N PHE B 713 -44.25 -18.73 -17.27
CA PHE B 713 -44.19 -18.82 -18.72
C PHE B 713 -43.91 -20.26 -19.13
N LYS B 714 -44.37 -20.63 -20.32
CA LYS B 714 -44.20 -21.97 -20.81
C LYS B 714 -42.80 -22.16 -21.40
N VAL B 715 -42.29 -23.39 -21.30
CA VAL B 715 -41.02 -23.76 -21.89
C VAL B 715 -41.23 -25.00 -22.76
N HIS B 716 -40.61 -25.02 -23.93
CA HIS B 716 -40.79 -26.09 -24.91
C HIS B 716 -39.49 -26.84 -25.12
N GLN B 717 -39.60 -28.15 -25.33
CA GLN B 717 -38.43 -29.00 -25.57
C GLN B 717 -38.20 -29.05 -27.08
N TYR B 718 -37.28 -28.22 -27.56
CA TYR B 718 -36.94 -28.20 -28.97
C TYR B 718 -35.91 -29.26 -29.34
N PHE B 719 -35.29 -29.89 -28.35
CA PHE B 719 -34.26 -30.89 -28.59
C PHE B 719 -34.36 -31.97 -27.52
N ASN B 720 -34.54 -33.22 -27.94
CA ASN B 720 -34.62 -34.34 -27.01
C ASN B 720 -33.22 -34.72 -26.56
N VAL B 721 -33.04 -34.87 -25.25
CA VAL B 721 -31.74 -35.21 -24.68
C VAL B 721 -31.94 -36.35 -23.68
N GLU B 722 -30.92 -37.20 -23.55
CA GLU B 722 -31.02 -38.36 -22.66
C GLU B 722 -30.95 -37.95 -21.20
N LEU B 723 -30.11 -36.96 -20.89
CA LEU B 723 -29.94 -36.45 -19.53
C LEU B 723 -30.25 -34.96 -19.55
N ILE B 724 -31.22 -34.56 -18.72
CA ILE B 724 -31.61 -33.17 -18.58
C ILE B 724 -30.92 -32.60 -17.35
N GLN B 725 -30.08 -31.59 -17.56
CA GLN B 725 -29.51 -30.88 -16.42
C GLN B 725 -30.56 -29.94 -15.84
N PRO B 726 -30.63 -29.82 -14.51
CA PRO B 726 -31.60 -28.89 -13.90
C PRO B 726 -31.32 -27.44 -14.24
N GLY B 727 -32.38 -26.70 -14.53
CA GLY B 727 -32.28 -25.26 -14.66
C GLY B 727 -32.21 -24.60 -13.31
N ALA B 728 -31.89 -23.30 -13.32
CA ALA B 728 -31.73 -22.55 -12.09
C ALA B 728 -32.37 -21.18 -12.25
N VAL B 729 -32.85 -20.64 -11.12
CA VAL B 729 -33.39 -19.29 -11.04
C VAL B 729 -32.68 -18.58 -9.90
N LYS B 730 -32.22 -17.35 -10.16
CA LYS B 730 -31.43 -16.57 -9.20
C LYS B 730 -32.04 -15.19 -9.04
N VAL B 731 -32.27 -14.77 -7.80
CA VAL B 731 -32.83 -13.45 -7.50
C VAL B 731 -31.82 -12.67 -6.68
N TYR B 732 -31.65 -11.40 -7.03
CA TYR B 732 -30.86 -10.47 -6.23
C TYR B 732 -31.33 -9.06 -6.56
N ALA B 733 -31.11 -8.15 -5.63
CA ALA B 733 -31.28 -6.73 -5.95
C ALA B 733 -30.03 -6.22 -6.63
N TYR B 734 -30.16 -5.07 -7.31
CA TYR B 734 -29.09 -4.63 -8.21
C TYR B 734 -27.85 -4.19 -7.44
N TYR B 735 -28.02 -3.70 -6.22
CA TYR B 735 -26.91 -3.14 -5.46
C TYR B 735 -26.11 -4.19 -4.70
N ASN B 736 -26.49 -5.47 -4.77
CA ASN B 736 -25.83 -6.50 -3.97
C ASN B 736 -26.01 -7.85 -4.66
N LEU B 737 -24.97 -8.29 -5.39
CA LEU B 737 -25.01 -9.62 -5.98
C LEU B 737 -24.78 -10.70 -4.92
N GLU B 738 -24.05 -10.36 -3.85
CA GLU B 738 -23.71 -11.35 -2.82
C GLU B 738 -24.95 -11.83 -2.07
N GLU B 739 -25.91 -10.94 -1.82
CA GLU B 739 -27.18 -11.32 -1.22
C GLU B 739 -28.11 -11.81 -2.33
N SER B 740 -27.89 -13.06 -2.75
CA SER B 740 -28.67 -13.69 -3.79
C SER B 740 -29.39 -14.90 -3.23
N CYS B 741 -30.19 -15.54 -4.08
CA CYS B 741 -30.93 -16.75 -3.71
C CYS B 741 -31.15 -17.56 -4.96
N THR B 742 -30.67 -18.80 -4.97
CA THR B 742 -30.77 -19.67 -6.14
C THR B 742 -31.55 -20.93 -5.81
N ARG B 743 -32.60 -21.19 -6.58
CA ARG B 743 -33.33 -22.44 -6.53
C ARG B 743 -33.23 -23.15 -7.87
N PHE B 744 -33.10 -24.46 -7.84
CA PHE B 744 -33.02 -25.27 -9.03
C PHE B 744 -34.35 -25.97 -9.28
N TYR B 745 -34.63 -26.24 -10.55
CA TYR B 745 -35.85 -26.96 -10.94
C TYR B 745 -35.50 -28.02 -11.97
N HIS B 746 -36.16 -29.16 -11.85
CA HIS B 746 -35.99 -30.31 -12.73
C HIS B 746 -37.15 -31.26 -12.50
N PRO B 747 -37.82 -31.72 -13.55
CA PRO B 747 -38.82 -32.78 -13.38
C PRO B 747 -38.14 -34.08 -13.03
N GLU B 748 -38.79 -34.88 -12.18
CA GLU B 748 -38.33 -36.16 -11.65
C GLU B 748 -37.08 -36.06 -10.78
N LYS B 749 -36.78 -34.89 -10.20
CA LYS B 749 -35.71 -34.79 -9.22
C LYS B 749 -36.14 -33.84 -8.11
N GLU B 750 -35.73 -34.15 -6.89
CA GLU B 750 -36.23 -33.44 -5.71
C GLU B 750 -35.59 -32.05 -5.63
N ASP B 751 -36.43 -31.03 -5.83
CA ASP B 751 -36.06 -29.61 -5.72
C ASP B 751 -34.94 -29.21 -6.68
N GLY B 752 -34.83 -29.93 -7.80
CA GLY B 752 -33.80 -29.68 -8.80
C GLY B 752 -32.40 -30.07 -8.42
N LYS B 753 -32.20 -30.82 -7.35
CA LYS B 753 -30.85 -31.18 -6.91
C LYS B 753 -30.40 -32.46 -7.60
N LEU B 754 -29.13 -32.50 -7.99
CA LEU B 754 -28.53 -33.72 -8.52
C LEU B 754 -28.47 -34.79 -7.43
N ASN B 755 -28.50 -36.05 -7.86
CA ASN B 755 -28.55 -37.16 -6.93
C ASN B 755 -27.22 -37.31 -6.19
N LYS B 756 -27.26 -37.17 -4.88
CA LYS B 756 -26.11 -37.36 -4.02
C LYS B 756 -26.57 -38.00 -2.71
N LEU B 757 -25.65 -38.69 -2.05
CA LEU B 757 -25.92 -39.30 -0.75
C LEU B 757 -24.99 -38.67 0.26
N CYS B 758 -25.57 -38.07 1.31
CA CYS B 758 -24.81 -37.30 2.28
C CYS B 758 -25.01 -37.84 3.68
N ARG B 759 -23.95 -37.71 4.49
CA ARG B 759 -24.00 -38.10 5.89
C ARG B 759 -22.88 -37.37 6.63
N ASP B 760 -23.24 -36.48 7.56
CA ASP B 760 -22.33 -35.70 8.40
C ASP B 760 -21.38 -34.83 7.57
N GLU B 761 -21.98 -34.04 6.66
CA GLU B 761 -21.28 -33.09 5.79
C GLU B 761 -20.23 -33.78 4.91
N LEU B 762 -20.52 -35.00 4.48
CA LEU B 762 -19.70 -35.72 3.51
C LEU B 762 -20.65 -36.36 2.50
N CYS B 763 -20.58 -35.91 1.25
CA CYS B 763 -21.43 -36.45 0.20
C CYS B 763 -20.60 -37.17 -0.84
N ARG B 764 -21.22 -38.16 -1.47
CA ARG B 764 -20.69 -38.76 -2.69
C ARG B 764 -21.76 -38.69 -3.77
N CYS B 765 -21.30 -38.60 -5.02
CA CYS B 765 -22.18 -38.45 -6.15
C CYS B 765 -22.94 -39.75 -6.43
N ALA B 766 -24.17 -39.61 -6.90
CA ALA B 766 -25.00 -40.76 -7.22
C ALA B 766 -25.57 -40.65 -8.62
N GLU B 767 -24.85 -39.98 -9.53
CA GLU B 767 -25.24 -39.89 -10.93
C GLU B 767 -24.67 -41.03 -11.77
N GLU B 768 -23.99 -41.99 -11.15
CA GLU B 768 -23.41 -43.14 -11.84
C GLU B 768 -24.52 -44.11 -12.26
N ASN B 769 -24.12 -45.27 -12.79
CA ASN B 769 -25.08 -46.29 -13.17
C ASN B 769 -25.72 -46.92 -11.93
N CYS B 770 -26.89 -47.53 -12.13
CA CYS B 770 -27.64 -48.07 -11.01
C CYS B 770 -26.99 -49.34 -10.46
N PHE B 771 -26.56 -50.23 -11.35
CA PHE B 771 -25.92 -51.50 -10.99
C PHE B 771 -25.28 -52.04 -12.27
N ILE B 772 -24.64 -53.20 -12.15
CA ILE B 772 -23.97 -53.83 -13.29
C ILE B 772 -25.03 -54.37 -14.26
N GLN B 773 -25.01 -53.87 -15.49
CA GLN B 773 -26.11 -54.07 -16.43
C GLN B 773 -26.00 -55.36 -17.24
N LYS B 774 -25.17 -56.31 -16.81
CA LYS B 774 -25.02 -57.56 -17.53
C LYS B 774 -26.28 -58.42 -17.37
N SER B 775 -26.76 -58.97 -18.49
CA SER B 775 -27.99 -59.75 -18.49
C SER B 775 -27.78 -61.11 -17.83
N ASP B 776 -28.87 -61.66 -17.28
CA ASP B 776 -28.80 -62.94 -16.57
C ASP B 776 -28.58 -64.12 -17.50
N ASP B 777 -28.83 -63.95 -18.81
CA ASP B 777 -28.61 -65.01 -19.79
C ASP B 777 -27.27 -64.90 -20.50
N LYS B 778 -26.72 -63.70 -20.62
CA LYS B 778 -25.40 -63.51 -21.20
C LYS B 778 -24.28 -63.79 -20.22
N VAL B 779 -24.59 -64.08 -18.96
CA VAL B 779 -23.59 -64.40 -17.96
C VAL B 779 -23.58 -65.91 -17.75
N THR B 780 -22.40 -66.47 -17.56
CA THR B 780 -22.22 -67.90 -17.32
C THR B 780 -21.72 -68.11 -15.90
N LEU B 781 -21.54 -69.39 -15.55
CA LEU B 781 -21.02 -69.74 -14.22
C LEU B 781 -19.57 -69.29 -14.06
N GLU B 782 -18.75 -69.46 -15.11
CA GLU B 782 -17.36 -69.03 -15.08
C GLU B 782 -17.26 -67.51 -15.02
N GLU B 783 -18.19 -66.80 -15.66
CA GLU B 783 -18.18 -65.34 -15.63
C GLU B 783 -18.52 -64.82 -14.23
N ARG B 784 -19.43 -65.51 -13.54
CA ARG B 784 -19.77 -65.12 -12.16
C ARG B 784 -18.61 -65.37 -11.21
N LEU B 785 -17.90 -66.49 -11.39
CA LEU B 785 -16.79 -66.79 -10.51
C LEU B 785 -15.59 -65.88 -10.78
N ASP B 786 -15.36 -65.51 -12.05
CA ASP B 786 -14.23 -64.66 -12.39
C ASP B 786 -14.46 -63.22 -11.90
N LYS B 787 -15.71 -62.76 -11.92
CA LYS B 787 -16.01 -61.42 -11.42
C LYS B 787 -15.95 -61.39 -9.90
N ALA B 788 -16.52 -62.39 -9.24
CA ALA B 788 -16.61 -62.37 -7.78
C ALA B 788 -15.32 -62.73 -7.07
N CYS B 789 -14.39 -63.42 -7.75
CA CYS B 789 -13.11 -63.73 -7.13
C CYS B 789 -12.09 -62.62 -7.29
N GLU B 790 -12.47 -61.49 -7.87
CA GLU B 790 -11.61 -60.32 -7.91
C GLU B 790 -11.38 -59.81 -6.49
N PRO B 791 -10.21 -59.23 -6.21
CA PRO B 791 -9.98 -58.71 -4.85
C PRO B 791 -10.82 -57.49 -4.53
N GLY B 792 -11.25 -56.74 -5.55
CA GLY B 792 -12.09 -55.57 -5.29
C GLY B 792 -13.46 -55.94 -4.77
N VAL B 793 -13.99 -57.09 -5.17
CA VAL B 793 -15.26 -57.58 -4.67
C VAL B 793 -15.04 -58.03 -3.22
N ASP B 794 -15.57 -57.26 -2.28
CA ASP B 794 -15.35 -57.48 -0.86
C ASP B 794 -16.34 -58.49 -0.29
N TYR B 795 -17.64 -58.24 -0.47
CA TYR B 795 -18.70 -59.09 0.05
C TYR B 795 -19.42 -59.80 -1.09
N VAL B 796 -19.80 -61.05 -0.87
CA VAL B 796 -20.73 -61.76 -1.74
C VAL B 796 -21.80 -62.39 -0.84
N TYR B 797 -23.05 -61.98 -1.02
CA TYR B 797 -24.14 -62.40 -0.13
C TYR B 797 -25.30 -62.98 -0.94
N LYS B 798 -25.99 -63.93 -0.32
CA LYS B 798 -27.35 -64.26 -0.71
C LYS B 798 -28.28 -63.57 0.28
N THR B 799 -29.20 -62.75 -0.22
CA THR B 799 -30.01 -61.92 0.65
C THR B 799 -31.48 -62.24 0.45
N ARG B 800 -32.31 -61.73 1.37
CA ARG B 800 -33.76 -61.81 1.26
C ARG B 800 -34.33 -60.43 1.58
N LEU B 801 -35.12 -59.87 0.67
CA LEU B 801 -35.63 -58.52 0.85
C LEU B 801 -36.79 -58.53 1.83
N VAL B 802 -36.62 -57.83 2.95
CA VAL B 802 -37.59 -57.82 4.03
C VAL B 802 -38.57 -56.65 3.83
N LYS B 803 -38.04 -55.43 3.87
CA LYS B 803 -38.84 -54.23 3.78
C LYS B 803 -38.21 -53.27 2.77
N VAL B 804 -39.06 -52.47 2.12
CA VAL B 804 -38.63 -51.45 1.17
C VAL B 804 -39.12 -50.11 1.72
N GLN B 805 -38.24 -49.38 2.39
CA GLN B 805 -38.59 -48.07 2.94
C GLN B 805 -38.40 -47.03 1.86
N LEU B 806 -39.50 -46.66 1.20
CA LEU B 806 -39.46 -45.68 0.13
C LEU B 806 -39.34 -44.28 0.70
N SER B 807 -38.45 -43.49 0.10
CA SER B 807 -38.29 -42.07 0.45
C SER B 807 -38.06 -41.30 -0.84
N ASN B 808 -38.07 -39.97 -0.73
CA ASN B 808 -37.93 -39.13 -1.92
C ASN B 808 -36.47 -38.88 -2.28
N ASP B 809 -35.56 -38.94 -1.30
CA ASP B 809 -34.15 -38.74 -1.60
C ASP B 809 -33.49 -40.02 -2.12
N PHE B 810 -33.75 -41.15 -1.47
CA PHE B 810 -33.20 -42.44 -1.86
C PHE B 810 -34.08 -43.56 -1.29
N ASP B 811 -34.09 -44.70 -1.98
CA ASP B 811 -34.82 -45.87 -1.53
C ASP B 811 -33.89 -46.75 -0.69
N GLU B 812 -34.39 -47.18 0.47
CA GLU B 812 -33.66 -48.06 1.37
C GLU B 812 -34.22 -49.48 1.27
N TYR B 813 -33.35 -50.44 0.96
CA TYR B 813 -33.74 -51.84 0.77
C TYR B 813 -33.13 -52.66 1.90
N ILE B 814 -33.95 -53.01 2.89
CA ILE B 814 -33.47 -53.75 4.05
C ILE B 814 -33.36 -55.23 3.68
N MET B 815 -32.14 -55.76 3.68
CA MET B 815 -31.87 -57.12 3.26
C MET B 815 -31.48 -57.96 4.46
N ALA B 816 -32.08 -59.14 4.58
CA ALA B 816 -31.64 -60.13 5.53
C ALA B 816 -30.57 -60.99 4.86
N ILE B 817 -29.40 -61.10 5.51
CA ILE B 817 -28.31 -61.89 4.96
C ILE B 817 -28.63 -63.37 5.11
N GLU B 818 -29.11 -63.99 4.04
CA GLU B 818 -29.50 -65.39 4.05
C GLU B 818 -28.29 -66.33 4.07
N GLN B 819 -27.23 -65.97 3.35
CA GLN B 819 -26.01 -66.76 3.34
C GLN B 819 -24.83 -65.84 3.06
N THR B 820 -23.77 -66.02 3.85
CA THR B 820 -22.53 -65.26 3.67
C THR B 820 -21.63 -66.07 2.74
N ILE B 821 -21.76 -65.82 1.44
CA ILE B 821 -21.00 -66.58 0.44
C ILE B 821 -19.53 -66.20 0.47
N LYS B 822 -19.23 -64.90 0.56
CA LYS B 822 -17.87 -64.44 0.80
C LYS B 822 -17.93 -63.29 1.81
N SER B 823 -17.40 -63.53 3.01
CA SER B 823 -17.42 -62.51 4.05
C SER B 823 -16.38 -61.44 3.76
N GLY B 824 -16.79 -60.19 3.83
CA GLY B 824 -15.92 -59.07 3.56
C GLY B 824 -15.36 -58.44 4.81
N SER B 825 -15.19 -57.12 4.76
CA SER B 825 -14.70 -56.36 5.90
C SER B 825 -15.81 -56.06 6.91
N ASP B 826 -17.05 -56.40 6.60
CA ASP B 826 -18.17 -56.24 7.53
C ASP B 826 -18.53 -57.61 8.11
N GLU B 827 -18.30 -57.79 9.41
CA GLU B 827 -18.63 -59.03 10.09
C GLU B 827 -20.13 -59.08 10.30
N VAL B 828 -20.83 -59.67 9.34
CA VAL B 828 -22.27 -59.83 9.42
C VAL B 828 -22.58 -61.32 9.53
N GLN B 829 -23.52 -61.66 10.41
CA GLN B 829 -23.93 -63.03 10.63
C GLN B 829 -25.24 -63.31 9.91
N VAL B 830 -25.53 -64.59 9.73
CA VAL B 830 -26.74 -65.01 9.04
C VAL B 830 -27.96 -64.67 9.89
N GLY B 831 -28.96 -64.06 9.28
CA GLY B 831 -30.14 -63.60 9.97
C GLY B 831 -30.13 -62.13 10.29
N GLN B 832 -28.95 -61.51 10.34
CA GLN B 832 -28.85 -60.08 10.58
C GLN B 832 -29.30 -59.31 9.33
N GLN B 833 -29.47 -58.00 9.51
CA GLN B 833 -29.99 -57.14 8.47
C GLN B 833 -28.98 -56.04 8.14
N ARG B 834 -28.86 -55.74 6.85
CA ARG B 834 -28.09 -54.59 6.37
C ARG B 834 -28.95 -53.81 5.38
N THR B 835 -28.82 -52.49 5.41
CA THR B 835 -29.60 -51.62 4.54
C THR B 835 -28.83 -51.36 3.26
N PHE B 836 -29.49 -51.56 2.12
CA PHE B 836 -28.92 -51.28 0.80
C PHE B 836 -29.60 -50.05 0.23
N ILE B 837 -28.80 -49.01 -0.05
CA ILE B 837 -29.27 -47.70 -0.47
C ILE B 837 -29.06 -47.56 -1.98
N SER B 838 -30.07 -47.02 -2.67
CA SER B 838 -30.02 -46.73 -4.09
C SER B 838 -30.87 -45.49 -4.32
N PRO B 839 -30.49 -44.63 -5.25
CA PRO B 839 -31.32 -43.44 -5.53
C PRO B 839 -32.63 -43.82 -6.20
N ILE B 840 -33.58 -42.88 -6.16
CA ILE B 840 -34.95 -43.16 -6.57
C ILE B 840 -35.09 -43.33 -8.08
N LYS B 841 -34.09 -42.91 -8.85
CA LYS B 841 -34.09 -43.16 -10.28
C LYS B 841 -33.87 -44.63 -10.62
N CYS B 842 -33.35 -45.41 -9.68
CA CYS B 842 -33.07 -46.82 -9.89
C CYS B 842 -34.17 -47.71 -9.34
N ARG B 843 -35.28 -47.15 -8.90
CA ARG B 843 -36.37 -47.96 -8.33
C ARG B 843 -37.05 -48.80 -9.40
N GLU B 844 -37.28 -48.22 -10.58
CA GLU B 844 -37.84 -48.97 -11.70
C GLU B 844 -36.79 -49.83 -12.39
N ALA B 845 -35.50 -49.50 -12.26
CA ALA B 845 -34.46 -50.30 -12.91
C ALA B 845 -34.11 -51.55 -12.12
N LEU B 846 -34.14 -51.48 -10.78
CA LEU B 846 -33.75 -52.62 -9.96
C LEU B 846 -34.85 -53.67 -9.91
N LYS B 847 -36.12 -53.23 -9.84
CA LYS B 847 -37.32 -54.09 -9.76
C LYS B 847 -37.23 -55.07 -8.60
N LEU B 848 -36.92 -54.54 -7.42
CA LEU B 848 -36.77 -55.38 -6.24
C LEU B 848 -38.13 -55.62 -5.59
N GLU B 849 -38.41 -56.88 -5.26
CA GLU B 849 -39.66 -57.29 -4.64
C GLU B 849 -39.40 -57.86 -3.26
N GLU B 850 -40.31 -57.55 -2.32
CA GLU B 850 -40.18 -58.05 -0.97
C GLU B 850 -40.39 -59.57 -0.91
N LYS B 851 -39.74 -60.19 0.07
CA LYS B 851 -39.66 -61.63 0.32
C LYS B 851 -39.01 -62.42 -0.82
N LYS B 852 -38.38 -61.75 -1.79
CA LYS B 852 -37.63 -62.41 -2.85
C LYS B 852 -36.15 -62.48 -2.48
N HIS B 853 -35.46 -63.44 -3.07
CA HIS B 853 -34.05 -63.64 -2.78
C HIS B 853 -33.18 -63.11 -3.91
N TYR B 854 -31.97 -62.65 -3.55
CA TYR B 854 -31.09 -62.01 -4.50
C TYR B 854 -29.64 -62.42 -4.25
N LEU B 855 -28.86 -62.53 -5.32
CA LEU B 855 -27.41 -62.67 -5.20
C LEU B 855 -26.80 -61.28 -5.34
N MET B 856 -26.02 -60.87 -4.34
CA MET B 856 -25.49 -59.52 -4.28
C MET B 856 -23.99 -59.55 -4.01
N TRP B 857 -23.24 -58.78 -4.80
CA TRP B 857 -21.85 -58.50 -4.46
C TRP B 857 -21.51 -57.07 -4.81
N GLY B 858 -20.46 -56.55 -4.20
CA GLY B 858 -20.08 -55.17 -4.43
C GLY B 858 -18.70 -54.89 -3.88
N LEU B 859 -18.29 -53.63 -4.02
CA LEU B 859 -16.98 -53.18 -3.58
C LEU B 859 -17.03 -52.71 -2.13
N SER B 860 -15.85 -52.65 -1.50
CA SER B 860 -15.73 -52.08 -0.17
C SER B 860 -15.83 -50.56 -0.18
N SER B 861 -15.70 -49.93 -1.36
CA SER B 861 -15.92 -48.50 -1.50
C SER B 861 -17.40 -48.10 -1.44
N ASP B 862 -18.31 -49.08 -1.44
CA ASP B 862 -19.74 -48.80 -1.36
C ASP B 862 -20.27 -48.85 0.07
N PHE B 863 -19.41 -49.10 1.06
CA PHE B 863 -19.80 -48.99 2.46
C PHE B 863 -20.13 -47.54 2.79
N TRP B 864 -20.97 -47.32 3.79
CA TRP B 864 -21.41 -45.96 4.03
C TRP B 864 -21.18 -45.48 5.45
N GLY B 865 -21.98 -45.95 6.40
CA GLY B 865 -21.91 -45.44 7.75
C GLY B 865 -20.70 -45.91 8.54
N GLU B 866 -20.84 -45.84 9.87
CA GLU B 866 -19.83 -46.42 10.75
C GLU B 866 -20.07 -47.91 10.91
N LYS B 867 -19.11 -48.60 11.53
CA LYS B 867 -19.21 -50.06 11.68
C LYS B 867 -20.40 -50.56 12.50
N PRO B 868 -20.87 -49.90 13.59
CA PRO B 868 -22.11 -50.39 14.22
C PRO B 868 -23.36 -50.21 13.37
N ASN B 869 -23.40 -49.21 12.50
CA ASN B 869 -24.57 -48.93 11.66
C ASN B 869 -24.17 -48.81 10.20
N LEU B 870 -23.63 -49.92 9.66
CA LEU B 870 -23.03 -49.91 8.33
C LEU B 870 -24.10 -50.11 7.27
N SER B 871 -24.19 -49.17 6.33
CA SER B 871 -25.10 -49.26 5.21
C SER B 871 -24.30 -49.57 3.93
N TYR B 872 -24.98 -50.17 2.97
CA TYR B 872 -24.40 -50.52 1.68
C TYR B 872 -25.04 -49.65 0.61
N ILE B 873 -24.25 -49.26 -0.39
CA ILE B 873 -24.72 -48.45 -1.50
C ILE B 873 -24.75 -49.33 -2.74
N ILE B 874 -25.87 -49.29 -3.47
CA ILE B 874 -25.99 -50.01 -4.74
C ILE B 874 -25.50 -49.05 -5.82
N GLY B 875 -24.21 -49.13 -6.13
CA GLY B 875 -23.59 -48.32 -7.14
C GLY B 875 -23.39 -49.06 -8.45
N LYS B 876 -22.56 -48.48 -9.31
CA LYS B 876 -22.35 -49.02 -10.65
C LYS B 876 -21.57 -50.33 -10.66
N ASP B 877 -20.86 -50.65 -9.56
CA ASP B 877 -20.10 -51.88 -9.45
C ASP B 877 -20.78 -52.90 -8.53
N THR B 878 -22.05 -52.68 -8.18
CA THR B 878 -22.80 -53.61 -7.35
C THR B 878 -23.60 -54.56 -8.23
N TRP B 879 -23.41 -55.86 -8.02
CA TRP B 879 -24.14 -56.89 -8.74
C TRP B 879 -25.43 -57.21 -7.99
N VAL B 880 -26.57 -57.12 -8.68
CA VAL B 880 -27.88 -57.48 -8.12
C VAL B 880 -28.56 -58.42 -9.12
N GLU B 881 -28.70 -59.68 -8.73
CA GLU B 881 -29.32 -60.69 -9.58
C GLU B 881 -30.45 -61.37 -8.82
N HIS B 882 -31.58 -61.59 -9.49
CA HIS B 882 -32.71 -62.28 -8.87
C HIS B 882 -32.39 -63.75 -8.65
N TRP B 883 -32.60 -64.22 -7.42
CA TRP B 883 -32.41 -65.62 -7.07
C TRP B 883 -33.76 -66.29 -6.96
N PRO B 884 -34.15 -67.13 -7.91
CA PRO B 884 -35.44 -67.81 -7.80
C PRO B 884 -35.43 -68.85 -6.68
N GLU B 885 -36.63 -69.15 -6.19
CA GLU B 885 -36.77 -70.10 -5.11
C GLU B 885 -36.56 -71.53 -5.61
N GLU B 886 -36.47 -72.47 -4.67
CA GLU B 886 -36.17 -73.86 -4.99
C GLU B 886 -37.30 -74.50 -5.81
N ASP B 887 -38.55 -74.16 -5.52
CA ASP B 887 -39.66 -74.64 -6.34
C ASP B 887 -39.70 -73.94 -7.70
N GLU B 888 -39.19 -72.71 -7.78
CA GLU B 888 -39.18 -71.98 -9.05
C GLU B 888 -38.19 -72.56 -10.04
N CYS B 889 -37.20 -73.34 -9.57
CA CYS B 889 -36.20 -73.94 -10.45
C CYS B 889 -36.76 -75.09 -11.27
N GLN B 890 -37.96 -75.57 -10.98
CA GLN B 890 -38.55 -76.68 -11.73
C GLN B 890 -39.02 -76.25 -13.13
N ASP B 891 -39.10 -74.95 -13.40
CA ASP B 891 -39.37 -74.47 -14.74
C ASP B 891 -38.13 -74.61 -15.61
N GLU B 892 -38.34 -74.76 -16.92
CA GLU B 892 -37.23 -74.91 -17.84
C GLU B 892 -36.51 -73.58 -18.09
N GLU B 893 -37.19 -72.46 -17.85
CA GLU B 893 -36.57 -71.16 -18.06
C GLU B 893 -35.55 -70.84 -16.96
N ASN B 894 -35.86 -71.22 -15.73
CA ASN B 894 -34.97 -70.98 -14.60
C ASN B 894 -33.94 -72.09 -14.41
N GLN B 895 -33.91 -73.09 -15.29
CA GLN B 895 -32.99 -74.21 -15.12
C GLN B 895 -31.55 -73.76 -15.30
N LYS B 896 -31.30 -72.89 -16.28
CA LYS B 896 -29.95 -72.41 -16.52
C LYS B 896 -29.45 -71.55 -15.37
N GLN B 897 -30.31 -70.68 -14.84
CA GLN B 897 -29.89 -69.79 -13.76
C GLN B 897 -29.70 -70.55 -12.44
N CYS B 898 -30.61 -71.48 -12.13
CA CYS B 898 -30.51 -72.22 -10.89
C CYS B 898 -29.33 -73.19 -10.89
N GLN B 899 -28.98 -73.71 -12.06
CA GLN B 899 -27.76 -74.52 -12.15
C GLN B 899 -26.52 -73.68 -11.95
N ASP B 900 -26.55 -72.41 -12.39
CA ASP B 900 -25.41 -71.53 -12.21
C ASP B 900 -25.29 -71.07 -10.76
N LEU B 901 -26.40 -70.65 -10.16
CA LEU B 901 -26.37 -70.06 -8.83
C LEU B 901 -26.05 -71.09 -7.76
N GLY B 902 -26.61 -72.29 -7.87
CA GLY B 902 -26.27 -73.36 -6.95
C GLY B 902 -24.84 -73.83 -7.10
N ALA B 903 -24.32 -73.80 -8.33
CA ALA B 903 -22.90 -74.09 -8.52
C ALA B 903 -22.03 -72.93 -8.08
N PHE B 904 -22.51 -71.68 -8.25
CA PHE B 904 -21.73 -70.53 -7.79
C PHE B 904 -21.56 -70.54 -6.28
N THR B 905 -22.56 -71.01 -5.54
CA THR B 905 -22.46 -71.07 -4.09
C THR B 905 -21.50 -72.16 -3.65
N GLU B 906 -21.62 -73.35 -4.25
CA GLU B 906 -20.76 -74.48 -3.84
C GLU B 906 -19.31 -74.26 -4.24
N SER B 907 -19.05 -73.46 -5.28
CA SER B 907 -17.67 -73.22 -5.70
C SER B 907 -16.98 -72.19 -4.84
N MET B 908 -17.73 -71.25 -4.26
CA MET B 908 -17.16 -70.21 -3.43
C MET B 908 -17.09 -70.60 -1.95
N VAL B 909 -18.09 -71.32 -1.45
CA VAL B 909 -18.14 -71.65 -0.03
C VAL B 909 -17.17 -72.78 0.30
N VAL B 910 -17.17 -73.84 -0.51
CA VAL B 910 -16.38 -75.02 -0.19
C VAL B 910 -14.91 -74.85 -0.62
N PHE B 911 -14.65 -74.08 -1.68
CA PHE B 911 -13.31 -74.02 -2.26
C PHE B 911 -12.70 -72.62 -2.33
N GLY B 912 -13.50 -71.57 -2.18
CA GLY B 912 -12.95 -70.23 -2.15
C GLY B 912 -12.48 -69.77 -3.51
N CYS B 913 -11.69 -68.71 -3.48
CA CYS B 913 -11.15 -68.12 -4.71
C CYS B 913 -9.65 -68.36 -4.79
N PRO B 914 -9.16 -69.15 -5.74
CA PRO B 914 -7.71 -69.22 -5.95
C PRO B 914 -7.21 -67.93 -6.57
N ASN B 915 -6.07 -67.44 -6.06
CA ASN B 915 -5.44 -66.16 -6.43
C ASN B 915 -6.42 -64.99 -6.28
N GLN C 5 7.17 -14.35 -39.83
CA GLN C 5 6.30 -15.11 -40.74
C GLN C 5 6.86 -16.50 -41.00
N VAL C 6 6.34 -17.17 -42.03
CA VAL C 6 6.74 -18.53 -42.36
C VAL C 6 6.51 -18.79 -43.85
N GLN C 7 7.50 -19.38 -44.52
CA GLN C 7 7.37 -19.81 -45.91
C GLN C 7 7.57 -21.32 -45.99
N LEU C 8 7.18 -21.90 -47.14
CA LEU C 8 7.15 -23.34 -47.30
C LEU C 8 7.89 -23.76 -48.57
N VAL C 9 8.39 -25.00 -48.57
CA VAL C 9 9.10 -25.59 -49.70
C VAL C 9 8.50 -26.97 -49.96
N GLU C 10 8.03 -27.19 -51.20
CA GLU C 10 7.44 -28.46 -51.60
C GLU C 10 8.46 -29.32 -52.33
N THR C 11 8.58 -30.57 -51.92
CA THR C 11 9.41 -31.57 -52.58
C THR C 11 8.60 -32.84 -52.80
N GLY C 12 9.25 -33.86 -53.34
CA GLY C 12 8.62 -35.14 -53.56
C GLY C 12 7.96 -35.32 -54.90
N GLY C 13 7.84 -34.27 -55.71
CA GLY C 13 7.19 -34.36 -57.00
C GLY C 13 8.06 -35.02 -58.05
N GLY C 14 7.53 -35.05 -59.27
CA GLY C 14 8.22 -35.61 -60.40
C GLY C 14 7.26 -36.28 -61.34
N LEU C 15 7.81 -37.11 -62.24
CA LEU C 15 7.02 -37.84 -63.23
C LEU C 15 6.73 -39.24 -62.71
N VAL C 16 5.48 -39.67 -62.85
CA VAL C 16 5.04 -41.01 -62.44
C VAL C 16 4.10 -41.55 -63.50
N GLN C 17 3.82 -42.85 -63.41
CA GLN C 17 2.95 -43.51 -64.36
C GLN C 17 1.49 -43.31 -63.96
N ALA C 18 0.59 -43.95 -64.71
CA ALA C 18 -0.84 -43.71 -64.54
C ALA C 18 -1.37 -44.35 -63.26
N GLY C 19 -1.06 -45.62 -63.03
CA GLY C 19 -1.62 -46.28 -61.88
C GLY C 19 -0.78 -46.28 -60.62
N GLY C 20 0.37 -45.63 -60.64
CA GLY C 20 1.32 -45.70 -59.55
C GLY C 20 0.97 -44.83 -58.35
N SER C 21 2.01 -44.38 -57.65
CA SER C 21 1.85 -43.64 -56.41
C SER C 21 3.14 -42.87 -56.13
N LEU C 22 3.00 -41.81 -55.34
CA LEU C 22 4.10 -40.98 -54.84
C LEU C 22 3.56 -40.10 -53.72
N ARG C 23 4.44 -39.72 -52.79
CA ARG C 23 4.08 -38.84 -51.70
C ARG C 23 4.88 -37.55 -51.79
N LEU C 24 4.25 -36.44 -51.43
CA LEU C 24 4.86 -35.11 -51.49
C LEU C 24 5.14 -34.63 -50.09
N SER C 25 6.35 -34.14 -49.85
CA SER C 25 6.77 -33.67 -48.55
C SER C 25 6.84 -32.14 -48.56
N CYS C 26 6.27 -31.52 -47.53
CA CYS C 26 6.24 -30.08 -47.38
C CYS C 26 7.10 -29.68 -46.18
N ALA C 27 8.11 -28.86 -46.43
CA ALA C 27 9.01 -28.40 -45.37
C ALA C 27 8.62 -26.99 -44.93
N ALA C 28 8.63 -26.76 -43.62
CA ALA C 28 8.21 -25.50 -43.03
C ALA C 28 9.43 -24.72 -42.53
N SER C 29 9.33 -23.38 -42.63
CA SER C 29 10.41 -22.52 -42.18
C SER C 29 10.50 -22.49 -40.66
N GLY C 30 9.47 -21.97 -40.00
CA GLY C 30 9.41 -21.94 -38.56
C GLY C 30 8.72 -23.17 -37.99
N SER C 31 8.42 -23.09 -36.69
CA SER C 31 7.76 -24.20 -36.01
C SER C 31 6.30 -24.29 -36.44
N ILE C 32 5.94 -25.45 -37.00
CA ILE C 32 4.58 -25.69 -37.50
C ILE C 32 3.57 -25.88 -36.39
N PHE C 33 4.04 -26.03 -35.15
CA PHE C 33 3.14 -26.16 -34.01
C PHE C 33 2.37 -24.85 -33.80
N SER C 34 1.19 -24.99 -33.18
CA SER C 34 0.16 -23.97 -32.97
C SER C 34 -0.45 -23.40 -34.26
N ILE C 35 -0.15 -23.97 -35.42
CA ILE C 35 -0.80 -23.61 -36.69
C ILE C 35 -1.92 -24.63 -36.89
N ASN C 36 -3.16 -24.13 -36.88
CA ASN C 36 -4.35 -24.99 -36.84
C ASN C 36 -4.56 -25.75 -38.15
N ALA C 37 -4.48 -25.07 -39.28
CA ALA C 37 -4.76 -25.70 -40.57
C ALA C 37 -3.48 -25.90 -41.35
N MET C 38 -3.36 -27.06 -41.98
CA MET C 38 -2.27 -27.34 -42.92
C MET C 38 -2.89 -28.03 -44.14
N GLY C 39 -2.90 -27.33 -45.26
CA GLY C 39 -3.65 -27.78 -46.42
C GLY C 39 -2.80 -27.96 -47.67
N TRP C 40 -3.26 -28.85 -48.54
CA TRP C 40 -2.69 -29.06 -49.87
C TRP C 40 -3.67 -28.58 -50.93
N PHE C 41 -3.15 -27.90 -51.94
CA PHE C 41 -3.95 -27.39 -53.04
C PHE C 41 -3.26 -27.72 -54.35
N ARG C 42 -4.04 -27.84 -55.42
CA ARG C 42 -3.49 -28.17 -56.72
C ARG C 42 -4.15 -27.32 -57.78
N GLN C 43 -3.44 -27.13 -58.89
CA GLN C 43 -3.94 -26.34 -60.02
C GLN C 43 -3.54 -27.06 -61.30
N ALA C 44 -4.52 -27.69 -61.95
CA ALA C 44 -4.29 -28.35 -63.23
C ALA C 44 -4.08 -27.32 -64.33
N PRO C 45 -3.37 -27.68 -65.40
CA PRO C 45 -3.25 -26.77 -66.54
C PRO C 45 -4.59 -26.53 -67.22
N GLY C 46 -4.95 -25.26 -67.36
CA GLY C 46 -6.22 -24.85 -67.92
C GLY C 46 -7.36 -24.74 -66.91
N LYS C 47 -7.16 -25.20 -65.69
CA LYS C 47 -8.18 -25.20 -64.65
C LYS C 47 -7.82 -24.21 -63.55
N GLU C 48 -8.68 -24.11 -62.55
CA GLU C 48 -8.45 -23.26 -61.40
C GLU C 48 -7.83 -24.04 -60.25
N ARG C 49 -7.29 -23.30 -59.29
CA ARG C 49 -6.74 -23.91 -58.09
C ARG C 49 -7.86 -24.47 -57.23
N GLU C 50 -7.80 -25.77 -56.96
CA GLU C 50 -8.85 -26.47 -56.24
C GLU C 50 -8.32 -27.04 -54.94
N PHE C 51 -9.26 -27.35 -54.05
CA PHE C 51 -8.93 -27.90 -52.74
C PHE C 51 -8.63 -29.40 -52.84
N VAL C 52 -7.63 -29.85 -52.07
CA VAL C 52 -7.27 -31.27 -52.01
C VAL C 52 -7.52 -31.83 -50.61
N ALA C 53 -6.73 -31.41 -49.63
CA ALA C 53 -6.81 -32.01 -48.31
C ALA C 53 -6.31 -31.04 -47.23
N THR C 54 -6.99 -31.02 -46.09
CA THR C 54 -6.51 -30.33 -44.89
C THR C 54 -6.31 -31.35 -43.78
N ILE C 55 -5.44 -31.01 -42.83
CA ILE C 55 -5.26 -31.80 -41.62
C ILE C 55 -5.36 -30.86 -40.41
N ASN C 56 -5.83 -31.41 -39.29
CA ASN C 56 -5.93 -30.74 -38.01
C ASN C 56 -4.55 -30.27 -37.51
N ARG C 57 -4.57 -29.46 -36.46
CA ARG C 57 -3.32 -29.09 -35.77
C ARG C 57 -2.65 -30.32 -35.16
N SER C 58 -3.43 -31.18 -34.50
CA SER C 58 -2.89 -32.41 -33.92
C SER C 58 -2.93 -33.58 -34.88
N GLY C 59 -3.66 -33.48 -35.99
CA GLY C 59 -3.74 -34.55 -36.94
C GLY C 59 -4.96 -35.44 -36.82
N GLY C 60 -5.83 -35.18 -35.84
CA GLY C 60 -6.99 -36.03 -35.61
C GLY C 60 -8.19 -35.76 -36.47
N ARG C 61 -8.21 -34.64 -37.20
CA ARG C 61 -9.30 -34.31 -38.10
C ARG C 61 -8.75 -33.99 -39.49
N THR C 62 -9.37 -34.53 -40.52
CA THR C 62 -9.00 -34.21 -41.90
C THR C 62 -10.26 -33.91 -42.71
N TYR C 63 -10.04 -33.38 -43.90
CA TYR C 63 -11.09 -33.16 -44.89
C TYR C 63 -10.47 -33.39 -46.26
N TYR C 64 -11.22 -34.01 -47.16
CA TYR C 64 -10.75 -34.29 -48.50
C TYR C 64 -11.78 -33.86 -49.53
N ALA C 65 -11.31 -33.50 -50.72
CA ALA C 65 -12.21 -33.23 -51.82
C ALA C 65 -12.78 -34.53 -52.38
N ASP C 66 -13.97 -34.43 -52.98
CA ASP C 66 -14.72 -35.61 -53.41
C ASP C 66 -14.01 -36.36 -54.54
N SER C 67 -13.21 -35.65 -55.34
CA SER C 67 -12.51 -36.28 -56.44
C SER C 67 -11.39 -37.19 -55.96
N VAL C 68 -10.81 -36.91 -54.80
CA VAL C 68 -9.65 -37.64 -54.31
C VAL C 68 -9.94 -38.25 -52.94
N LYS C 69 -11.22 -38.56 -52.70
CA LYS C 69 -11.73 -38.74 -51.34
C LYS C 69 -11.20 -40.01 -50.68
N GLY C 70 -11.25 -41.13 -51.39
CA GLY C 70 -10.69 -42.37 -50.90
C GLY C 70 -9.32 -42.71 -51.42
N ARG C 71 -8.61 -41.77 -52.06
CA ARG C 71 -7.35 -42.08 -52.72
C ARG C 71 -6.15 -41.37 -52.11
N PHE C 72 -6.32 -40.23 -51.45
CA PHE C 72 -5.22 -39.47 -50.89
C PHE C 72 -5.30 -39.52 -49.36
N THR C 73 -4.16 -39.36 -48.71
CA THR C 73 -4.08 -39.40 -47.25
C THR C 73 -3.09 -38.34 -46.79
N ILE C 74 -3.57 -37.34 -46.07
CA ILE C 74 -2.72 -36.26 -45.58
C ILE C 74 -2.28 -36.56 -44.16
N SER C 75 -1.01 -36.32 -43.88
CA SER C 75 -0.43 -36.52 -42.55
C SER C 75 0.53 -35.39 -42.26
N ARG C 76 0.84 -35.21 -40.97
CA ARG C 76 1.77 -34.17 -40.57
C ARG C 76 2.59 -34.65 -39.38
N ASP C 77 3.78 -34.05 -39.23
CA ASP C 77 4.67 -34.29 -38.10
C ASP C 77 4.99 -32.92 -37.51
N ASN C 78 4.40 -32.62 -36.35
CA ASN C 78 4.61 -31.32 -35.73
C ASN C 78 5.99 -31.19 -35.10
N GLY C 79 6.63 -32.31 -34.77
CA GLY C 79 7.99 -32.25 -34.25
C GLY C 79 9.03 -32.04 -35.33
N LYS C 80 8.74 -32.45 -36.57
CA LYS C 80 9.68 -32.33 -37.67
C LYS C 80 9.38 -31.13 -38.57
N ASN C 81 8.30 -30.39 -38.29
CA ASN C 81 7.80 -29.28 -39.12
C ASN C 81 7.57 -29.72 -40.57
N MET C 82 6.81 -30.80 -40.73
CA MET C 82 6.59 -31.43 -42.03
C MET C 82 5.12 -31.74 -42.25
N VAL C 83 4.67 -31.58 -43.49
CA VAL C 83 3.36 -32.04 -43.95
C VAL C 83 3.59 -32.99 -45.11
N TYR C 84 2.78 -34.04 -45.19
CA TYR C 84 2.87 -35.01 -46.26
C TYR C 84 1.50 -35.20 -46.91
N LEU C 85 1.53 -35.66 -48.17
CA LEU C 85 0.31 -35.99 -48.91
C LEU C 85 0.60 -37.26 -49.70
N GLN C 86 0.24 -38.40 -49.14
CA GLN C 86 0.42 -39.68 -49.81
C GLN C 86 -0.66 -39.84 -50.87
N MET C 87 -0.24 -39.94 -52.14
CA MET C 87 -1.14 -40.02 -53.28
C MET C 87 -1.12 -41.45 -53.81
N HIS C 88 -2.24 -42.15 -53.64
CA HIS C 88 -2.39 -43.53 -54.09
C HIS C 88 -3.47 -43.63 -55.16
N SER C 89 -3.30 -44.61 -56.05
CA SER C 89 -4.23 -44.94 -57.14
C SER C 89 -4.49 -43.73 -58.03
N LEU C 90 -3.41 -43.28 -58.68
CA LEU C 90 -3.42 -42.04 -59.43
C LEU C 90 -4.28 -42.15 -60.69
N LYS C 91 -4.70 -40.99 -61.17
CA LYS C 91 -5.52 -40.83 -62.36
C LYS C 91 -4.89 -39.75 -63.24
N PRO C 92 -5.12 -39.80 -64.56
CA PRO C 92 -4.56 -38.75 -65.43
C PRO C 92 -5.19 -37.37 -65.24
N GLU C 93 -6.32 -37.27 -64.53
CA GLU C 93 -6.92 -35.99 -64.20
C GLU C 93 -6.30 -35.35 -62.95
N ASP C 94 -5.27 -35.96 -62.37
CA ASP C 94 -4.61 -35.45 -61.18
C ASP C 94 -3.32 -34.70 -61.50
N THR C 95 -2.99 -34.51 -62.78
CA THR C 95 -1.79 -33.79 -63.17
C THR C 95 -1.96 -32.31 -62.88
N ALA C 96 -1.18 -31.80 -61.92
CA ALA C 96 -1.34 -30.44 -61.43
C ALA C 96 -0.08 -30.02 -60.69
N ILE C 97 0.05 -28.71 -60.48
CA ILE C 97 1.06 -28.16 -59.59
C ILE C 97 0.49 -28.17 -58.18
N TYR C 98 1.14 -28.90 -57.28
CA TYR C 98 0.62 -29.10 -55.93
C TYR C 98 1.25 -28.11 -54.96
N TYR C 99 0.41 -27.30 -54.32
CA TYR C 99 0.85 -26.24 -53.42
C TYR C 99 0.56 -26.64 -51.97
N CYS C 100 1.55 -26.41 -51.11
CA CYS C 100 1.41 -26.55 -49.67
C CYS C 100 1.19 -25.17 -49.07
N ALA C 101 0.24 -25.07 -48.14
CA ALA C 101 -0.17 -23.77 -47.62
C ALA C 101 -0.44 -23.84 -46.12
N ALA C 102 -0.08 -22.75 -45.43
CA ALA C 102 -0.34 -22.57 -44.02
C ALA C 102 -1.64 -21.80 -43.82
N GLY C 103 -2.46 -22.23 -42.86
CA GLY C 103 -3.76 -21.66 -42.65
C GLY C 103 -4.00 -21.29 -41.20
N THR C 104 -5.20 -20.76 -40.95
CA THR C 104 -5.57 -20.28 -39.64
C THR C 104 -6.48 -21.24 -38.89
N GLY C 105 -7.07 -22.21 -39.58
CA GLY C 105 -8.02 -23.13 -39.02
C GLY C 105 -9.46 -22.82 -39.39
N TRP C 106 -9.79 -21.55 -39.57
CA TRP C 106 -11.12 -21.18 -40.05
C TRP C 106 -11.27 -21.59 -41.51
N SER C 107 -12.44 -22.15 -41.84
CA SER C 107 -12.91 -22.67 -43.12
C SER C 107 -11.79 -23.40 -43.87
N PRO C 108 -11.36 -24.57 -43.40
CA PRO C 108 -10.11 -25.14 -43.92
C PRO C 108 -10.21 -25.74 -45.32
N GLN C 109 -11.42 -25.81 -45.89
CA GLN C 109 -11.60 -26.33 -47.24
C GLN C 109 -11.61 -25.23 -48.32
N THR C 110 -11.38 -23.97 -47.95
CA THR C 110 -11.28 -22.89 -48.92
C THR C 110 -9.91 -22.21 -48.79
N ASP C 111 -9.45 -21.59 -49.88
CA ASP C 111 -8.14 -20.95 -49.90
C ASP C 111 -8.13 -19.57 -49.27
N ASN C 112 -9.30 -19.02 -48.90
CA ASN C 112 -9.38 -17.64 -48.44
C ASN C 112 -8.79 -17.43 -47.06
N GLU C 113 -8.54 -18.51 -46.31
CA GLU C 113 -7.96 -18.42 -44.98
C GLU C 113 -6.56 -19.02 -44.93
N TYR C 114 -5.82 -18.93 -46.02
CA TYR C 114 -4.43 -19.37 -46.08
C TYR C 114 -3.59 -18.18 -46.51
N ASN C 115 -2.73 -17.70 -45.62
CA ASN C 115 -1.95 -16.50 -45.86
C ASN C 115 -0.50 -16.79 -46.22
N TYR C 116 -0.03 -18.01 -46.04
CA TYR C 116 1.36 -18.38 -46.30
C TYR C 116 1.38 -19.58 -47.23
N TRP C 117 1.80 -19.35 -48.47
CA TRP C 117 1.82 -20.37 -49.51
C TRP C 117 3.27 -20.70 -49.89
N GLY C 118 3.42 -21.83 -50.58
CA GLY C 118 4.72 -22.32 -51.00
C GLY C 118 4.94 -22.16 -52.50
N GLN C 119 6.11 -22.65 -52.93
CA GLN C 119 6.51 -22.54 -54.33
C GLN C 119 5.68 -23.45 -55.23
N GLY C 120 5.36 -24.65 -54.76
CA GLY C 120 4.65 -25.63 -55.55
C GLY C 120 5.58 -26.65 -56.17
N THR C 121 5.02 -27.80 -56.53
CA THR C 121 5.78 -28.85 -57.19
C THR C 121 4.91 -29.48 -58.27
N GLN C 122 5.55 -29.89 -59.36
CA GLN C 122 4.86 -30.48 -60.50
C GLN C 122 4.76 -31.99 -60.33
N VAL C 123 3.53 -32.50 -60.39
CA VAL C 123 3.25 -33.93 -60.31
C VAL C 123 2.53 -34.29 -61.61
N THR C 124 3.25 -34.90 -62.54
CA THR C 124 2.71 -35.27 -63.84
C THR C 124 2.37 -36.77 -63.83
N VAL C 125 1.09 -37.07 -64.00
CA VAL C 125 0.61 -38.44 -64.10
C VAL C 125 0.21 -38.65 -65.56
N SER C 126 1.10 -39.27 -66.33
CA SER C 126 0.86 -39.49 -67.74
C SER C 126 -0.03 -40.72 -67.94
N SER C 127 -0.86 -40.66 -68.99
CA SER C 127 -1.71 -41.79 -69.34
C SER C 127 -0.92 -42.94 -69.95
N HIS C 128 0.31 -42.69 -70.40
CA HIS C 128 1.19 -43.74 -70.92
C HIS C 128 1.75 -44.58 -69.78
C1 NAG D . 30.08 24.97 -5.16
C2 NAG D . 29.06 25.26 -6.27
C3 NAG D . 29.26 24.28 -7.44
C4 NAG D . 30.72 24.24 -7.88
C5 NAG D . 31.64 24.01 -6.69
C6 NAG D . 33.11 24.06 -7.04
C7 NAG D . 26.99 26.22 -5.36
C8 NAG D . 25.62 25.94 -4.83
N2 NAG D . 27.70 25.17 -5.76
O3 NAG D . 28.44 24.67 -8.53
O4 NAG D . 30.92 23.21 -8.84
O5 NAG D . 31.40 25.02 -5.70
O6 NAG D . 33.56 25.40 -7.17
O7 NAG D . 27.45 27.37 -5.42
C1 NAG E . -12.52 -11.29 15.15
C2 NAG E . -11.71 -10.47 14.14
C3 NAG E . -12.32 -9.07 14.00
C4 NAG E . -13.80 -9.18 13.65
C5 NAG E . -14.54 -10.07 14.64
C6 NAG E . -15.98 -10.33 14.25
C7 NAG E . -9.36 -11.18 14.04
C8 NAG E . -7.97 -10.94 14.55
N2 NAG E . -10.31 -10.37 14.54
O3 NAG E . -11.63 -8.35 12.99
O4 NAG E . -14.39 -7.88 13.67
O5 NAG E . -13.89 -11.36 14.73
O6 NAG E . -16.11 -10.48 12.85
O7 NAG E . -9.62 -12.06 13.22
#